data_8BGP
#
_entry.id   8BGP
#
_cell.length_a   78.642
_cell.length_b   158.654
_cell.length_c   158.517
_cell.angle_alpha   90.000
_cell.angle_beta   90.000
_cell.angle_gamma   90.000
#
_symmetry.space_group_name_H-M   'P 21 21 21'
#
loop_
_entity.id
_entity.type
_entity.pdbx_description
1 polymer 'Diacetylchitobiose deacetylase'
2 non-polymer 'ZINC ION'
3 water water
#
_entity_poly.entity_id   1
_entity_poly.type   'polypeptide(L)'
_entity_poly.pdbx_seq_one_letter_code
;MFEEINDFETAFKRLLNEVLEFDLQNPLKDVKKVLCIEPHPDDCVIGMGGTIKRLTDRGIEVIYICMTDGYMGTTDENIT
GHELAQIRRKEEEESAKMLGVKKIYWLNYRDTELPYSREVRKDLVKIIRKEKPDGVFLPDPWLPYEAHPDHRATGFLALD
AVAFSPLPNFSNIDLDIGLKPHSVSFIGLYYTSRPNYFVDITDVMDLKLKAIRAHKSQFPDDIWETWEPFLRTVALYYGQ
KAGVKYAEGFRIMPGLFYHITPFAELI
;
_entity_poly.pdbx_strand_id   A,B,C,D,E,F
#
# COMPACT_ATOMS: atom_id res chain seq x y z
N MET A 1 -11.55 -13.74 48.80
CA MET A 1 -10.45 -12.74 48.77
C MET A 1 -10.90 -11.54 47.91
N PHE A 2 -10.39 -11.41 46.67
CA PHE A 2 -10.72 -10.33 45.68
C PHE A 2 -12.20 -10.44 45.23
N GLU A 3 -12.70 -11.68 45.24
CA GLU A 3 -14.13 -12.03 44.98
C GLU A 3 -15.06 -11.19 45.87
N GLU A 4 -14.66 -10.86 47.09
CA GLU A 4 -15.55 -10.32 48.15
C GLU A 4 -15.28 -8.83 48.37
N ILE A 5 -14.69 -8.14 47.38
CA ILE A 5 -14.55 -6.66 47.34
C ILE A 5 -15.77 -6.10 46.61
N ASN A 6 -16.40 -5.04 47.15
CA ASN A 6 -17.62 -4.41 46.57
C ASN A 6 -17.38 -2.92 46.26
N ASP A 7 -16.13 -2.45 46.32
CA ASP A 7 -15.74 -1.03 46.16
C ASP A 7 -14.72 -0.94 45.03
N PHE A 8 -14.94 -0.09 44.02
CA PHE A 8 -13.95 0.08 42.91
C PHE A 8 -12.62 0.59 43.48
N GLU A 9 -12.71 1.66 44.29
CA GLU A 9 -11.53 2.41 44.79
C GLU A 9 -10.59 1.42 45.48
N THR A 10 -11.15 0.47 46.25
CA THR A 10 -10.40 -0.55 47.03
C THR A 10 -9.69 -1.53 46.08
N ALA A 11 -10.44 -2.09 45.13
CA ALA A 11 -9.95 -3.10 44.16
C ALA A 11 -8.83 -2.50 43.32
N PHE A 12 -8.98 -1.21 42.98
CA PHE A 12 -8.03 -0.44 42.14
C PHE A 12 -6.69 -0.34 42.86
N LYS A 13 -6.70 0.14 44.12
CA LYS A 13 -5.50 0.28 44.99
C LYS A 13 -4.85 -1.10 45.13
N ARG A 14 -5.66 -2.13 45.34
CA ARG A 14 -5.20 -3.52 45.56
C ARG A 14 -4.57 -4.07 44.28
N LEU A 15 -5.17 -3.81 43.12
CA LEU A 15 -4.68 -4.28 41.81
C LEU A 15 -3.30 -3.66 41.50
N LEU A 16 -3.17 -2.35 41.68
CA LEU A 16 -1.92 -1.59 41.39
C LEU A 16 -0.80 -2.03 42.33
N ASN A 17 -1.07 -2.02 43.65
CA ASN A 17 -0.06 -2.13 44.73
C ASN A 17 0.37 -3.60 44.90
N GLU A 18 -0.58 -4.55 44.97
CA GLU A 18 -0.30 -5.95 45.37
C GLU A 18 -0.21 -6.86 44.14
N VAL A 19 -1.12 -6.75 43.19
CA VAL A 19 -1.19 -7.69 42.02
C VAL A 19 -0.13 -7.31 40.99
N LEU A 20 -0.08 -6.04 40.59
CA LEU A 20 0.82 -5.54 39.51
C LEU A 20 2.17 -5.07 40.09
N GLU A 21 2.21 -4.74 41.38
CA GLU A 21 3.44 -4.30 42.10
C GLU A 21 3.98 -3.06 41.38
N PHE A 22 3.09 -2.12 41.09
CA PHE A 22 3.38 -0.88 40.34
C PHE A 22 3.88 0.17 41.34
N ASP A 23 4.99 0.81 41.00
CA ASP A 23 5.76 1.73 41.88
C ASP A 23 6.10 3.00 41.10
N LEU A 24 5.41 4.11 41.39
CA LEU A 24 5.69 5.43 40.78
C LEU A 24 6.84 6.12 41.52
N GLN A 25 7.12 5.75 42.77
CA GLN A 25 8.14 6.44 43.62
C GLN A 25 9.53 6.18 43.03
N ASN A 26 9.88 4.91 42.76
CA ASN A 26 11.13 4.55 42.05
C ASN A 26 10.81 3.54 40.95
N PRO A 27 10.37 3.99 39.77
CA PRO A 27 10.02 3.07 38.68
C PRO A 27 11.23 2.60 37.86
N LEU A 28 12.40 3.17 38.09
CA LEU A 28 13.65 2.83 37.39
C LEU A 28 14.54 1.95 38.28
N LYS A 29 13.95 1.35 39.31
CA LYS A 29 14.60 0.39 40.24
C LYS A 29 15.66 -0.43 39.51
N ASP A 30 15.25 -1.34 38.62
CA ASP A 30 16.15 -2.42 38.13
C ASP A 30 16.55 -2.16 36.67
N VAL A 31 16.52 -0.92 36.20
CA VAL A 31 16.85 -0.60 34.77
C VAL A 31 18.33 -0.20 34.68
N LYS A 32 19.11 -0.96 33.92
CA LYS A 32 20.56 -0.74 33.69
C LYS A 32 20.75 -0.28 32.24
N LYS A 33 19.91 -0.79 31.32
CA LYS A 33 19.96 -0.43 29.86
C LYS A 33 18.59 0.03 29.36
N VAL A 34 18.53 1.20 28.70
CA VAL A 34 17.26 1.77 28.15
C VAL A 34 17.45 2.17 26.68
N LEU A 35 16.41 1.98 25.87
CA LEU A 35 16.31 2.57 24.50
C LEU A 35 15.49 3.86 24.59
N CYS A 36 15.99 4.93 23.96
CA CYS A 36 15.23 6.17 23.69
C CYS A 36 14.94 6.22 22.20
N ILE A 37 13.65 6.16 21.86
CA ILE A 37 13.17 6.11 20.46
C ILE A 37 12.76 7.53 20.09
N GLU A 38 13.41 8.11 19.08
CA GLU A 38 13.15 9.48 18.60
C GLU A 38 12.72 9.40 17.16
N PRO A 39 11.61 10.10 16.80
CA PRO A 39 11.19 10.20 15.41
C PRO A 39 12.23 10.90 14.50
N HIS A 40 12.82 12.00 15.01
CA HIS A 40 13.81 12.82 14.27
C HIS A 40 15.07 12.99 15.10
N PRO A 41 16.23 13.23 14.45
CA PRO A 41 17.43 13.67 15.17
C PRO A 41 17.12 14.97 15.94
N ASP A 42 17.21 14.92 17.25
CA ASP A 42 17.01 16.04 18.22
C ASP A 42 15.83 15.75 19.15
N ASP A 43 14.97 14.77 18.83
CA ASP A 43 13.69 14.61 19.56
C ASP A 43 14.01 14.09 20.98
N CYS A 44 15.00 13.21 21.11
CA CYS A 44 15.39 12.63 22.43
C CYS A 44 15.87 13.74 23.35
N VAL A 45 16.78 14.59 22.85
CA VAL A 45 17.42 15.63 23.69
C VAL A 45 16.38 16.70 24.04
N ILE A 46 15.48 17.08 23.12
CA ILE A 46 14.45 18.15 23.38
C ILE A 46 13.42 17.59 24.36
N GLY A 47 13.10 16.31 24.23
CA GLY A 47 12.02 15.69 25.01
C GLY A 47 12.48 15.35 26.42
N MET A 48 13.67 14.76 26.54
CA MET A 48 14.15 14.17 27.80
C MET A 48 15.68 14.17 27.87
N GLY A 49 16.35 15.16 27.28
CA GLY A 49 17.82 15.34 27.33
C GLY A 49 18.35 15.41 28.77
N GLY A 50 17.70 16.21 29.63
CA GLY A 50 18.07 16.35 31.06
C GLY A 50 18.08 15.01 31.75
N THR A 51 17.01 14.24 31.60
CA THR A 51 16.84 12.89 32.20
C THR A 51 17.93 11.96 31.67
N ILE A 52 18.28 12.03 30.38
CA ILE A 52 19.32 11.16 29.76
C ILE A 52 20.68 11.43 30.43
N LYS A 53 21.03 12.68 30.66
CA LYS A 53 22.32 13.06 31.32
C LYS A 53 22.31 12.49 32.74
N ARG A 54 21.20 12.69 33.47
CA ARG A 54 21.07 12.17 34.87
C ARG A 54 21.17 10.65 34.86
N LEU A 55 20.67 9.98 33.84
CA LEU A 55 20.71 8.49 33.74
C LEU A 55 22.14 8.02 33.48
N THR A 56 22.86 8.61 32.53
CA THR A 56 24.22 8.16 32.13
C THR A 56 25.23 8.47 33.25
N ASP A 57 25.01 9.56 33.99
CA ASP A 57 25.77 9.91 35.22
C ASP A 57 25.65 8.78 36.24
N ARG A 58 24.45 8.25 36.49
CA ARG A 58 24.21 7.13 37.47
C ARG A 58 24.64 5.79 36.85
N GLY A 59 25.24 5.78 35.64
CA GLY A 59 25.85 4.58 35.03
C GLY A 59 24.85 3.70 34.27
N ILE A 60 23.66 4.20 33.96
CA ILE A 60 22.66 3.53 33.07
C ILE A 60 23.10 3.73 31.62
N GLU A 61 23.15 2.64 30.83
CA GLU A 61 23.48 2.67 29.39
C GLU A 61 22.24 3.12 28.61
N VAL A 62 22.34 4.23 27.89
CA VAL A 62 21.22 4.84 27.12
C VAL A 62 21.60 4.76 25.64
N ILE A 63 20.77 4.07 24.86
CA ILE A 63 20.97 3.83 23.40
C ILE A 63 19.83 4.51 22.65
N TYR A 64 20.15 5.32 21.64
CA TYR A 64 19.15 5.98 20.77
C TYR A 64 18.76 5.05 19.62
N ILE A 65 17.48 5.06 19.29
CA ILE A 65 16.97 4.62 17.96
C ILE A 65 16.37 5.85 17.30
N CYS A 66 16.89 6.23 16.13
CA CYS A 66 16.38 7.35 15.34
C CYS A 66 15.61 6.77 14.14
N MET A 67 14.32 7.08 14.03
CA MET A 67 13.43 6.46 13.02
C MET A 67 13.77 7.06 11.65
N THR A 68 14.03 8.37 11.56
CA THR A 68 14.16 9.08 10.27
C THR A 68 15.54 9.73 10.16
N ASP A 69 15.83 10.24 8.95
CA ASP A 69 17.13 10.85 8.57
C ASP A 69 17.08 12.36 8.78
N GLY A 70 15.88 12.95 9.02
CA GLY A 70 15.70 14.40 9.19
C GLY A 70 15.91 15.19 7.91
N TYR A 71 15.71 14.55 6.74
CA TYR A 71 15.95 15.03 5.35
C TYR A 71 15.23 16.34 5.02
N MET A 72 14.06 16.60 5.64
CA MET A 72 13.16 17.72 5.23
C MET A 72 13.37 18.99 6.06
N GLY A 73 14.00 18.91 7.24
CA GLY A 73 14.02 19.98 8.28
C GLY A 73 14.99 21.14 7.99
N THR A 74 14.88 21.81 6.84
CA THR A 74 15.56 23.09 6.52
C THR A 74 14.68 23.92 5.57
N THR A 75 14.79 25.25 5.63
CA THR A 75 14.13 26.21 4.69
C THR A 75 15.13 26.72 3.64
N ASP A 76 16.39 26.27 3.69
CA ASP A 76 17.48 26.70 2.79
C ASP A 76 17.34 25.98 1.45
N GLU A 77 17.15 26.73 0.36
CA GLU A 77 16.98 26.16 -1.02
C GLU A 77 18.29 25.57 -1.56
N ASN A 78 19.42 25.76 -0.86
CA ASN A 78 20.76 25.31 -1.33
C ASN A 78 21.14 23.95 -0.74
N ILE A 79 20.45 23.51 0.33
CA ILE A 79 20.78 22.25 1.04
C ILE A 79 19.80 21.16 0.59
N THR A 80 20.26 20.22 -0.24
CA THR A 80 19.52 18.97 -0.57
C THR A 80 19.27 18.19 0.73
N GLY A 81 18.25 17.32 0.73
CA GLY A 81 17.93 16.46 1.88
C GLY A 81 19.08 15.53 2.22
N HIS A 82 19.79 14.99 1.23
CA HIS A 82 20.98 14.10 1.44
C HIS A 82 22.06 14.89 2.18
N GLU A 83 22.34 16.12 1.77
CA GLU A 83 23.29 17.01 2.48
C GLU A 83 22.85 17.14 3.93
N LEU A 84 21.57 17.45 4.16
CA LEU A 84 21.05 17.77 5.51
C LEU A 84 21.11 16.52 6.40
N ALA A 85 20.86 15.35 5.85
CA ALA A 85 20.91 14.06 6.58
C ALA A 85 22.30 13.87 7.18
N GLN A 86 23.38 13.93 6.37
CA GLN A 86 24.80 13.91 6.83
C GLN A 86 25.02 14.90 7.95
N ILE A 87 24.53 16.13 7.78
CA ILE A 87 24.74 17.26 8.74
C ILE A 87 24.10 16.89 10.07
N ARG A 88 22.89 16.34 10.06
CA ARG A 88 22.08 16.09 11.30
C ARG A 88 22.57 14.81 11.99
N ARG A 89 23.22 13.91 11.25
CA ARG A 89 23.92 12.74 11.86
C ARG A 89 25.07 13.28 12.71
N LYS A 90 25.94 14.14 12.16
CA LYS A 90 27.08 14.75 12.90
C LYS A 90 26.51 15.48 14.11
N GLU A 91 25.45 16.25 13.92
CA GLU A 91 24.83 17.04 15.01
C GLU A 91 24.37 16.12 16.15
N GLU A 92 23.65 15.03 15.84
CA GLU A 92 23.06 14.13 16.89
C GLU A 92 24.22 13.37 17.56
N GLU A 93 25.27 13.00 16.81
CA GLU A 93 26.49 12.36 17.39
C GLU A 93 27.10 13.32 18.42
N GLU A 94 27.25 14.59 18.06
CA GLU A 94 27.82 15.66 18.94
C GLU A 94 26.93 15.80 20.17
N SER A 95 25.63 16.03 19.99
CA SER A 95 24.61 16.19 21.06
C SER A 95 24.61 14.97 21.97
N ALA A 96 24.83 13.77 21.41
CA ALA A 96 24.78 12.48 22.13
C ALA A 96 25.98 12.38 23.07
N LYS A 97 27.19 12.72 22.60
CA LYS A 97 28.43 12.73 23.43
C LYS A 97 28.25 13.63 24.66
N MET A 98 27.61 14.80 24.53
CA MET A 98 27.46 15.78 25.65
C MET A 98 26.61 15.18 26.78
N LEU A 99 25.56 14.45 26.44
CA LEU A 99 24.82 13.53 27.37
C LEU A 99 25.62 12.22 27.29
N GLY A 100 25.33 11.18 28.05
CA GLY A 100 26.31 10.08 28.09
C GLY A 100 26.13 9.03 26.98
N VAL A 101 25.63 9.40 25.80
CA VAL A 101 25.10 8.41 24.80
C VAL A 101 26.17 8.08 23.76
N LYS A 102 26.45 6.79 23.56
CA LYS A 102 27.56 6.26 22.72
C LYS A 102 27.00 5.59 21.45
N LYS A 103 25.87 4.88 21.55
CA LYS A 103 25.33 4.03 20.47
C LYS A 103 24.02 4.64 19.96
N ILE A 104 23.95 4.88 18.64
CA ILE A 104 22.71 5.29 17.92
C ILE A 104 22.46 4.29 16.78
N TYR A 105 21.24 3.76 16.71
CA TYR A 105 20.76 2.98 15.54
C TYR A 105 19.97 3.93 14.63
N TRP A 106 20.35 4.02 13.36
CA TRP A 106 19.64 4.82 12.34
C TRP A 106 18.82 3.88 11.45
N LEU A 107 17.49 3.98 11.49
CA LEU A 107 16.60 3.16 10.63
C LEU A 107 16.60 3.71 9.20
N ASN A 108 16.81 5.00 9.00
CA ASN A 108 16.97 5.64 7.66
C ASN A 108 15.64 5.68 6.88
N TYR A 109 14.50 5.69 7.56
CA TYR A 109 13.22 6.12 6.92
C TYR A 109 13.32 7.63 6.67
N ARG A 110 12.77 8.09 5.54
CA ARG A 110 12.82 9.53 5.18
C ARG A 110 11.87 10.32 6.08
N ASP A 111 12.34 11.44 6.60
CA ASP A 111 11.54 12.47 7.32
C ASP A 111 10.27 12.70 6.53
N THR A 112 9.12 12.66 7.19
CA THR A 112 7.73 12.90 6.68
C THR A 112 7.14 11.66 6.00
N GLU A 113 7.90 10.56 5.90
CA GLU A 113 7.51 9.35 5.13
C GLU A 113 7.76 8.09 5.97
N LEU A 114 7.66 8.20 7.30
CA LEU A 114 7.79 7.05 8.23
C LEU A 114 6.49 6.26 8.12
N PRO A 115 6.52 5.06 7.51
CA PRO A 115 5.32 4.24 7.41
C PRO A 115 4.88 3.74 8.80
N TYR A 116 3.58 3.61 9.01
CA TYR A 116 2.98 2.81 10.11
C TYR A 116 2.71 1.39 9.56
N SER A 117 3.75 0.54 9.54
CA SER A 117 3.72 -0.76 8.84
C SER A 117 4.34 -1.86 9.69
N ARG A 118 4.01 -3.12 9.38
CA ARG A 118 4.62 -4.35 9.95
C ARG A 118 6.14 -4.26 9.80
N GLU A 119 6.61 -3.65 8.71
CA GLU A 119 8.04 -3.63 8.36
C GLU A 119 8.84 -2.87 9.42
N VAL A 120 8.35 -1.72 9.86
CA VAL A 120 9.04 -0.85 10.84
C VAL A 120 8.95 -1.50 12.22
N ARG A 121 7.86 -2.21 12.51
CA ARG A 121 7.71 -2.98 13.77
C ARG A 121 8.84 -4.00 13.86
N LYS A 122 9.07 -4.77 12.79
CA LYS A 122 10.14 -5.80 12.69
C LYS A 122 11.52 -5.19 12.92
N ASP A 123 11.83 -4.07 12.27
CA ASP A 123 13.11 -3.32 12.46
C ASP A 123 13.34 -3.03 13.94
N LEU A 124 12.32 -2.50 14.65
CA LEU A 124 12.42 -2.13 16.09
C LEU A 124 12.54 -3.39 16.96
N VAL A 125 11.70 -4.40 16.71
CA VAL A 125 11.77 -5.70 17.44
C VAL A 125 13.17 -6.31 17.31
N LYS A 126 13.77 -6.30 16.13
CA LYS A 126 15.12 -6.83 15.86
C LYS A 126 16.12 -6.19 16.84
N ILE A 127 16.04 -4.87 17.01
CA ILE A 127 16.95 -4.12 17.92
C ILE A 127 16.60 -4.47 19.37
N ILE A 128 15.32 -4.53 19.75
CA ILE A 128 14.93 -4.84 21.15
C ILE A 128 15.45 -6.23 21.53
N ARG A 129 15.32 -7.21 20.62
CA ARG A 129 15.73 -8.61 20.88
C ARG A 129 17.26 -8.69 21.00
N LYS A 130 17.99 -7.90 20.22
CA LYS A 130 19.47 -7.92 20.23
C LYS A 130 20.00 -7.25 21.50
N GLU A 131 19.52 -6.04 21.82
CA GLU A 131 20.03 -5.19 22.93
C GLU A 131 19.43 -5.59 24.28
N LYS A 132 18.31 -6.31 24.29
CA LYS A 132 17.67 -6.82 25.53
C LYS A 132 17.56 -5.70 26.57
N PRO A 133 17.02 -4.51 26.22
CA PRO A 133 16.93 -3.40 27.17
C PRO A 133 15.89 -3.65 28.26
N ASP A 134 16.06 -3.02 29.41
CA ASP A 134 15.18 -3.16 30.59
C ASP A 134 14.00 -2.21 30.44
N GLY A 135 14.22 -1.08 29.77
CA GLY A 135 13.20 -0.02 29.62
C GLY A 135 13.26 0.62 28.23
N VAL A 136 12.15 1.23 27.81
CA VAL A 136 12.04 1.94 26.51
C VAL A 136 11.32 3.25 26.77
N PHE A 137 11.92 4.36 26.33
CA PHE A 137 11.31 5.70 26.29
C PHE A 137 10.89 6.00 24.84
N LEU A 138 9.66 6.51 24.68
CA LEU A 138 9.05 6.78 23.35
C LEU A 138 8.04 7.92 23.49
N PRO A 139 7.81 8.70 22.41
CA PRO A 139 6.89 9.82 22.46
C PRO A 139 5.45 9.31 22.59
N ASP A 140 4.68 9.98 23.44
CA ASP A 140 3.24 9.70 23.73
C ASP A 140 2.47 9.94 22.46
N PRO A 141 1.94 8.90 21.77
CA PRO A 141 1.19 9.11 20.54
C PRO A 141 -0.17 9.80 20.76
N TRP A 142 -0.63 9.90 22.01
CA TRP A 142 -1.93 10.55 22.39
C TRP A 142 -1.73 12.01 22.81
N LEU A 143 -0.58 12.60 22.50
CA LEU A 143 -0.32 14.03 22.75
C LEU A 143 -1.36 14.83 21.99
N PRO A 144 -2.23 15.59 22.68
CA PRO A 144 -3.21 16.43 21.99
C PRO A 144 -2.50 17.44 21.06
N TYR A 145 -3.04 17.55 19.85
CA TYR A 145 -2.71 18.54 18.79
C TYR A 145 -1.34 18.23 18.17
N GLU A 146 -0.79 17.03 18.36
CA GLU A 146 0.42 16.58 17.64
C GLU A 146 0.06 16.34 16.17
N ALA A 147 0.56 17.21 15.29
CA ALA A 147 0.25 17.24 13.85
C ALA A 147 1.30 16.46 13.05
N HIS A 148 2.46 16.13 13.64
CA HIS A 148 3.55 15.47 12.87
C HIS A 148 3.27 13.99 12.74
N PRO A 149 3.07 13.49 11.50
CA PRO A 149 2.81 12.07 11.30
C PRO A 149 3.94 11.16 11.82
N ASP A 150 5.20 11.58 11.71
CA ASP A 150 6.36 10.80 12.20
C ASP A 150 6.26 10.61 13.73
N HIS A 151 5.78 11.60 14.47
CA HIS A 151 5.61 11.53 15.94
C HIS A 151 4.51 10.54 16.30
N ARG A 152 3.35 10.65 15.64
CA ARG A 152 2.21 9.74 15.91
C ARG A 152 2.67 8.32 15.59
N ALA A 153 3.24 8.08 14.41
CA ALA A 153 3.66 6.72 13.96
C ALA A 153 4.71 6.14 14.93
N THR A 154 5.71 6.92 15.33
CA THR A 154 6.82 6.45 16.20
C THR A 154 6.28 5.92 17.52
N GLY A 155 5.38 6.67 18.18
CA GLY A 155 4.81 6.28 19.48
C GLY A 155 4.04 4.96 19.40
N PHE A 156 3.14 4.84 18.42
CA PHE A 156 2.34 3.61 18.19
C PHE A 156 3.24 2.44 17.82
N LEU A 157 4.17 2.62 16.87
CA LEU A 157 5.14 1.57 16.43
C LEU A 157 5.96 1.08 17.62
N ALA A 158 6.44 1.98 18.48
CA ALA A 158 7.32 1.65 19.63
C ALA A 158 6.55 0.78 20.63
N LEU A 159 5.30 1.13 20.91
CA LEU A 159 4.43 0.34 21.83
C LEU A 159 4.17 -1.04 21.23
N ASP A 160 3.96 -1.11 19.91
CA ASP A 160 3.74 -2.40 19.20
C ASP A 160 5.02 -3.26 19.34
N ALA A 161 6.18 -2.66 19.08
CA ALA A 161 7.48 -3.37 19.09
C ALA A 161 7.67 -4.00 20.48
N VAL A 162 7.46 -3.23 21.53
CA VAL A 162 7.58 -3.68 22.94
C VAL A 162 6.64 -4.87 23.16
N ALA A 163 5.38 -4.74 22.76
CA ALA A 163 4.32 -5.75 23.00
C ALA A 163 4.59 -7.03 22.21
N PHE A 164 5.22 -6.95 21.02
CA PHE A 164 5.37 -8.10 20.08
C PHE A 164 6.76 -8.76 20.18
N SER A 165 7.74 -8.08 20.77
CA SER A 165 9.13 -8.61 20.91
C SER A 165 9.13 -9.96 21.63
N PRO A 166 8.33 -10.14 22.71
CA PRO A 166 8.29 -11.43 23.41
C PRO A 166 7.52 -12.58 22.74
N LEU A 167 6.87 -12.35 21.60
CA LEU A 167 6.03 -13.37 20.90
C LEU A 167 6.88 -14.09 19.86
N PRO A 168 7.20 -15.40 20.04
CA PRO A 168 8.07 -16.12 19.11
C PRO A 168 7.56 -16.23 17.67
N ASN A 169 6.24 -16.10 17.47
CA ASN A 169 5.59 -16.17 16.14
C ASN A 169 5.71 -14.83 15.40
N PHE A 170 5.98 -13.73 16.12
CA PHE A 170 6.24 -12.39 15.53
C PHE A 170 7.68 -12.31 14.99
N SER A 171 7.81 -12.12 13.68
CA SER A 171 9.08 -11.95 12.96
C SER A 171 9.95 -13.16 13.27
N ASN A 172 9.46 -14.35 12.91
CA ASN A 172 10.04 -15.63 13.38
C ASN A 172 11.45 -15.83 12.81
N ILE A 173 11.80 -15.21 11.69
CA ILE A 173 13.18 -15.37 11.10
C ILE A 173 14.22 -14.83 12.09
N ASP A 174 13.86 -13.83 12.92
CA ASP A 174 14.73 -13.28 14.00
C ASP A 174 15.22 -14.42 14.92
N LEU A 175 14.33 -15.31 15.33
CA LEU A 175 14.67 -16.46 16.23
C LEU A 175 15.45 -17.53 15.46
N ASP A 176 15.10 -17.77 14.20
CA ASP A 176 15.73 -18.79 13.33
C ASP A 176 17.22 -18.46 13.15
N ILE A 177 17.61 -17.19 13.13
CA ILE A 177 19.03 -16.76 12.97
C ILE A 177 19.66 -16.50 14.34
N GLY A 178 18.93 -16.71 15.45
CA GLY A 178 19.53 -16.87 16.78
C GLY A 178 19.33 -15.69 17.72
N LEU A 179 18.44 -14.75 17.41
CA LEU A 179 17.90 -13.81 18.43
C LEU A 179 16.85 -14.53 19.29
N LYS A 180 16.58 -13.99 20.48
CA LYS A 180 15.62 -14.58 21.44
C LYS A 180 14.50 -13.57 21.67
N PRO A 181 13.27 -14.03 21.97
CA PRO A 181 12.22 -13.12 22.39
C PRO A 181 12.74 -12.36 23.62
N HIS A 182 12.33 -11.11 23.80
CA HIS A 182 12.71 -10.30 24.99
C HIS A 182 11.48 -9.55 25.50
N SER A 183 11.28 -9.56 26.81
CA SER A 183 10.24 -8.74 27.50
C SER A 183 10.91 -7.51 28.10
N VAL A 184 10.39 -6.33 27.78
CA VAL A 184 10.86 -5.03 28.35
C VAL A 184 10.09 -4.85 29.66
N SER A 185 10.78 -4.48 30.75
CA SER A 185 10.19 -4.28 32.10
C SER A 185 9.45 -2.95 32.17
N PHE A 186 9.98 -1.91 31.53
CA PHE A 186 9.66 -0.49 31.78
C PHE A 186 9.33 0.21 30.45
N ILE A 187 8.25 1.00 30.45
CA ILE A 187 7.82 1.88 29.34
C ILE A 187 7.61 3.28 29.93
N GLY A 188 8.26 4.28 29.33
CA GLY A 188 8.06 5.69 29.67
C GLY A 188 7.71 6.48 28.44
N LEU A 189 6.62 7.24 28.51
CA LEU A 189 6.17 8.17 27.44
C LEU A 189 6.72 9.55 27.76
N TYR A 190 7.56 10.14 26.89
CA TYR A 190 7.96 11.57 26.98
C TYR A 190 7.13 12.38 25.99
N TYR A 191 7.31 13.70 25.98
CA TYR A 191 6.49 14.64 25.19
C TYR A 191 5.01 14.34 25.49
N THR A 192 4.66 14.28 26.77
CA THR A 192 3.30 13.88 27.20
C THR A 192 2.64 15.04 27.94
N SER A 193 1.31 15.12 27.86
CA SER A 193 0.47 16.17 28.49
C SER A 193 -0.25 15.60 29.71
N ARG A 194 -0.10 14.30 29.97
CA ARG A 194 -0.68 13.62 31.15
C ARG A 194 0.45 12.82 31.80
N PRO A 195 1.49 13.53 32.31
CA PRO A 195 2.60 12.88 33.01
C PRO A 195 2.20 12.55 34.45
N ASN A 196 2.74 11.46 35.00
CA ASN A 196 2.49 11.04 36.40
C ASN A 196 3.81 10.78 37.11
N TYR A 197 4.95 11.18 36.52
CA TYR A 197 6.31 11.01 37.09
C TYR A 197 7.21 12.13 36.55
N PHE A 198 8.08 12.66 37.40
CA PHE A 198 8.89 13.88 37.10
C PHE A 198 10.33 13.67 37.55
N VAL A 199 11.25 14.16 36.72
CA VAL A 199 12.72 14.21 36.97
C VAL A 199 13.09 15.69 37.07
N ASP A 200 13.69 16.09 38.19
CA ASP A 200 14.24 17.46 38.36
C ASP A 200 15.42 17.61 37.39
N ILE A 201 15.39 18.59 36.49
CA ILE A 201 16.51 18.85 35.52
C ILE A 201 17.03 20.28 35.71
N THR A 202 16.69 20.94 36.84
CA THR A 202 17.11 22.33 37.16
C THR A 202 18.63 22.46 37.09
N ASP A 203 19.35 21.48 37.62
CA ASP A 203 20.84 21.54 37.73
C ASP A 203 21.50 21.25 36.38
N VAL A 204 20.83 20.54 35.46
CA VAL A 204 21.43 20.15 34.14
C VAL A 204 20.75 20.89 32.99
N MET A 205 19.85 21.84 33.30
CA MET A 205 19.06 22.56 32.26
C MET A 205 20.00 23.24 31.26
N ASP A 206 21.06 23.89 31.75
CA ASP A 206 22.00 24.67 30.89
C ASP A 206 22.72 23.69 29.93
N LEU A 207 23.10 22.49 30.39
CA LEU A 207 23.72 21.46 29.52
C LEU A 207 22.70 20.95 28.47
N LYS A 208 21.46 20.68 28.88
CA LYS A 208 20.36 20.28 27.95
C LYS A 208 20.27 21.29 26.80
N LEU A 209 20.13 22.58 27.11
CA LEU A 209 20.01 23.67 26.11
C LEU A 209 21.26 23.69 25.20
N LYS A 210 22.46 23.43 25.75
CA LYS A 210 23.69 23.39 24.92
C LYS A 210 23.60 22.22 23.93
N ALA A 211 23.10 21.07 24.40
CA ALA A 211 23.00 19.80 23.63
C ALA A 211 21.90 19.91 22.56
N ILE A 212 20.87 20.72 22.81
CA ILE A 212 19.80 21.03 21.81
C ILE A 212 20.43 21.92 20.72
N ARG A 213 21.23 22.89 21.16
CA ARG A 213 21.84 23.94 20.31
C ARG A 213 22.88 23.31 19.38
N ALA A 214 23.41 22.14 19.77
CA ALA A 214 24.37 21.33 18.97
C ALA A 214 23.76 21.02 17.59
N HIS A 215 22.43 20.95 17.51
CA HIS A 215 21.65 20.81 16.24
C HIS A 215 21.58 22.18 15.56
N LYS A 216 22.70 22.68 15.04
CA LYS A 216 22.82 24.06 14.49
C LYS A 216 21.83 24.27 13.37
N SER A 217 21.74 23.31 12.44
CA SER A 217 20.82 23.32 11.28
C SER A 217 19.41 23.63 11.76
N GLN A 218 19.02 23.14 12.94
CA GLN A 218 17.63 23.24 13.46
C GLN A 218 17.44 24.48 14.31
N PHE A 219 18.50 25.01 14.93
CA PHE A 219 18.37 26.15 15.89
C PHE A 219 19.35 27.26 15.57
N PRO A 220 19.20 27.97 14.42
CA PRO A 220 19.93 29.21 14.22
C PRO A 220 19.44 30.24 15.25
N ASP A 221 20.16 31.36 15.37
CA ASP A 221 19.93 32.41 16.40
C ASP A 221 18.47 32.90 16.33
N ASP A 222 17.92 33.13 15.14
CA ASP A 222 16.56 33.69 14.94
C ASP A 222 15.49 32.70 15.43
N ILE A 223 15.61 31.40 15.12
CA ILE A 223 14.68 30.33 15.58
C ILE A 223 14.77 30.23 17.11
N TRP A 224 16.01 30.23 17.62
CA TRP A 224 16.32 30.10 19.06
C TRP A 224 15.63 31.20 19.89
N GLU A 225 15.37 32.38 19.32
CA GLU A 225 14.67 33.52 19.99
C GLU A 225 13.31 33.06 20.50
N THR A 226 12.66 32.16 19.76
CA THR A 226 11.33 31.59 20.11
C THR A 226 11.50 30.34 20.98
N TRP A 227 12.48 29.48 20.70
CA TRP A 227 12.55 28.09 21.25
C TRP A 227 13.14 28.08 22.67
N GLU A 228 14.11 28.93 23.00
CA GLU A 228 14.66 28.96 24.40
C GLU A 228 13.50 29.23 25.35
N PRO A 229 12.69 30.30 25.14
CA PRO A 229 11.52 30.56 25.97
C PRO A 229 10.48 29.43 25.98
N PHE A 230 10.21 28.84 24.80
CA PHE A 230 9.28 27.69 24.65
C PHE A 230 9.77 26.55 25.55
N LEU A 231 11.03 26.11 25.40
CA LEU A 231 11.62 24.93 26.10
C LEU A 231 11.66 25.19 27.61
N ARG A 232 11.88 26.44 28.01
CA ARG A 232 11.90 26.83 29.44
C ARG A 232 10.47 26.78 29.97
N THR A 233 9.49 27.22 29.16
CA THR A 233 8.06 27.24 29.56
C THR A 233 7.56 25.81 29.74
N VAL A 234 7.96 24.89 28.86
CA VAL A 234 7.63 23.43 28.96
C VAL A 234 8.22 22.90 30.26
N ALA A 235 9.49 23.20 30.52
CA ALA A 235 10.23 22.70 31.71
C ALA A 235 9.58 23.26 32.99
N LEU A 236 9.01 24.47 32.94
CA LEU A 236 8.28 25.09 34.08
C LEU A 236 6.94 24.39 34.28
N TYR A 237 6.27 24.02 33.19
CA TYR A 237 4.95 23.33 33.19
C TYR A 237 5.05 22.00 33.95
N TYR A 238 6.05 21.18 33.61
CA TYR A 238 6.38 19.92 34.33
C TYR A 238 6.85 20.27 35.75
N GLY A 239 7.63 21.34 35.88
CA GLY A 239 8.13 21.91 37.15
C GLY A 239 7.02 22.14 38.17
N GLN A 240 5.97 22.89 37.81
CA GLN A 240 4.85 23.22 38.75
C GLN A 240 4.35 21.93 39.38
N LYS A 241 4.10 20.91 38.58
CA LYS A 241 3.48 19.62 38.98
C LYS A 241 4.46 18.83 39.85
N ALA A 242 5.78 19.03 39.71
CA ALA A 242 6.80 18.26 40.44
C ALA A 242 7.28 18.99 41.70
N GLY A 243 6.94 20.28 41.87
CA GLY A 243 7.39 21.13 42.99
C GLY A 243 8.87 21.50 42.90
N VAL A 244 9.38 21.73 41.68
CA VAL A 244 10.74 22.24 41.38
C VAL A 244 10.61 23.33 40.31
N LYS A 245 11.72 23.95 39.88
CA LYS A 245 11.70 25.01 38.85
C LYS A 245 11.49 24.37 37.48
N TYR A 246 12.42 23.49 37.06
CA TYR A 246 12.54 22.87 35.71
C TYR A 246 12.49 21.35 35.86
N ALA A 247 11.59 20.69 35.13
CA ALA A 247 11.42 19.21 35.16
C ALA A 247 11.14 18.65 33.75
N GLU A 248 11.30 17.34 33.61
CA GLU A 248 10.83 16.54 32.45
C GLU A 248 9.76 15.57 32.97
N GLY A 249 8.59 15.58 32.30
CA GLY A 249 7.44 14.76 32.66
C GLY A 249 7.41 13.48 31.86
N PHE A 250 7.09 12.38 32.52
CA PHE A 250 6.94 11.05 31.90
C PHE A 250 5.58 10.49 32.31
N ARG A 251 4.94 9.74 31.42
CA ARG A 251 3.81 8.88 31.80
C ARG A 251 4.32 7.44 31.87
N ILE A 252 4.21 6.85 33.06
CA ILE A 252 4.54 5.42 33.35
C ILE A 252 3.25 4.75 33.78
N MET A 253 2.96 3.59 33.18
CA MET A 253 1.78 2.74 33.49
C MET A 253 2.24 1.29 33.50
N PRO A 254 1.50 0.39 34.19
CA PRO A 254 1.67 -1.06 33.99
C PRO A 254 1.40 -1.44 32.53
N GLY A 255 2.18 -2.36 31.95
CA GLY A 255 2.01 -2.87 30.57
C GLY A 255 0.55 -3.19 30.27
N LEU A 256 -0.15 -3.75 31.26
CA LEU A 256 -1.56 -4.21 31.20
C LEU A 256 -2.49 -3.05 30.80
N PHE A 257 -2.21 -1.82 31.23
CA PHE A 257 -3.12 -0.64 31.12
C PHE A 257 -3.11 -0.07 29.69
N TYR A 258 -2.23 -0.58 28.82
CA TYR A 258 -2.14 -0.18 27.38
C TYR A 258 -3.08 -1.04 26.53
N HIS A 259 -3.99 -1.77 27.17
CA HIS A 259 -4.91 -2.74 26.51
C HIS A 259 -6.18 -2.85 27.35
N ILE A 260 -7.33 -2.50 26.74
CA ILE A 260 -8.74 -2.73 27.20
C ILE A 260 -8.94 -2.35 28.67
N THR A 261 -8.28 -1.28 29.12
CA THR A 261 -8.34 -0.78 30.52
C THR A 261 -9.08 0.53 30.54
N PRO A 262 -10.38 0.52 30.91
CA PRO A 262 -11.21 1.72 30.86
C PRO A 262 -10.89 2.79 31.93
N PHE A 263 -10.08 2.45 32.93
CA PHE A 263 -9.66 3.36 34.02
C PHE A 263 -8.17 3.70 33.89
N ALA A 264 -7.56 3.41 32.73
CA ALA A 264 -6.13 3.67 32.41
C ALA A 264 -5.77 5.12 32.73
N GLU A 265 -6.67 6.06 32.46
CA GLU A 265 -6.43 7.53 32.63
C GLU A 265 -6.53 7.92 34.12
N LEU A 266 -6.77 6.97 35.00
CA LEU A 266 -7.09 7.25 36.42
C LEU A 266 -5.83 7.06 37.26
N ILE A 267 -4.66 6.82 36.64
CA ILE A 267 -3.31 6.96 37.28
C ILE A 267 -2.55 8.13 36.62
N PHE B 2 -38.73 24.72 15.88
CA PHE B 2 -37.25 24.70 16.19
C PHE B 2 -36.60 26.05 15.87
N GLU B 3 -37.17 26.70 14.85
CA GLU B 3 -36.84 28.03 14.29
C GLU B 3 -36.59 29.05 15.41
N GLU B 4 -37.46 29.07 16.42
CA GLU B 4 -37.54 30.20 17.40
C GLU B 4 -37.10 29.70 18.77
N ILE B 5 -36.15 28.76 18.80
CA ILE B 5 -35.42 28.38 20.05
C ILE B 5 -34.14 29.22 20.13
N ASN B 6 -33.83 29.83 21.29
CA ASN B 6 -32.59 30.66 21.47
C ASN B 6 -31.82 30.21 22.72
N ASP B 7 -32.02 28.98 23.19
CA ASP B 7 -31.18 28.40 24.28
C ASP B 7 -30.70 27.01 23.84
N PHE B 8 -29.40 26.73 23.94
CA PHE B 8 -28.80 25.43 23.53
C PHE B 8 -29.45 24.27 24.32
N GLU B 9 -29.50 24.39 25.66
CA GLU B 9 -29.93 23.31 26.58
C GLU B 9 -31.31 22.82 26.13
N THR B 10 -32.21 23.74 25.74
CA THR B 10 -33.60 23.43 25.31
C THR B 10 -33.59 22.70 23.97
N ALA B 11 -32.86 23.22 22.98
CA ALA B 11 -32.77 22.66 21.61
C ALA B 11 -32.18 21.25 21.69
N PHE B 12 -31.22 21.03 22.59
CA PHE B 12 -30.52 19.74 22.79
C PHE B 12 -31.53 18.68 23.27
N LYS B 13 -32.27 19.00 24.34
CA LYS B 13 -33.32 18.11 24.91
C LYS B 13 -34.37 17.83 23.82
N ARG B 14 -34.76 18.85 23.07
CA ARG B 14 -35.79 18.77 22.00
C ARG B 14 -35.27 17.90 20.84
N LEU B 15 -33.99 18.04 20.47
CA LEU B 15 -33.36 17.28 19.34
C LEU B 15 -33.34 15.79 19.70
N LEU B 16 -32.89 15.46 20.91
CA LEU B 16 -32.73 14.05 21.39
C LEU B 16 -34.10 13.38 21.52
N ASN B 17 -35.03 14.03 22.23
CA ASN B 17 -36.33 13.45 22.67
C ASN B 17 -37.31 13.39 21.49
N GLU B 18 -37.49 14.49 20.73
CA GLU B 18 -38.62 14.64 19.77
C GLU B 18 -38.14 14.40 18.34
N VAL B 19 -36.99 14.93 17.95
CA VAL B 19 -36.50 14.83 16.53
C VAL B 19 -35.90 13.46 16.28
N LEU B 20 -34.97 13.03 17.12
CA LEU B 20 -34.19 11.78 16.93
C LEU B 20 -34.89 10.60 17.61
N GLU B 21 -35.75 10.87 18.61
CA GLU B 21 -36.48 9.83 19.38
C GLU B 21 -35.45 8.85 19.97
N PHE B 22 -34.41 9.41 20.58
CA PHE B 22 -33.28 8.67 21.20
C PHE B 22 -33.70 8.25 22.62
N ASP B 23 -33.49 6.98 22.95
CA ASP B 23 -33.97 6.36 24.22
C ASP B 23 -32.82 5.58 24.88
N LEU B 24 -32.22 6.13 25.94
CA LEU B 24 -31.16 5.47 26.75
C LEU B 24 -31.81 4.50 27.75
N GLN B 25 -33.08 4.71 28.13
CA GLN B 25 -33.75 3.94 29.22
C GLN B 25 -33.93 2.50 28.77
N ASN B 26 -34.52 2.26 27.59
CA ASN B 26 -34.59 0.92 26.95
C ASN B 26 -34.17 1.05 25.49
N PRO B 27 -32.84 1.03 25.19
CA PRO B 27 -32.35 1.21 23.83
C PRO B 27 -32.39 -0.04 22.96
N LEU B 28 -32.74 -1.19 23.53
CA LEU B 28 -32.77 -2.49 22.78
C LEU B 28 -34.21 -2.87 22.42
N LYS B 29 -35.13 -1.89 22.50
CA LYS B 29 -36.58 -2.05 22.20
C LYS B 29 -36.79 -3.09 21.09
N ASP B 30 -36.42 -2.76 19.85
CA ASP B 30 -36.88 -3.51 18.65
C ASP B 30 -35.76 -4.36 18.05
N VAL B 31 -34.78 -4.77 18.86
CA VAL B 31 -33.61 -5.55 18.37
C VAL B 31 -33.88 -7.04 18.65
N LYS B 32 -33.89 -7.85 17.59
CA LYS B 32 -33.95 -9.33 17.65
C LYS B 32 -32.59 -9.94 17.30
N LYS B 33 -31.80 -9.29 16.44
CA LYS B 33 -30.50 -9.82 15.95
C LYS B 33 -29.40 -8.76 16.09
N VAL B 34 -28.27 -9.11 16.72
CA VAL B 34 -27.09 -8.21 16.88
C VAL B 34 -25.81 -8.92 16.42
N LEU B 35 -24.90 -8.17 15.80
CA LEU B 35 -23.49 -8.59 15.54
C LEU B 35 -22.59 -8.07 16.66
N CYS B 36 -21.73 -8.92 17.19
CA CYS B 36 -20.63 -8.54 18.11
C CYS B 36 -19.32 -8.69 17.34
N ILE B 37 -18.63 -7.60 17.12
CA ILE B 37 -17.38 -7.55 16.31
C ILE B 37 -16.21 -7.55 17.29
N GLU B 38 -15.37 -8.58 17.23
CA GLU B 38 -14.20 -8.76 18.12
C GLU B 38 -12.95 -8.76 17.27
N PRO B 39 -11.93 -7.98 17.65
CA PRO B 39 -10.64 -8.01 16.97
C PRO B 39 -9.94 -9.38 17.04
N HIS B 40 -9.98 -10.02 18.20
CA HIS B 40 -9.32 -11.33 18.47
C HIS B 40 -10.32 -12.30 19.07
N PRO B 41 -10.12 -13.64 18.90
CA PRO B 41 -10.88 -14.63 19.66
C PRO B 41 -10.72 -14.41 21.16
N ASP B 42 -11.82 -14.09 21.85
CA ASP B 42 -11.92 -13.85 23.32
C ASP B 42 -12.36 -12.42 23.59
N ASP B 43 -12.31 -11.51 22.62
CA ASP B 43 -12.51 -10.07 22.91
C ASP B 43 -13.99 -9.84 23.25
N CYS B 44 -14.90 -10.53 22.57
CA CYS B 44 -16.37 -10.40 22.81
C CYS B 44 -16.68 -10.79 24.25
N VAL B 45 -16.18 -11.95 24.68
CA VAL B 45 -16.53 -12.53 26.01
C VAL B 45 -15.88 -11.68 27.10
N ILE B 46 -14.64 -11.20 26.92
CA ILE B 46 -13.91 -10.38 27.94
C ILE B 46 -14.59 -9.01 28.04
N GLY B 47 -15.04 -8.48 26.91
CA GLY B 47 -15.58 -7.11 26.83
C GLY B 47 -17.01 -7.07 27.31
N MET B 48 -17.84 -8.01 26.86
CA MET B 48 -19.31 -7.96 27.08
C MET B 48 -19.91 -9.37 27.11
N GLY B 49 -19.18 -10.38 27.61
CA GLY B 49 -19.67 -11.76 27.77
C GLY B 49 -20.94 -11.85 28.63
N GLY B 50 -20.99 -11.15 29.76
CA GLY B 50 -22.16 -11.11 30.65
C GLY B 50 -23.39 -10.62 29.93
N THR B 51 -23.26 -9.51 29.21
CA THR B 51 -24.35 -8.90 28.41
C THR B 51 -24.81 -9.88 27.32
N ILE B 52 -23.88 -10.61 26.68
CA ILE B 52 -24.22 -11.57 25.59
C ILE B 52 -25.11 -12.67 26.17
N LYS B 53 -24.77 -13.20 27.35
CA LYS B 53 -25.57 -14.27 28.01
C LYS B 53 -26.97 -13.72 28.30
N ARG B 54 -27.05 -12.51 28.86
CA ARG B 54 -28.34 -11.86 29.21
C ARG B 54 -29.18 -11.67 27.94
N LEU B 55 -28.53 -11.35 26.81
CA LEU B 55 -29.24 -11.12 25.52
C LEU B 55 -29.79 -12.45 24.98
N THR B 56 -28.99 -13.51 24.94
CA THR B 56 -29.38 -14.82 24.34
C THR B 56 -30.45 -15.50 25.19
N ASP B 57 -30.39 -15.31 26.51
CA ASP B 57 -31.44 -15.75 27.47
C ASP B 57 -32.79 -15.13 27.10
N ARG B 58 -32.84 -13.83 26.80
CA ARG B 58 -34.09 -13.10 26.40
C ARG B 58 -34.45 -13.41 24.94
N GLY B 59 -33.74 -14.33 24.27
CA GLY B 59 -34.09 -14.87 22.94
C GLY B 59 -33.54 -14.06 21.78
N ILE B 60 -32.63 -13.10 22.04
CA ILE B 60 -31.98 -12.26 20.99
C ILE B 60 -30.85 -13.08 20.36
N GLU B 61 -30.79 -13.13 19.02
CA GLU B 61 -29.74 -13.85 18.25
C GLU B 61 -28.48 -12.98 18.25
N VAL B 62 -27.38 -13.52 18.79
CA VAL B 62 -26.06 -12.83 18.88
C VAL B 62 -25.10 -13.60 18.00
N ILE B 63 -24.55 -12.92 16.99
CA ILE B 63 -23.63 -13.49 15.97
C ILE B 63 -22.29 -12.78 16.13
N TYR B 64 -21.20 -13.54 16.24
CA TYR B 64 -19.82 -13.02 16.32
C TYR B 64 -19.28 -12.79 14.91
N ILE B 65 -18.53 -11.69 14.76
CA ILE B 65 -17.53 -11.53 13.68
C ILE B 65 -16.17 -11.43 14.36
N CYS B 66 -15.27 -12.34 14.04
CA CYS B 66 -13.87 -12.29 14.52
C CYS B 66 -12.97 -11.81 13.37
N MET B 67 -12.28 -10.69 13.58
CA MET B 67 -11.48 -10.03 12.54
C MET B 67 -10.22 -10.86 12.26
N THR B 68 -9.56 -11.38 13.30
CA THR B 68 -8.23 -12.05 13.18
C THR B 68 -8.29 -13.49 13.67
N ASP B 69 -7.20 -14.23 13.43
CA ASP B 69 -7.06 -15.68 13.73
C ASP B 69 -6.41 -15.86 15.11
N GLY B 70 -5.88 -14.80 15.73
CA GLY B 70 -5.20 -14.88 17.03
C GLY B 70 -3.86 -15.61 16.99
N TYR B 71 -3.21 -15.64 15.82
CA TYR B 71 -1.94 -16.35 15.44
C TYR B 71 -0.77 -16.00 16.37
N MET B 72 -0.72 -14.78 16.91
CA MET B 72 0.47 -14.25 17.64
C MET B 72 0.39 -14.46 19.16
N GLY B 73 -0.81 -14.71 19.72
CA GLY B 73 -1.06 -14.65 21.17
C GLY B 73 -0.59 -15.89 21.96
N THR B 74 0.69 -16.25 21.87
CA THR B 74 1.39 -17.20 22.77
C THR B 74 2.87 -16.83 22.83
N THR B 75 3.49 -17.07 23.99
CA THR B 75 4.96 -16.91 24.25
C THR B 75 5.62 -18.28 24.30
N ASP B 76 4.88 -19.37 24.05
CA ASP B 76 5.41 -20.76 23.96
C ASP B 76 6.14 -20.92 22.60
N GLU B 77 7.44 -21.23 22.65
CA GLU B 77 8.30 -21.37 21.44
C GLU B 77 7.94 -22.63 20.64
N ASN B 78 7.09 -23.50 21.17
CA ASN B 78 6.76 -24.83 20.56
C ASN B 78 5.48 -24.74 19.70
N ILE B 79 4.67 -23.68 19.89
CA ILE B 79 3.35 -23.51 19.20
C ILE B 79 3.54 -22.53 18.04
N THR B 80 3.57 -23.01 16.79
CA THR B 80 3.46 -22.19 15.56
C THR B 80 2.12 -21.42 15.59
N GLY B 81 2.04 -20.30 14.86
CA GLY B 81 0.83 -19.48 14.76
C GLY B 81 -0.32 -20.26 14.16
N HIS B 82 -0.05 -21.11 13.16
CA HIS B 82 -1.08 -21.99 12.52
C HIS B 82 -1.66 -22.93 13.57
N GLU B 83 -0.82 -23.56 14.38
CA GLU B 83 -1.28 -24.45 15.49
C GLU B 83 -2.20 -23.62 16.39
N LEU B 84 -1.77 -22.43 16.81
CA LEU B 84 -2.50 -21.63 17.82
C LEU B 84 -3.86 -21.19 17.25
N ALA B 85 -3.91 -20.85 15.97
CA ALA B 85 -5.16 -20.40 15.29
C ALA B 85 -6.22 -21.49 15.44
N GLN B 86 -5.93 -22.74 15.01
CA GLN B 86 -6.81 -23.94 15.19
C GLN B 86 -7.30 -24.03 16.64
N ILE B 87 -6.36 -23.90 17.58
CA ILE B 87 -6.62 -24.06 19.03
C ILE B 87 -7.64 -23.00 19.48
N ARG B 88 -7.47 -21.75 19.04
CA ARG B 88 -8.29 -20.60 19.53
C ARG B 88 -9.64 -20.59 18.82
N ARG B 89 -9.75 -21.21 17.65
CA ARG B 89 -11.07 -21.43 16.99
C ARG B 89 -11.90 -22.38 17.88
N LYS B 90 -11.34 -23.52 18.29
CA LYS B 90 -12.04 -24.49 19.16
C LYS B 90 -12.40 -23.77 20.45
N GLU B 91 -11.48 -23.00 21.02
CA GLU B 91 -11.69 -22.28 22.30
C GLU B 91 -12.88 -21.32 22.14
N GLU B 92 -12.96 -20.51 21.08
CA GLU B 92 -14.02 -19.48 20.91
C GLU B 92 -15.34 -20.20 20.64
N GLU B 93 -15.32 -21.32 19.92
CA GLU B 93 -16.54 -22.17 19.69
C GLU B 93 -17.07 -22.63 21.06
N GLU B 94 -16.18 -23.13 21.93
CA GLU B 94 -16.50 -23.61 23.29
C GLU B 94 -17.09 -22.45 24.10
N SER B 95 -16.37 -21.34 24.19
CA SER B 95 -16.76 -20.10 24.92
C SER B 95 -18.10 -19.57 24.39
N ALA B 96 -18.35 -19.72 23.10
CA ALA B 96 -19.57 -19.20 22.41
C ALA B 96 -20.78 -20.02 22.85
N LYS B 97 -20.67 -21.36 22.87
CA LYS B 97 -21.73 -22.29 23.36
C LYS B 97 -22.17 -21.90 24.77
N MET B 98 -21.24 -21.56 25.68
CA MET B 98 -21.57 -21.29 27.11
C MET B 98 -22.47 -20.07 27.24
N LEU B 99 -22.21 -19.04 26.44
CA LEU B 99 -23.14 -17.91 26.18
C LEU B 99 -24.04 -18.40 25.05
N GLY B 100 -25.06 -17.70 24.61
CA GLY B 100 -26.02 -18.39 23.71
C GLY B 100 -25.63 -18.36 22.24
N VAL B 101 -24.35 -18.32 21.88
CA VAL B 101 -23.88 -17.90 20.53
C VAL B 101 -23.62 -19.14 19.66
N LYS B 102 -24.20 -19.15 18.47
CA LYS B 102 -24.23 -20.32 17.55
C LYS B 102 -23.40 -20.02 16.30
N LYS B 103 -23.43 -18.78 15.79
CA LYS B 103 -22.80 -18.42 14.49
C LYS B 103 -21.60 -17.50 14.74
N ILE B 104 -20.44 -17.87 14.19
CA ILE B 104 -19.22 -17.03 14.13
C ILE B 104 -18.76 -16.91 12.67
N TYR B 105 -18.55 -15.67 12.20
CA TYR B 105 -17.85 -15.40 10.91
C TYR B 105 -16.38 -15.13 11.22
N TRP B 106 -15.47 -15.87 10.58
CA TRP B 106 -14.01 -15.65 10.68
C TRP B 106 -13.53 -14.92 9.43
N LEU B 107 -13.03 -13.69 9.57
CA LEU B 107 -12.42 -12.95 8.43
C LEU B 107 -11.03 -13.51 8.12
N ASN B 108 -10.32 -14.03 9.12
CA ASN B 108 -9.02 -14.74 8.96
C ASN B 108 -7.89 -13.76 8.57
N TYR B 109 -7.98 -12.48 8.92
CA TYR B 109 -6.81 -11.58 8.91
C TYR B 109 -5.86 -12.05 10.01
N ARG B 110 -4.54 -11.99 9.77
CA ARG B 110 -3.54 -12.43 10.76
C ARG B 110 -3.48 -11.40 11.90
N ASP B 111 -3.48 -11.92 13.13
CA ASP B 111 -3.25 -11.15 14.37
C ASP B 111 -2.07 -10.20 14.13
N THR B 112 -2.23 -8.92 14.47
CA THR B 112 -1.23 -7.81 14.43
C THR B 112 -1.11 -7.21 13.02
N GLU B 113 -1.85 -7.72 12.04
CA GLU B 113 -1.75 -7.29 10.62
C GLU B 113 -3.13 -7.02 10.02
N LEU B 114 -4.10 -6.63 10.84
CA LEU B 114 -5.46 -6.23 10.38
C LEU B 114 -5.33 -4.88 9.70
N PRO B 115 -5.45 -4.81 8.37
CA PRO B 115 -5.33 -3.55 7.65
C PRO B 115 -6.53 -2.64 7.99
N TYR B 116 -6.29 -1.32 8.02
CA TYR B 116 -7.35 -0.29 8.00
C TYR B 116 -7.56 0.12 6.53
N SER B 117 -8.33 -0.67 5.78
CA SER B 117 -8.43 -0.58 4.30
C SER B 117 -9.88 -0.70 3.84
N ARG B 118 -10.16 -0.24 2.63
CA ARG B 118 -11.44 -0.39 1.90
C ARG B 118 -11.80 -1.87 1.86
N GLU B 119 -10.80 -2.75 1.75
CA GLU B 119 -11.01 -4.19 1.55
C GLU B 119 -11.75 -4.78 2.77
N VAL B 120 -11.31 -4.43 3.99
CA VAL B 120 -11.88 -5.01 5.23
C VAL B 120 -13.27 -4.38 5.46
N ARG B 121 -13.46 -3.12 5.03
CA ARG B 121 -14.79 -2.46 5.10
C ARG B 121 -15.79 -3.30 4.30
N LYS B 122 -15.44 -3.65 3.07
CA LYS B 122 -16.29 -4.46 2.14
C LYS B 122 -16.63 -5.81 2.77
N ASP B 123 -15.66 -6.53 3.34
CA ASP B 123 -15.87 -7.82 4.04
C ASP B 123 -16.97 -7.65 5.12
N LEU B 124 -16.88 -6.61 5.95
CA LEU B 124 -17.86 -6.35 7.05
C LEU B 124 -19.23 -5.94 6.48
N VAL B 125 -19.25 -5.04 5.50
CA VAL B 125 -20.50 -4.59 4.81
C VAL B 125 -21.22 -5.82 4.22
N LYS B 126 -20.50 -6.72 3.58
CA LYS B 126 -21.04 -7.96 2.99
C LYS B 126 -21.83 -8.75 4.04
N ILE B 127 -21.27 -8.89 5.24
CA ILE B 127 -21.91 -9.63 6.36
C ILE B 127 -23.11 -8.82 6.86
N ILE B 128 -22.98 -7.50 7.02
CA ILE B 128 -24.10 -6.68 7.55
C ILE B 128 -25.29 -6.77 6.58
N ARG B 129 -25.04 -6.71 5.28
CA ARG B 129 -26.10 -6.74 4.24
C ARG B 129 -26.76 -8.13 4.19
N LYS B 130 -26.02 -9.20 4.42
CA LYS B 130 -26.54 -10.59 4.40
C LYS B 130 -27.39 -10.83 5.65
N GLU B 131 -26.86 -10.54 6.84
CA GLU B 131 -27.47 -10.88 8.15
C GLU B 131 -28.52 -9.85 8.55
N LYS B 132 -28.50 -8.65 7.96
CA LYS B 132 -29.52 -7.60 8.23
C LYS B 132 -29.72 -7.44 9.75
N PRO B 133 -28.65 -7.28 10.55
CA PRO B 133 -28.80 -7.16 12.01
C PRO B 133 -29.41 -5.82 12.43
N ASP B 134 -30.07 -5.80 13.58
CA ASP B 134 -30.80 -4.61 14.10
C ASP B 134 -29.81 -3.74 14.86
N GLY B 135 -28.79 -4.35 15.45
CA GLY B 135 -27.75 -3.66 16.25
C GLY B 135 -26.37 -4.24 16.00
N VAL B 136 -25.33 -3.45 16.28
CA VAL B 136 -23.91 -3.89 16.16
C VAL B 136 -23.18 -3.40 17.41
N PHE B 137 -22.46 -4.31 18.06
CA PHE B 137 -21.51 -4.01 19.15
C PHE B 137 -20.08 -4.08 18.61
N LEU B 138 -19.25 -3.09 18.96
CA LEU B 138 -17.85 -2.97 18.47
C LEU B 138 -17.02 -2.23 19.50
N PRO B 139 -15.70 -2.49 19.56
CA PRO B 139 -14.83 -1.85 20.55
C PRO B 139 -14.67 -0.36 20.22
N ASP B 140 -14.72 0.48 21.25
CA ASP B 140 -14.62 1.96 21.17
C ASP B 140 -13.22 2.29 20.67
N PRO B 141 -13.05 2.80 19.44
CA PRO B 141 -11.71 3.11 18.94
C PRO B 141 -11.03 4.30 19.65
N TRP B 142 -11.78 5.07 20.43
CA TRP B 142 -11.30 6.24 21.21
C TRP B 142 -10.95 5.86 22.65
N LEU B 143 -10.80 4.59 22.95
CA LEU B 143 -10.38 4.11 24.30
C LEU B 143 -9.01 4.70 24.57
N PRO B 144 -8.86 5.56 25.61
CA PRO B 144 -7.55 6.10 25.95
C PRO B 144 -6.56 4.97 26.26
N TYR B 145 -5.36 5.11 25.70
CA TYR B 145 -4.14 4.31 25.94
C TYR B 145 -4.26 2.92 25.31
N GLU B 146 -5.21 2.71 24.39
CA GLU B 146 -5.28 1.44 23.64
C GLU B 146 -4.12 1.37 22.64
N ALA B 147 -3.16 0.47 22.89
CA ALA B 147 -1.91 0.33 22.10
C ALA B 147 -2.06 -0.72 20.99
N HIS B 148 -3.09 -1.56 21.03
CA HIS B 148 -3.20 -2.68 20.06
C HIS B 148 -3.78 -2.15 18.74
N PRO B 149 -3.00 -2.22 17.64
CA PRO B 149 -3.46 -1.75 16.35
C PRO B 149 -4.76 -2.44 15.87
N ASP B 150 -4.90 -3.75 16.13
CA ASP B 150 -6.12 -4.51 15.74
C ASP B 150 -7.36 -3.93 16.45
N HIS B 151 -7.24 -3.50 17.70
CA HIS B 151 -8.37 -2.90 18.47
C HIS B 151 -8.77 -1.55 17.85
N ARG B 152 -7.80 -0.68 17.60
CA ARG B 152 -8.08 0.64 16.98
C ARG B 152 -8.72 0.41 15.61
N ALA B 153 -8.13 -0.41 14.76
CA ALA B 153 -8.62 -0.64 13.37
C ALA B 153 -10.04 -1.24 13.38
N THR B 154 -10.31 -2.21 14.26
CA THR B 154 -11.62 -2.90 14.33
C THR B 154 -12.73 -1.90 14.62
N GLY B 155 -12.55 -1.03 15.61
CA GLY B 155 -13.56 -0.02 16.01
C GLY B 155 -13.90 0.92 14.87
N PHE B 156 -12.88 1.50 14.23
CA PHE B 156 -13.03 2.44 13.09
C PHE B 156 -13.67 1.72 11.91
N LEU B 157 -13.16 0.54 11.53
CA LEU B 157 -13.69 -0.27 10.39
C LEU B 157 -15.17 -0.58 10.62
N ALA B 158 -15.54 -0.97 11.84
CA ALA B 158 -16.92 -1.38 12.18
C ALA B 158 -17.87 -0.21 12.02
N LEU B 159 -17.47 0.98 12.50
CA LEU B 159 -18.28 2.22 12.34
C LEU B 159 -18.42 2.57 10.87
N ASP B 160 -17.36 2.40 10.08
CA ASP B 160 -17.39 2.67 8.62
C ASP B 160 -18.38 1.70 7.97
N ALA B 161 -18.28 0.41 8.29
CA ALA B 161 -19.13 -0.65 7.70
C ALA B 161 -20.60 -0.30 7.94
N VAL B 162 -20.94 0.05 9.17
CA VAL B 162 -22.33 0.43 9.57
C VAL B 162 -22.78 1.63 8.73
N ALA B 163 -21.94 2.66 8.62
CA ALA B 163 -22.27 3.94 7.94
C ALA B 163 -22.40 3.73 6.43
N PHE B 164 -21.66 2.79 5.84
CA PHE B 164 -21.57 2.61 4.35
C PHE B 164 -22.47 1.47 3.84
N SER B 165 -22.94 0.59 4.72
CA SER B 165 -23.83 -0.54 4.37
C SER B 165 -25.08 -0.06 3.63
N PRO B 166 -25.73 1.05 4.09
CA PRO B 166 -26.93 1.56 3.42
C PRO B 166 -26.72 2.32 2.10
N LEU B 167 -25.49 2.55 1.66
CA LEU B 167 -25.16 3.33 0.43
C LEU B 167 -25.05 2.38 -0.76
N PRO B 168 -25.98 2.43 -1.74
CA PRO B 168 -25.94 1.49 -2.86
C PRO B 168 -24.71 1.60 -3.76
N ASN B 169 -24.03 2.74 -3.74
CA ASN B 169 -22.80 2.97 -4.53
C ASN B 169 -21.56 2.37 -3.82
N PHE B 170 -21.65 2.09 -2.51
CA PHE B 170 -20.58 1.42 -1.74
C PHE B 170 -20.60 -0.10 -1.96
N SER B 171 -19.52 -0.64 -2.53
CA SER B 171 -19.33 -2.08 -2.80
C SER B 171 -20.51 -2.57 -3.64
N ASN B 172 -20.69 -1.96 -4.81
CA ASN B 172 -21.92 -2.08 -5.62
C ASN B 172 -22.07 -3.52 -6.14
N ILE B 173 -20.98 -4.30 -6.25
CA ILE B 173 -21.05 -5.71 -6.73
C ILE B 173 -21.93 -6.53 -5.76
N ASP B 174 -21.96 -6.18 -4.46
CA ASP B 174 -22.80 -6.82 -3.43
C ASP B 174 -24.27 -6.79 -3.87
N LEU B 175 -24.75 -5.65 -4.37
CA LEU B 175 -26.16 -5.48 -4.82
C LEU B 175 -26.39 -6.19 -6.16
N ASP B 176 -25.40 -6.14 -7.05
CA ASP B 176 -25.48 -6.76 -8.40
C ASP B 176 -25.67 -8.28 -8.28
N ILE B 177 -25.14 -8.91 -7.24
CA ILE B 177 -25.30 -10.38 -7.02
C ILE B 177 -26.48 -10.65 -6.06
N GLY B 178 -27.18 -9.62 -5.60
CA GLY B 178 -28.51 -9.77 -4.99
C GLY B 178 -28.55 -9.58 -3.48
N LEU B 179 -27.52 -9.03 -2.85
CA LEU B 179 -27.64 -8.44 -1.48
C LEU B 179 -28.32 -7.06 -1.58
N LYS B 180 -28.86 -6.55 -0.47
CA LYS B 180 -29.56 -5.24 -0.42
C LYS B 180 -28.83 -4.33 0.55
N PRO B 181 -28.86 -3.00 0.36
CA PRO B 181 -28.37 -2.08 1.38
C PRO B 181 -29.11 -2.38 2.67
N HIS B 182 -28.48 -2.20 3.82
CA HIS B 182 -29.13 -2.36 5.14
C HIS B 182 -28.71 -1.24 6.08
N SER B 183 -29.67 -0.67 6.81
CA SER B 183 -29.45 0.32 7.90
C SER B 183 -29.52 -0.43 9.22
N VAL B 184 -28.50 -0.29 10.05
CA VAL B 184 -28.50 -0.85 11.44
C VAL B 184 -29.13 0.22 12.33
N SER B 185 -30.06 -0.17 13.20
CA SER B 185 -30.84 0.72 14.11
C SER B 185 -29.97 1.17 15.29
N PHE B 186 -29.12 0.26 15.78
CA PHE B 186 -28.42 0.38 17.08
C PHE B 186 -26.91 0.18 16.88
N ILE B 187 -26.13 1.05 17.53
CA ILE B 187 -24.65 0.93 17.65
C ILE B 187 -24.30 1.02 19.15
N GLY B 188 -23.57 0.02 19.66
CA GLY B 188 -23.05 0.02 21.03
C GLY B 188 -21.54 -0.16 21.02
N LEU B 189 -20.82 0.71 21.73
CA LEU B 189 -19.36 0.62 21.93
C LEU B 189 -19.10 -0.10 23.24
N TYR B 190 -18.40 -1.24 23.23
CA TYR B 190 -17.86 -1.87 24.46
C TYR B 190 -16.37 -1.53 24.59
N TYR B 191 -15.74 -1.98 25.67
CA TYR B 191 -14.33 -1.63 26.01
C TYR B 191 -14.21 -0.11 25.99
N THR B 192 -15.11 0.59 26.65
CA THR B 192 -15.20 2.07 26.58
C THR B 192 -14.96 2.67 27.96
N SER B 193 -14.42 3.89 28.00
CA SER B 193 -14.11 4.67 29.21
C SER B 193 -15.14 5.76 29.42
N ARG B 194 -16.05 5.94 28.47
CA ARG B 194 -17.15 6.95 28.56
C ARG B 194 -18.45 6.23 28.24
N PRO B 195 -18.84 5.26 29.10
CA PRO B 195 -20.13 4.57 28.96
C PRO B 195 -21.28 5.44 29.47
N ASN B 196 -22.46 5.30 28.87
CA ASN B 196 -23.71 6.02 29.26
C ASN B 196 -24.87 5.02 29.41
N TYR B 197 -24.58 3.73 29.45
CA TYR B 197 -25.59 2.64 29.59
C TYR B 197 -24.91 1.43 30.24
N PHE B 198 -25.61 0.75 31.17
CA PHE B 198 -25.00 -0.29 32.02
C PHE B 198 -25.93 -1.51 32.09
N VAL B 199 -25.32 -2.70 32.06
CA VAL B 199 -25.98 -4.02 32.24
C VAL B 199 -25.41 -4.63 33.53
N ASP B 200 -26.28 -4.96 34.48
CA ASP B 200 -25.90 -5.69 35.72
C ASP B 200 -25.49 -7.10 35.28
N ILE B 201 -24.26 -7.53 35.60
CA ILE B 201 -23.75 -8.91 35.29
C ILE B 201 -23.35 -9.62 36.59
N THR B 202 -23.75 -9.11 37.76
CA THR B 202 -23.44 -9.70 39.09
C THR B 202 -23.88 -11.17 39.14
N ASP B 203 -25.07 -11.49 38.62
CA ASP B 203 -25.68 -12.84 38.68
C ASP B 203 -24.98 -13.79 37.70
N VAL B 204 -24.39 -13.28 36.61
CA VAL B 204 -23.80 -14.13 35.53
C VAL B 204 -22.27 -13.98 35.51
N MET B 205 -21.69 -13.26 36.48
CA MET B 205 -20.24 -12.98 36.51
C MET B 205 -19.44 -14.29 36.51
N ASP B 206 -19.86 -15.27 37.31
CA ASP B 206 -19.15 -16.56 37.43
C ASP B 206 -19.19 -17.30 36.09
N LEU B 207 -20.30 -17.25 35.34
CA LEU B 207 -20.38 -17.86 33.97
C LEU B 207 -19.44 -17.11 32.99
N LYS B 208 -19.44 -15.78 33.02
CA LYS B 208 -18.53 -14.96 32.19
C LYS B 208 -17.07 -15.43 32.40
N LEU B 209 -16.61 -15.49 33.65
CA LEU B 209 -15.23 -15.92 34.00
C LEU B 209 -14.96 -17.35 33.50
N LYS B 210 -15.95 -18.24 33.57
CA LYS B 210 -15.77 -19.64 33.08
C LYS B 210 -15.55 -19.58 31.56
N ALA B 211 -16.33 -18.75 30.87
CA ALA B 211 -16.34 -18.63 29.40
C ALA B 211 -15.06 -17.94 28.91
N ILE B 212 -14.46 -17.06 29.72
CA ILE B 212 -13.14 -16.44 29.44
C ILE B 212 -12.05 -17.52 29.58
N ARG B 213 -12.18 -18.33 30.62
CA ARG B 213 -11.20 -19.38 31.02
C ARG B 213 -11.18 -20.50 29.97
N ALA B 214 -12.27 -20.64 29.21
CA ALA B 214 -12.39 -21.58 28.07
C ALA B 214 -11.26 -21.36 27.06
N HIS B 215 -10.76 -20.12 26.97
CA HIS B 215 -9.56 -19.74 26.16
C HIS B 215 -8.29 -20.15 26.92
N LYS B 216 -8.03 -21.45 27.04
CA LYS B 216 -6.94 -22.02 27.90
C LYS B 216 -5.60 -21.47 27.45
N SER B 217 -5.34 -21.47 26.14
CA SER B 217 -4.09 -20.95 25.52
C SER B 217 -3.77 -19.55 26.07
N GLN B 218 -4.80 -18.73 26.33
CA GLN B 218 -4.64 -17.30 26.71
C GLN B 218 -4.62 -17.14 28.23
N PHE B 219 -5.19 -18.08 28.98
CA PHE B 219 -5.33 -17.93 30.45
C PHE B 219 -4.87 -19.18 31.18
N PRO B 220 -3.56 -19.52 31.14
CA PRO B 220 -3.01 -20.52 32.04
C PRO B 220 -3.12 -19.98 33.48
N ASP B 221 -2.89 -20.86 34.47
CA ASP B 221 -3.09 -20.56 35.91
C ASP B 221 -2.28 -19.31 36.31
N ASP B 222 -1.03 -19.19 35.85
CA ASP B 222 -0.11 -18.09 36.26
C ASP B 222 -0.62 -16.73 35.72
N ILE B 223 -1.08 -16.67 34.47
CA ILE B 223 -1.66 -15.45 33.84
C ILE B 223 -2.96 -15.09 34.57
N TRP B 224 -3.79 -16.09 34.84
CA TRP B 224 -5.10 -15.96 35.52
C TRP B 224 -4.95 -15.31 36.91
N GLU B 225 -3.82 -15.48 37.59
CA GLU B 225 -3.52 -14.86 38.91
C GLU B 225 -3.69 -13.33 38.81
N THR B 226 -3.33 -12.75 37.67
CA THR B 226 -3.39 -11.30 37.38
C THR B 226 -4.76 -10.93 36.80
N TRP B 227 -5.33 -11.76 35.93
CA TRP B 227 -6.49 -11.38 35.08
C TRP B 227 -7.81 -11.50 35.85
N GLU B 228 -7.99 -12.47 36.76
CA GLU B 228 -9.25 -12.56 37.54
C GLU B 228 -9.43 -11.24 38.30
N PRO B 229 -8.44 -10.76 39.07
CA PRO B 229 -8.52 -9.46 39.72
C PRO B 229 -8.73 -8.27 38.77
N PHE B 230 -8.04 -8.28 37.63
CA PHE B 230 -8.18 -7.24 36.58
C PHE B 230 -9.64 -7.18 36.12
N LEU B 231 -10.20 -8.32 35.68
CA LEU B 231 -11.57 -8.43 35.10
C LEU B 231 -12.61 -8.04 36.16
N ARG B 232 -12.36 -8.37 37.42
CA ARG B 232 -13.24 -8.01 38.56
C ARG B 232 -13.18 -6.50 38.77
N THR B 233 -11.97 -5.93 38.67
CA THR B 233 -11.75 -4.49 38.88
C THR B 233 -12.47 -3.69 37.80
N VAL B 234 -12.41 -4.15 36.55
CA VAL B 234 -13.13 -3.53 35.39
C VAL B 234 -14.63 -3.57 35.70
N ALA B 235 -15.14 -4.74 36.11
CA ALA B 235 -16.58 -4.98 36.38
C ALA B 235 -17.04 -4.09 37.53
N LEU B 236 -16.16 -3.81 38.51
CA LEU B 236 -16.46 -2.92 39.66
C LEU B 236 -16.51 -1.47 39.18
N TYR B 237 -15.61 -1.09 38.25
CA TYR B 237 -15.48 0.28 37.69
C TYR B 237 -16.80 0.69 37.02
N TYR B 238 -17.34 -0.18 36.16
CA TYR B 238 -18.67 -0.02 35.51
C TYR B 238 -19.75 -0.10 36.60
N GLY B 239 -19.57 -1.02 37.56
CA GLY B 239 -20.44 -1.19 38.74
C GLY B 239 -20.71 0.11 39.48
N GLN B 240 -19.67 0.84 39.89
CA GLN B 240 -19.82 2.10 40.68
C GLN B 240 -20.80 3.01 39.96
N LYS B 241 -20.62 3.19 38.65
CA LYS B 241 -21.41 4.14 37.81
C LYS B 241 -22.83 3.63 37.63
N ALA B 242 -23.08 2.33 37.74
CA ALA B 242 -24.42 1.72 37.50
C ALA B 242 -25.19 1.54 38.83
N GLY B 243 -24.52 1.66 39.98
CA GLY B 243 -25.10 1.38 41.32
C GLY B 243 -25.40 -0.10 41.55
N VAL B 244 -24.51 -0.99 41.06
CA VAL B 244 -24.49 -2.45 41.37
C VAL B 244 -23.04 -2.84 41.69
N LYS B 245 -22.78 -4.12 41.97
CA LYS B 245 -21.44 -4.65 42.27
C LYS B 245 -20.64 -4.74 40.96
N TYR B 246 -21.11 -5.56 40.02
CA TYR B 246 -20.43 -5.94 38.75
C TYR B 246 -21.31 -5.56 37.56
N ALA B 247 -20.77 -4.81 36.59
CA ALA B 247 -21.50 -4.33 35.40
C ALA B 247 -20.60 -4.38 34.15
N GLU B 248 -21.24 -4.30 32.97
CA GLU B 248 -20.58 -3.99 31.68
C GLU B 248 -21.11 -2.65 31.18
N GLY B 249 -20.20 -1.74 30.82
CA GLY B 249 -20.53 -0.38 30.36
C GLY B 249 -20.55 -0.33 28.84
N PHE B 250 -21.54 0.35 28.28
CA PHE B 250 -21.65 0.58 26.82
C PHE B 250 -21.81 2.07 26.57
N ARG B 251 -21.28 2.56 25.45
CA ARG B 251 -21.65 3.90 24.95
C ARG B 251 -22.62 3.73 23.78
N ILE B 252 -23.82 4.29 23.94
CA ILE B 252 -24.88 4.34 22.90
C ILE B 252 -25.15 5.81 22.57
N MET B 253 -25.10 6.13 21.28
CA MET B 253 -25.38 7.48 20.71
C MET B 253 -26.24 7.31 19.46
N PRO B 254 -27.01 8.34 19.06
CA PRO B 254 -27.65 8.32 17.74
C PRO B 254 -26.58 8.30 16.63
N GLY B 255 -26.84 7.56 15.54
CA GLY B 255 -25.94 7.46 14.37
C GLY B 255 -25.40 8.83 13.95
N LEU B 256 -26.25 9.85 14.03
CA LEU B 256 -25.96 11.24 13.59
C LEU B 256 -24.75 11.82 14.34
N PHE B 257 -24.55 11.44 15.60
CA PHE B 257 -23.55 12.05 16.52
C PHE B 257 -22.14 11.52 16.24
N TYR B 258 -21.99 10.54 15.36
CA TYR B 258 -20.69 9.97 14.94
C TYR B 258 -20.14 10.77 13.74
N HIS B 259 -20.74 11.91 13.42
CA HIS B 259 -20.37 12.78 12.28
C HIS B 259 -20.64 14.24 12.67
N ILE B 260 -19.57 15.07 12.63
CA ILE B 260 -19.56 16.57 12.70
C ILE B 260 -20.44 17.11 13.83
N THR B 261 -20.49 16.41 14.97
CA THR B 261 -21.31 16.78 16.14
C THR B 261 -20.40 17.24 17.27
N PRO B 262 -20.27 18.57 17.47
CA PRO B 262 -19.36 19.11 18.48
C PRO B 262 -19.80 18.89 19.95
N PHE B 263 -21.03 18.47 20.19
CA PHE B 263 -21.58 18.22 21.55
C PHE B 263 -21.81 16.70 21.74
N ALA B 264 -21.24 15.87 20.85
CA ALA B 264 -21.35 14.39 20.89
C ALA B 264 -21.00 13.85 22.28
N GLU B 265 -20.00 14.44 22.93
CA GLU B 265 -19.44 14.04 24.24
C GLU B 265 -20.37 14.48 25.38
N LEU B 266 -21.51 15.09 25.07
CA LEU B 266 -22.41 15.70 26.08
C LEU B 266 -23.57 14.75 26.38
N ILE B 267 -23.54 13.48 25.94
CA ILE B 267 -24.54 12.43 26.34
C ILE B 267 -23.82 11.23 26.98
N MET C 1 15.38 37.51 29.37
CA MET C 1 15.14 37.49 30.83
C MET C 1 14.38 36.21 31.26
N PHE C 2 14.08 35.32 30.31
CA PHE C 2 13.12 34.17 30.41
C PHE C 2 13.65 33.10 31.37
N GLU C 3 14.98 32.98 31.42
CA GLU C 3 15.75 32.12 32.35
C GLU C 3 15.31 32.38 33.80
N GLU C 4 14.98 33.62 34.17
CA GLU C 4 14.76 33.98 35.61
C GLU C 4 13.28 34.25 35.89
N ILE C 5 12.40 33.58 35.16
CA ILE C 5 10.98 33.34 35.55
C ILE C 5 10.94 32.00 36.29
N ASN C 6 10.19 31.90 37.41
CA ASN C 6 10.05 30.67 38.23
C ASN C 6 8.62 30.13 38.30
N ASP C 7 7.69 30.68 37.53
CA ASP C 7 6.26 30.30 37.59
C ASP C 7 5.75 30.03 36.16
N PHE C 8 5.07 28.90 35.95
CA PHE C 8 4.53 28.50 34.62
C PHE C 8 3.54 29.55 34.12
N GLU C 9 2.57 29.95 34.95
CA GLU C 9 1.44 30.84 34.55
C GLU C 9 2.03 32.11 33.93
N THR C 10 3.11 32.65 34.50
CA THR C 10 3.79 33.89 34.04
C THR C 10 4.47 33.65 32.68
N ALA C 11 5.26 32.59 32.57
CA ALA C 11 6.02 32.21 31.34
C ALA C 11 5.05 32.00 30.19
N PHE C 12 3.88 31.40 30.48
CA PHE C 12 2.83 31.06 29.50
C PHE C 12 2.29 32.37 28.89
N LYS C 13 1.86 33.30 29.74
CA LYS C 13 1.31 34.62 29.33
C LYS C 13 2.39 35.34 28.51
N ARG C 14 3.65 35.30 28.98
CA ARG C 14 4.80 35.98 28.35
C ARG C 14 5.08 35.35 26.97
N LEU C 15 5.02 34.01 26.86
CA LEU C 15 5.31 33.29 25.59
C LEU C 15 4.27 33.66 24.54
N LEU C 16 2.99 33.61 24.90
CA LEU C 16 1.85 33.88 23.98
C LEU C 16 1.88 35.34 23.51
N ASN C 17 1.93 36.27 24.48
CA ASN C 17 1.68 37.73 24.27
C ASN C 17 2.90 38.37 23.62
N GLU C 18 4.12 38.13 24.13
CA GLU C 18 5.33 38.91 23.76
C GLU C 18 6.17 38.13 22.73
N VAL C 19 6.40 36.84 22.93
CA VAL C 19 7.33 36.03 22.10
C VAL C 19 6.64 35.65 20.79
N LEU C 20 5.44 35.07 20.86
CA LEU C 20 4.69 34.57 19.68
C LEU C 20 3.80 35.66 19.10
N GLU C 21 3.43 36.68 19.89
CA GLU C 21 2.51 37.79 19.47
C GLU C 21 1.22 37.16 18.92
N PHE C 22 0.66 36.23 19.71
CA PHE C 22 -0.60 35.54 19.42
C PHE C 22 -1.77 36.41 19.88
N ASP C 23 -2.76 36.59 19.00
CA ASP C 23 -3.88 37.58 19.15
C ASP C 23 -5.19 36.87 18.81
N LEU C 24 -5.97 36.53 19.83
CA LEU C 24 -7.32 35.92 19.65
C LEU C 24 -8.36 37.00 19.38
N GLN C 25 -8.12 38.27 19.77
CA GLN C 25 -9.12 39.36 19.65
C GLN C 25 -9.39 39.66 18.18
N ASN C 26 -8.36 39.89 17.37
CA ASN C 26 -8.48 40.04 15.89
C ASN C 26 -7.44 39.17 15.19
N PRO C 27 -7.69 37.86 15.03
CA PRO C 27 -6.70 36.93 14.48
C PRO C 27 -6.60 36.93 12.95
N LEU C 28 -7.54 37.60 12.26
CA LEU C 28 -7.56 37.62 10.77
C LEU C 28 -7.07 38.98 10.27
N LYS C 29 -6.33 39.70 11.12
CA LYS C 29 -5.80 41.07 10.85
C LYS C 29 -5.45 41.24 9.37
N ASP C 30 -4.39 40.57 8.91
CA ASP C 30 -3.73 40.89 7.62
C ASP C 30 -3.98 39.77 6.62
N VAL C 31 -5.12 39.08 6.71
CA VAL C 31 -5.47 37.98 5.75
C VAL C 31 -6.38 38.59 4.66
N LYS C 32 -5.93 38.52 3.41
CA LYS C 32 -6.71 38.92 2.21
C LYS C 32 -7.18 37.67 1.44
N LYS C 33 -6.43 36.56 1.49
CA LYS C 33 -6.77 35.30 0.76
C LYS C 33 -6.70 34.11 1.71
N VAL C 34 -7.77 33.30 1.77
CA VAL C 34 -7.84 32.06 2.60
C VAL C 34 -8.29 30.87 1.73
N LEU C 35 -7.74 29.69 2.05
CA LEU C 35 -8.25 28.38 1.54
C LEU C 35 -9.18 27.79 2.59
N CYS C 36 -10.35 27.30 2.15
CA CYS C 36 -11.25 26.42 2.94
C CYS C 36 -11.15 25.02 2.36
N ILE C 37 -10.64 24.09 3.16
CA ILE C 37 -10.43 22.67 2.75
C ILE C 37 -11.62 21.87 3.28
N GLU C 38 -12.40 21.27 2.38
CA GLU C 38 -13.58 20.45 2.72
C GLU C 38 -13.34 19.03 2.25
N PRO C 39 -13.62 18.03 3.11
CA PRO C 39 -13.55 16.62 2.70
C PRO C 39 -14.54 16.27 1.60
N HIS C 40 -15.78 16.78 1.72
CA HIS C 40 -16.89 16.49 0.77
C HIS C 40 -17.51 17.79 0.29
N PRO C 41 -18.15 17.80 -0.89
CA PRO C 41 -18.98 18.93 -1.32
C PRO C 41 -20.10 19.15 -0.29
N ASP C 42 -20.10 20.31 0.35
CA ASP C 42 -21.09 20.80 1.34
C ASP C 42 -20.41 21.01 2.71
N ASP C 43 -19.20 20.50 2.93
CA ASP C 43 -18.61 20.49 4.28
C ASP C 43 -18.23 21.92 4.67
N CYS C 44 -17.74 22.72 3.72
CA CYS C 44 -17.35 24.13 3.96
C CYS C 44 -18.58 24.93 4.43
N VAL C 45 -19.67 24.82 3.68
CA VAL C 45 -20.89 25.63 3.94
C VAL C 45 -21.55 25.17 5.25
N ILE C 46 -21.58 23.86 5.55
CA ILE C 46 -22.23 23.31 6.79
C ILE C 46 -21.36 23.71 8.00
N GLY C 47 -20.04 23.70 7.82
CA GLY C 47 -19.09 23.91 8.92
C GLY C 47 -18.94 25.38 9.23
N MET C 48 -18.78 26.20 8.21
CA MET C 48 -18.40 27.63 8.37
C MET C 48 -18.95 28.49 7.22
N GLY C 49 -20.10 28.14 6.65
CA GLY C 49 -20.78 28.92 5.58
C GLY C 49 -21.06 30.38 5.99
N GLY C 50 -21.57 30.61 7.19
CA GLY C 50 -21.86 31.95 7.73
C GLY C 50 -20.61 32.80 7.74
N THR C 51 -19.52 32.27 8.27
CA THR C 51 -18.20 32.96 8.35
C THR C 51 -17.69 33.25 6.93
N ILE C 52 -17.89 32.35 5.97
CA ILE C 52 -17.43 32.53 4.56
C ILE C 52 -18.14 33.75 3.95
N LYS C 53 -19.44 33.88 4.16
CA LYS C 53 -20.25 35.02 3.66
C LYS C 53 -19.70 36.30 4.28
N ARG C 54 -19.47 36.31 5.60
CA ARG C 54 -18.95 37.49 6.33
C ARG C 54 -17.56 37.86 5.79
N LEU C 55 -16.75 36.86 5.42
CA LEU C 55 -15.39 37.11 4.89
C LEU C 55 -15.47 37.73 3.49
N THR C 56 -16.28 37.19 2.57
CA THR C 56 -16.35 37.66 1.16
C THR C 56 -17.04 39.04 1.08
N ASP C 57 -17.97 39.32 2.00
CA ASP C 57 -18.57 40.67 2.21
C ASP C 57 -17.47 41.70 2.53
N ARG C 58 -16.52 41.39 3.42
CA ARG C 58 -15.39 42.28 3.78
C ARG C 58 -14.31 42.28 2.68
N GLY C 59 -14.53 41.59 1.55
CA GLY C 59 -13.65 41.61 0.37
C GLY C 59 -12.46 40.64 0.45
N ILE C 60 -12.49 39.70 1.38
CA ILE C 60 -11.47 38.61 1.50
C ILE C 60 -11.78 37.54 0.44
N GLU C 61 -10.76 37.12 -0.34
CA GLU C 61 -10.88 36.05 -1.36
C GLU C 61 -10.89 34.70 -0.63
N VAL C 62 -11.97 33.94 -0.80
CA VAL C 62 -12.15 32.60 -0.19
C VAL C 62 -12.18 31.59 -1.34
N ILE C 63 -11.23 30.66 -1.32
CA ILE C 63 -11.05 29.61 -2.36
C ILE C 63 -11.29 28.26 -1.69
N TYR C 64 -12.15 27.43 -2.27
CA TYR C 64 -12.41 26.05 -1.79
C TYR C 64 -11.37 25.10 -2.38
N ILE C 65 -10.94 24.15 -1.57
CA ILE C 65 -10.38 22.85 -2.05
C ILE C 65 -11.32 21.75 -1.58
N CYS C 66 -11.84 20.98 -2.52
CA CYS C 66 -12.69 19.80 -2.22
C CYS C 66 -11.86 18.54 -2.45
N MET C 67 -11.69 17.73 -1.41
CA MET C 67 -10.80 16.53 -1.44
C MET C 67 -11.46 15.44 -2.28
N THR C 68 -12.77 15.23 -2.13
CA THR C 68 -13.48 14.08 -2.77
C THR C 68 -14.58 14.57 -3.71
N ASP C 69 -15.15 13.64 -4.48
CA ASP C 69 -16.18 13.85 -5.51
C ASP C 69 -17.58 13.70 -4.89
N GLY C 70 -17.72 13.17 -3.67
CA GLY C 70 -19.02 12.92 -3.03
C GLY C 70 -19.82 11.79 -3.70
N TYR C 71 -19.15 10.84 -4.36
CA TYR C 71 -19.66 9.69 -5.16
C TYR C 71 -20.63 8.79 -4.37
N MET C 72 -20.47 8.66 -3.05
CA MET C 72 -21.18 7.64 -2.23
C MET C 72 -22.46 8.19 -1.59
N GLY C 73 -22.61 9.52 -1.47
CA GLY C 73 -23.62 10.19 -0.63
C GLY C 73 -25.03 10.22 -1.22
N THR C 74 -25.63 9.07 -1.55
CA THR C 74 -27.08 8.91 -1.84
C THR C 74 -27.52 7.49 -1.45
N THR C 75 -28.79 7.32 -1.07
CA THR C 75 -29.41 5.99 -0.79
C THR C 75 -30.32 5.56 -1.96
N ASP C 76 -30.38 6.35 -3.03
CA ASP C 76 -31.16 6.03 -4.25
C ASP C 76 -30.39 5.00 -5.09
N GLU C 77 -30.96 3.81 -5.33
CA GLU C 77 -30.32 2.73 -6.14
C GLU C 77 -30.21 3.11 -7.64
N ASN C 78 -30.85 4.21 -8.06
CA ASN C 78 -30.96 4.60 -9.49
C ASN C 78 -29.90 5.66 -9.85
N ILE C 79 -29.25 6.26 -8.85
CA ILE C 79 -28.16 7.28 -9.08
C ILE C 79 -26.81 6.58 -8.91
N THR C 80 -26.10 6.28 -10.01
CA THR C 80 -24.67 5.86 -9.98
C THR C 80 -23.84 6.97 -9.32
N GLY C 81 -22.67 6.60 -8.79
CA GLY C 81 -21.72 7.53 -8.17
C GLY C 81 -21.24 8.58 -9.15
N HIS C 82 -20.98 8.21 -10.40
CA HIS C 82 -20.54 9.12 -11.48
C HIS C 82 -21.63 10.17 -11.70
N GLU C 83 -22.90 9.75 -11.80
CA GLU C 83 -24.04 10.69 -11.94
C GLU C 83 -24.00 11.66 -10.76
N LEU C 84 -23.90 11.14 -9.54
CA LEU C 84 -24.03 11.97 -8.30
C LEU C 84 -22.88 12.97 -8.22
N ALA C 85 -21.68 12.59 -8.64
CA ALA C 85 -20.48 13.47 -8.64
C ALA C 85 -20.76 14.73 -9.46
N GLN C 86 -21.17 14.57 -10.73
CA GLN C 86 -21.61 15.67 -11.63
C GLN C 86 -22.64 16.56 -10.93
N ILE C 87 -23.63 15.93 -10.31
CA ILE C 87 -24.78 16.63 -9.65
C ILE C 87 -24.23 17.49 -8.51
N ARG C 88 -23.32 16.97 -7.70
CA ARG C 88 -22.83 17.65 -6.47
C ARG C 88 -21.79 18.71 -6.83
N ARG C 89 -21.15 18.60 -7.99
CA ARG C 89 -20.28 19.69 -8.51
C ARG C 89 -21.17 20.91 -8.81
N LYS C 90 -22.26 20.73 -9.57
CA LYS C 90 -23.19 21.84 -9.90
C LYS C 90 -23.73 22.40 -8.59
N GLU C 91 -24.11 21.54 -7.64
CA GLU C 91 -24.66 21.97 -6.33
C GLU C 91 -23.66 22.85 -5.60
N GLU C 92 -22.39 22.44 -5.49
CA GLU C 92 -21.36 23.19 -4.69
C GLU C 92 -21.05 24.49 -5.43
N GLU C 93 -21.05 24.50 -6.77
CA GLU C 93 -20.88 25.74 -7.59
C GLU C 93 -22.00 26.73 -7.22
N GLU C 94 -23.25 26.24 -7.19
CA GLU C 94 -24.45 27.04 -6.84
C GLU C 94 -24.31 27.58 -5.41
N SER C 95 -24.07 26.70 -4.44
CA SER C 95 -23.87 27.03 -3.00
C SER C 95 -22.73 28.03 -2.82
N ALA C 96 -21.69 27.92 -3.65
CA ALA C 96 -20.47 28.76 -3.56
C ALA C 96 -20.82 30.19 -4.01
N LYS C 97 -21.54 30.37 -5.11
CA LYS C 97 -22.03 31.69 -5.62
C LYS C 97 -22.80 32.41 -4.52
N MET C 98 -23.67 31.73 -3.76
CA MET C 98 -24.56 32.38 -2.74
C MET C 98 -23.72 33.00 -1.62
N LEU C 99 -22.64 32.34 -1.20
CA LEU C 99 -21.53 32.91 -0.39
C LEU C 99 -20.59 33.53 -1.42
N GLY C 100 -19.52 34.21 -1.08
CA GLY C 100 -18.86 35.00 -2.15
C GLY C 100 -17.83 34.23 -2.95
N VAL C 101 -17.96 32.91 -3.13
CA VAL C 101 -16.81 32.02 -3.52
C VAL C 101 -16.87 31.77 -5.03
N LYS C 102 -15.74 32.04 -5.72
CA LYS C 102 -15.63 31.96 -7.20
C LYS C 102 -14.79 30.76 -7.63
N LYS C 103 -13.73 30.44 -6.90
CA LYS C 103 -12.72 29.44 -7.31
C LYS C 103 -12.82 28.18 -6.43
N ILE C 104 -12.97 27.01 -7.05
CA ILE C 104 -12.94 25.68 -6.38
C ILE C 104 -11.89 24.81 -7.07
N TYR C 105 -10.99 24.21 -6.29
CA TYR C 105 -10.10 23.13 -6.77
C TYR C 105 -10.73 21.78 -6.41
N TRP C 106 -10.91 20.90 -7.39
CA TRP C 106 -11.39 19.52 -7.16
C TRP C 106 -10.21 18.55 -7.26
N LEU C 107 -9.86 17.89 -6.16
CA LEU C 107 -8.80 16.84 -6.17
C LEU C 107 -9.35 15.54 -6.79
N ASN C 108 -10.65 15.27 -6.67
CA ASN C 108 -11.34 14.14 -7.34
C ASN C 108 -10.93 12.78 -6.75
N TYR C 109 -10.50 12.71 -5.50
CA TYR C 109 -10.41 11.42 -4.77
C TYR C 109 -11.85 10.93 -4.54
N ARG C 110 -12.08 9.61 -4.60
CA ARG C 110 -13.42 9.04 -4.41
C ARG C 110 -13.80 9.13 -2.92
N ASP C 111 -15.03 9.60 -2.67
CA ASP C 111 -15.71 9.59 -1.35
C ASP C 111 -15.45 8.23 -0.71
N THR C 112 -15.03 8.24 0.55
CA THR C 112 -14.79 7.07 1.46
C THR C 112 -13.41 6.44 1.21
N GLU C 113 -12.65 6.93 0.23
CA GLU C 113 -11.36 6.35 -0.21
C GLU C 113 -10.27 7.43 -0.32
N LEU C 114 -10.36 8.48 0.49
CA LEU C 114 -9.33 9.55 0.57
C LEU C 114 -8.14 8.97 1.30
N PRO C 115 -7.02 8.70 0.59
CA PRO C 115 -5.85 8.12 1.22
C PRO C 115 -5.24 9.11 2.20
N TYR C 116 -4.66 8.61 3.30
CA TYR C 116 -3.68 9.35 4.12
C TYR C 116 -2.27 9.01 3.61
N SER C 117 -1.84 9.67 2.53
CA SER C 117 -0.61 9.35 1.79
C SER C 117 0.16 10.63 1.47
N ARG C 118 1.46 10.48 1.21
CA ARG C 118 2.37 11.52 0.69
C ARG C 118 1.76 12.17 -0.55
N GLU C 119 1.07 11.38 -1.36
CA GLU C 119 0.54 11.83 -2.67
C GLU C 119 -0.46 12.97 -2.48
N VAL C 120 -1.39 12.82 -1.53
CA VAL C 120 -2.46 13.84 -1.29
C VAL C 120 -1.84 15.08 -0.62
N ARG C 121 -0.79 14.90 0.18
CA ARG C 121 -0.03 16.02 0.78
C ARG C 121 0.53 16.88 -0.35
N LYS C 122 1.19 16.27 -1.34
CA LYS C 122 1.81 16.95 -2.51
C LYS C 122 0.76 17.73 -3.30
N ASP C 123 -0.41 17.13 -3.58
CA ASP C 123 -1.54 17.80 -4.28
C ASP C 123 -1.90 19.10 -3.53
N LEU C 124 -2.03 19.06 -2.20
CA LEU C 124 -2.42 20.24 -1.37
C LEU C 124 -1.28 21.26 -1.34
N VAL C 125 -0.05 20.82 -1.13
CA VAL C 125 1.16 21.70 -1.14
C VAL C 125 1.24 22.44 -2.47
N LYS C 126 1.00 21.77 -3.59
CA LYS C 126 1.04 22.37 -4.95
C LYS C 126 0.08 23.57 -5.00
N ILE C 127 -1.12 23.42 -4.46
CA ILE C 127 -2.16 24.49 -4.44
C ILE C 127 -1.72 25.58 -3.48
N ILE C 128 -1.21 25.25 -2.30
CA ILE C 128 -0.79 26.29 -1.30
C ILE C 128 0.34 27.14 -1.90
N ARG C 129 1.30 26.51 -2.58
CA ARG C 129 2.46 27.21 -3.19
C ARG C 129 2.00 28.09 -4.35
N LYS C 130 1.00 27.67 -5.12
CA LYS C 130 0.48 28.43 -6.28
C LYS C 130 -0.32 29.64 -5.81
N GLU C 131 -1.27 29.43 -4.91
CA GLU C 131 -2.27 30.45 -4.47
C GLU C 131 -1.68 31.33 -3.36
N LYS C 132 -0.61 30.90 -2.69
CA LYS C 132 0.08 31.72 -1.66
C LYS C 132 -0.93 32.33 -0.69
N PRO C 133 -1.85 31.54 -0.11
CA PRO C 133 -2.87 32.10 0.78
C PRO C 133 -2.28 32.54 2.12
N ASP C 134 -2.95 33.46 2.80
CA ASP C 134 -2.52 34.02 4.11
C ASP C 134 -2.99 33.09 5.22
N GLY C 135 -4.12 32.41 5.01
CA GLY C 135 -4.74 31.54 6.02
C GLY C 135 -5.32 30.28 5.39
N VAL C 136 -5.51 29.25 6.21
CA VAL C 136 -6.16 27.97 5.79
C VAL C 136 -7.15 27.58 6.89
N PHE C 137 -8.38 27.28 6.48
CA PHE C 137 -9.42 26.64 7.33
C PHE C 137 -9.52 25.16 6.94
N LEU C 138 -9.59 24.29 7.95
CA LEU C 138 -9.62 22.81 7.77
C LEU C 138 -10.35 22.20 8.95
N PRO C 139 -10.99 21.02 8.76
CA PRO C 139 -11.73 20.38 9.85
C PRO C 139 -10.75 19.83 10.89
N ASP C 140 -11.10 20.02 12.17
CA ASP C 140 -10.34 19.57 13.36
C ASP C 140 -10.28 18.04 13.31
N PRO C 141 -9.11 17.42 13.05
CA PRO C 141 -9.02 15.96 13.00
C PRO C 141 -9.22 15.28 14.36
N TRP C 142 -9.17 16.04 15.46
CA TRP C 142 -9.33 15.55 16.85
C TRP C 142 -10.76 15.70 17.34
N LEU C 143 -11.72 15.93 16.45
CA LEU C 143 -13.15 16.02 16.82
C LEU C 143 -13.54 14.69 17.44
N PRO C 144 -13.96 14.66 18.73
CA PRO C 144 -14.40 13.43 19.37
C PRO C 144 -15.57 12.79 18.59
N TYR C 145 -15.43 11.48 18.39
CA TYR C 145 -16.44 10.54 17.85
C TYR C 145 -16.64 10.74 16.35
N GLU C 146 -15.72 11.42 15.67
CA GLU C 146 -15.77 11.57 14.20
C GLU C 146 -15.43 10.21 13.56
N ALA C 147 -16.43 9.57 12.95
CA ALA C 147 -16.33 8.21 12.40
C ALA C 147 -15.97 8.24 10.91
N HIS C 148 -16.07 9.39 10.24
CA HIS C 148 -15.82 9.47 8.79
C HIS C 148 -14.32 9.52 8.53
N PRO C 149 -13.77 8.50 7.83
CA PRO C 149 -12.35 8.47 7.52
C PRO C 149 -11.88 9.69 6.71
N ASP C 150 -12.70 10.18 5.77
CA ASP C 150 -12.36 11.35 4.92
C ASP C 150 -12.18 12.60 5.80
N HIS C 151 -12.97 12.74 6.89
CA HIS C 151 -12.87 13.89 7.81
C HIS C 151 -11.56 13.82 8.57
N ARG C 152 -11.24 12.67 9.16
CA ARG C 152 -9.99 12.47 9.92
C ARG C 152 -8.80 12.74 8.97
N ALA C 153 -8.77 12.10 7.81
CA ALA C 153 -7.65 12.21 6.83
C ALA C 153 -7.47 13.67 6.37
N THR C 154 -8.56 14.37 6.05
CA THR C 154 -8.52 15.75 5.51
C THR C 154 -7.84 16.68 6.51
N GLY C 155 -8.23 16.61 7.78
CA GLY C 155 -7.67 17.49 8.82
C GLY C 155 -6.17 17.29 8.98
N PHE C 156 -5.73 16.02 9.13
CA PHE C 156 -4.29 15.67 9.29
C PHE C 156 -3.52 16.06 8.03
N LEU C 157 -4.01 15.72 6.84
CA LEU C 157 -3.36 16.04 5.54
C LEU C 157 -3.17 17.56 5.40
N ALA C 158 -4.20 18.35 5.76
CA ALA C 158 -4.20 19.82 5.62
C ALA C 158 -3.12 20.42 6.52
N LEU C 159 -3.02 19.95 7.77
CA LEU C 159 -1.99 20.42 8.74
C LEU C 159 -0.61 20.04 8.21
N ASP C 160 -0.45 18.85 7.63
CA ASP C 160 0.83 18.40 7.04
C ASP C 160 1.18 19.36 5.88
N ALA C 161 0.23 19.61 4.99
CA ALA C 161 0.44 20.45 3.78
C ALA C 161 0.95 21.82 4.20
N VAL C 162 0.29 22.44 5.19
CA VAL C 162 0.68 23.77 5.74
C VAL C 162 2.12 23.69 6.27
N ALA C 163 2.45 22.66 7.05
CA ALA C 163 3.76 22.52 7.72
C ALA C 163 4.86 22.22 6.70
N PHE C 164 4.57 21.57 5.58
CA PHE C 164 5.58 21.08 4.59
C PHE C 164 5.70 22.02 3.37
N SER C 165 4.74 22.89 3.15
CA SER C 165 4.74 23.85 2.01
C SER C 165 6.01 24.70 2.03
N PRO C 166 6.48 25.22 3.20
CA PRO C 166 7.70 26.03 3.26
C PRO C 166 9.04 25.27 3.16
N LEU C 167 9.04 23.94 3.08
CA LEU C 167 10.28 23.11 3.05
C LEU C 167 10.68 22.84 1.60
N PRO C 168 11.79 23.41 1.08
CA PRO C 168 12.16 23.25 -0.33
C PRO C 168 12.46 21.81 -0.77
N ASN C 169 12.79 20.93 0.17
CA ASN C 169 13.08 19.50 -0.12
C ASN C 169 11.79 18.68 -0.20
N PHE C 170 10.66 19.21 0.31
CA PHE C 170 9.32 18.58 0.18
C PHE C 170 8.76 18.87 -1.21
N SER C 171 8.54 17.82 -1.99
CA SER C 171 7.94 17.87 -3.34
C SER C 171 8.76 18.82 -4.19
N ASN C 172 10.05 18.51 -4.34
CA ASN C 172 11.07 19.44 -4.90
C ASN C 172 10.77 19.75 -6.38
N ILE C 173 10.05 18.87 -7.09
CA ILE C 173 9.72 19.12 -8.53
C ILE C 173 8.83 20.36 -8.65
N ASP C 174 8.04 20.68 -7.62
CA ASP C 174 7.22 21.92 -7.54
C ASP C 174 8.09 23.15 -7.76
N LEU C 175 9.26 23.21 -7.11
CA LEU C 175 10.21 24.36 -7.22
C LEU C 175 10.91 24.33 -8.59
N ASP C 176 11.26 23.13 -9.07
CA ASP C 176 11.99 22.94 -10.36
C ASP C 176 11.13 23.47 -11.52
N ILE C 177 9.80 23.41 -11.44
CA ILE C 177 8.89 23.94 -12.50
C ILE C 177 8.44 25.36 -12.16
N GLY C 178 8.90 25.94 -11.05
CA GLY C 178 8.85 27.40 -10.82
C GLY C 178 7.85 27.84 -9.77
N LEU C 179 7.27 26.94 -8.97
CA LEU C 179 6.56 27.32 -7.71
C LEU C 179 7.60 27.62 -6.62
N LYS C 180 7.20 28.34 -5.59
CA LYS C 180 8.11 28.71 -4.47
C LYS C 180 7.53 28.15 -3.18
N PRO C 181 8.38 27.82 -2.19
CA PRO C 181 7.91 27.52 -0.85
C PRO C 181 7.02 28.67 -0.38
N HIS C 182 5.99 28.40 0.39
CA HIS C 182 5.10 29.44 0.98
C HIS C 182 4.80 29.08 2.43
N SER C 183 4.86 30.07 3.32
CA SER C 183 4.45 29.99 4.74
C SER C 183 3.05 30.59 4.86
N VAL C 184 2.14 29.83 5.46
CA VAL C 184 0.77 30.29 5.80
C VAL C 184 0.85 30.98 7.16
N SER C 185 0.24 32.15 7.30
CA SER C 185 0.23 32.97 8.54
C SER C 185 -0.76 32.39 9.55
N PHE C 186 -1.90 31.91 9.06
CA PHE C 186 -3.10 31.62 9.87
C PHE C 186 -3.62 30.20 9.62
N ILE C 187 -3.98 29.49 10.69
CA ILE C 187 -4.64 28.16 10.64
C ILE C 187 -5.88 28.24 11.54
N GLY C 188 -7.03 27.88 10.98
CA GLY C 188 -8.29 27.77 11.74
C GLY C 188 -8.91 26.42 11.57
N LEU C 189 -9.27 25.77 12.67
CA LEU C 189 -9.98 24.47 12.68
C LEU C 189 -11.47 24.75 12.82
N TYR C 190 -12.30 24.33 11.86
CA TYR C 190 -13.78 24.31 12.01
C TYR C 190 -14.23 22.89 12.35
N TYR C 191 -15.53 22.70 12.57
CA TYR C 191 -16.09 21.41 13.02
C TYR C 191 -15.32 20.96 14.27
N THR C 192 -15.18 21.84 15.24
CA THR C 192 -14.33 21.60 16.44
C THR C 192 -15.21 21.63 17.69
N SER C 193 -14.80 20.89 18.73
CA SER C 193 -15.49 20.77 20.04
C SER C 193 -14.74 21.57 21.09
N ARG C 194 -13.57 22.13 20.75
CA ARG C 194 -12.77 22.97 21.66
C ARG C 194 -12.42 24.24 20.90
N PRO C 195 -13.45 25.06 20.56
CA PRO C 195 -13.23 26.35 19.91
C PRO C 195 -12.79 27.41 20.93
N ASN C 196 -11.98 28.37 20.50
CA ASN C 196 -11.51 29.50 21.34
C ASN C 196 -11.75 30.83 20.60
N TYR C 197 -12.52 30.83 19.51
CA TYR C 197 -12.84 32.04 18.72
C TYR C 197 -14.20 31.84 18.03
N PHE C 198 -15.03 32.88 17.99
CA PHE C 198 -16.44 32.78 17.55
C PHE C 198 -16.80 33.91 16.61
N VAL C 199 -17.57 33.57 15.57
CA VAL C 199 -18.15 34.51 14.57
C VAL C 199 -19.67 34.47 14.76
N ASP C 200 -20.29 35.63 15.03
CA ASP C 200 -21.76 35.79 15.08
C ASP C 200 -22.28 35.59 13.65
N ILE C 201 -23.18 34.62 13.44
CA ILE C 201 -23.80 34.36 12.11
C ILE C 201 -25.33 34.48 12.22
N THR C 202 -25.85 35.09 13.30
CA THR C 202 -27.30 35.27 13.55
C THR C 202 -27.97 35.95 12.36
N ASP C 203 -27.34 36.99 11.80
CA ASP C 203 -27.92 37.82 10.71
C ASP C 203 -27.87 37.07 9.38
N VAL C 204 -26.95 36.12 9.20
CA VAL C 204 -26.75 35.40 7.89
C VAL C 204 -27.17 33.92 8.03
N MET C 205 -27.74 33.51 9.16
CA MET C 205 -28.09 32.09 9.42
C MET C 205 -29.04 31.57 8.34
N ASP C 206 -30.08 32.35 7.99
CA ASP C 206 -31.12 31.87 7.02
C ASP C 206 -30.46 31.77 5.64
N LEU C 207 -29.48 32.62 5.27
CA LEU C 207 -28.71 32.47 3.99
C LEU C 207 -27.86 31.20 4.03
N LYS C 208 -27.16 30.94 5.14
CA LYS C 208 -26.35 29.71 5.31
C LYS C 208 -27.23 28.48 5.03
N LEU C 209 -28.38 28.36 5.71
CA LEU C 209 -29.34 27.24 5.52
C LEU C 209 -29.79 27.15 4.06
N LYS C 210 -30.00 28.27 3.37
CA LYS C 210 -30.41 28.25 1.93
C LYS C 210 -29.26 27.66 1.11
N ALA C 211 -28.02 28.05 1.41
CA ALA C 211 -26.78 27.63 0.71
C ALA C 211 -26.47 26.14 1.00
N ILE C 212 -26.85 25.62 2.17
CA ILE C 212 -26.74 24.18 2.51
C ILE C 212 -27.79 23.41 1.67
N ARG C 213 -29.00 23.98 1.57
CA ARG C 213 -30.18 23.37 0.92
C ARG C 213 -29.94 23.29 -0.59
N ALA C 214 -29.05 24.14 -1.12
CA ALA C 214 -28.60 24.14 -2.54
C ALA C 214 -28.07 22.75 -2.92
N HIS C 215 -27.54 22.00 -1.95
CA HIS C 215 -27.13 20.58 -2.09
C HIS C 215 -28.38 19.68 -2.04
N LYS C 216 -29.22 19.75 -3.07
CA LYS C 216 -30.57 19.11 -3.11
C LYS C 216 -30.40 17.59 -2.90
N SER C 217 -29.46 16.98 -3.62
CA SER C 217 -29.14 15.52 -3.55
C SER C 217 -28.97 15.11 -2.08
N GLN C 218 -28.42 15.99 -1.23
CA GLN C 218 -28.05 15.64 0.17
C GLN C 218 -29.18 15.98 1.13
N PHE C 219 -30.06 16.92 0.77
CA PHE C 219 -31.09 17.43 1.71
C PHE C 219 -32.47 17.41 1.06
N PRO C 220 -33.06 16.23 0.79
CA PRO C 220 -34.47 16.16 0.44
C PRO C 220 -35.30 16.61 1.66
N ASP C 221 -36.60 16.85 1.47
CA ASP C 221 -37.52 17.40 2.51
C ASP C 221 -37.50 16.50 3.75
N ASP C 222 -37.51 15.18 3.58
CA ASP C 222 -37.56 14.17 4.68
C ASP C 222 -36.28 14.22 5.52
N ILE C 223 -35.10 14.30 4.90
CA ILE C 223 -33.77 14.40 5.59
C ILE C 223 -33.74 15.74 6.34
N TRP C 224 -34.17 16.81 5.67
CA TRP C 224 -34.17 18.21 6.17
C TRP C 224 -34.97 18.33 7.47
N GLU C 225 -35.98 17.49 7.69
CA GLU C 225 -36.80 17.46 8.93
C GLU C 225 -35.89 17.29 10.16
N THR C 226 -34.82 16.51 10.01
CA THR C 226 -33.82 16.24 11.08
C THR C 226 -32.71 17.29 11.07
N TRP C 227 -32.25 17.74 9.89
CA TRP C 227 -30.98 18.51 9.76
C TRP C 227 -31.17 19.99 10.06
N GLU C 228 -32.31 20.60 9.73
CA GLU C 228 -32.55 22.04 10.07
C GLU C 228 -32.42 22.20 11.60
N PRO C 229 -33.12 21.39 12.42
CA PRO C 229 -32.96 21.43 13.87
C PRO C 229 -31.53 21.12 14.36
N PHE C 230 -30.88 20.14 13.74
CA PHE C 230 -29.47 19.75 14.06
C PHE C 230 -28.58 20.99 13.85
N LEU C 231 -28.61 21.58 12.64
CA LEU C 231 -27.72 22.71 12.25
C LEU C 231 -27.98 23.93 13.13
N ARG C 232 -29.24 24.14 13.53
CA ARG C 232 -29.62 25.24 14.45
C ARG C 232 -29.05 24.96 15.84
N THR C 233 -29.12 23.70 16.27
CA THR C 233 -28.64 23.25 17.61
C THR C 233 -27.12 23.43 17.71
N VAL C 234 -26.39 23.11 16.63
CA VAL C 234 -24.91 23.32 16.54
C VAL C 234 -24.64 24.81 16.67
N ALA C 235 -25.36 25.63 15.91
CA ALA C 235 -25.18 27.10 15.87
C ALA C 235 -25.48 27.70 17.26
N LEU C 236 -26.42 27.11 18.01
CA LEU C 236 -26.76 27.55 19.38
C LEU C 236 -25.64 27.16 20.34
N TYR C 237 -25.03 25.98 20.15
CA TYR C 237 -23.94 25.43 21.00
C TYR C 237 -22.74 26.39 20.98
N TYR C 238 -22.31 26.82 19.78
CA TYR C 238 -21.25 27.84 19.59
C TYR C 238 -21.78 29.19 20.12
N GLY C 239 -23.05 29.48 19.87
CA GLY C 239 -23.79 30.67 20.36
C GLY C 239 -23.62 30.90 21.86
N GLN C 240 -23.95 29.89 22.68
CA GLN C 240 -23.91 30.02 24.17
C GLN C 240 -22.52 30.56 24.57
N LYS C 241 -21.46 29.97 24.01
CA LYS C 241 -20.05 30.26 24.38
C LYS C 241 -19.66 31.67 23.90
N ALA C 242 -20.31 32.19 22.85
CA ALA C 242 -19.95 33.49 22.23
C ALA C 242 -20.83 34.63 22.78
N GLY C 243 -21.91 34.30 23.50
CA GLY C 243 -22.89 35.28 24.02
C GLY C 243 -23.76 35.89 22.93
N VAL C 244 -24.14 35.09 21.91
CA VAL C 244 -25.11 35.45 20.83
C VAL C 244 -26.07 34.26 20.65
N LYS C 245 -27.01 34.37 19.72
CA LYS C 245 -27.98 33.28 19.43
C LYS C 245 -27.28 32.17 18.63
N TYR C 246 -26.77 32.51 17.44
CA TYR C 246 -26.20 31.58 16.43
C TYR C 246 -24.76 32.01 16.10
N ALA C 247 -23.80 31.08 16.19
CA ALA C 247 -22.35 31.32 15.96
C ALA C 247 -21.69 30.14 15.24
N GLU C 248 -20.49 30.38 14.69
CA GLU C 248 -19.57 29.32 14.23
C GLU C 248 -18.30 29.38 15.07
N GLY C 249 -17.88 28.24 15.60
CA GLY C 249 -16.71 28.11 16.49
C GLY C 249 -15.49 27.69 15.72
N PHE C 250 -14.36 28.32 16.01
CA PHE C 250 -13.05 27.98 15.39
C PHE C 250 -12.05 27.77 16.52
N ARG C 251 -11.11 26.86 16.30
CA ARG C 251 -9.90 26.77 17.16
C ARG C 251 -8.73 27.38 16.39
N ILE C 252 -8.14 28.41 16.97
CA ILE C 252 -6.92 29.08 16.47
C ILE C 252 -5.84 28.89 17.52
N MET C 253 -4.67 28.41 17.08
CA MET C 253 -3.46 28.25 17.93
C MET C 253 -2.26 28.76 17.13
N PRO C 254 -1.15 29.17 17.81
CA PRO C 254 0.10 29.43 17.10
C PRO C 254 0.61 28.14 16.44
N GLY C 255 1.20 28.24 15.24
CA GLY C 255 1.76 27.09 14.49
C GLY C 255 2.59 26.19 15.39
N LEU C 256 3.34 26.78 16.33
CA LEU C 256 4.28 26.09 17.25
C LEU C 256 3.55 25.03 18.08
N PHE C 257 2.28 25.26 18.44
CA PHE C 257 1.51 24.44 19.42
C PHE C 257 1.00 23.14 18.78
N TYR C 258 1.16 22.99 17.47
CA TYR C 258 0.78 21.77 16.70
C TYR C 258 1.94 20.76 16.71
N HIS C 259 2.97 21.02 17.50
CA HIS C 259 4.18 20.16 17.64
C HIS C 259 4.65 20.20 19.11
N ILE C 260 4.69 19.03 19.75
CA ILE C 260 5.36 18.70 21.05
C ILE C 260 5.07 19.74 22.15
N THR C 261 3.85 20.27 22.19
CA THR C 261 3.40 21.29 23.16
C THR C 261 2.41 20.64 24.14
N PRO C 262 2.88 20.31 25.35
CA PRO C 262 2.05 19.65 26.36
C PRO C 262 0.93 20.50 26.99
N PHE C 263 0.95 21.82 26.78
CA PHE C 263 -0.06 22.76 27.32
C PHE C 263 -0.89 23.34 26.17
N ALA C 264 -0.81 22.73 24.98
CA ALA C 264 -1.54 23.15 23.76
C ALA C 264 -3.03 23.34 24.05
N GLU C 265 -3.61 22.46 24.88
CA GLU C 265 -5.08 22.46 25.16
C GLU C 265 -5.44 23.53 26.20
N LEU C 266 -4.45 24.31 26.64
CA LEU C 266 -4.63 25.29 27.74
C LEU C 266 -4.91 26.69 27.18
N ILE C 267 -5.06 26.82 25.85
CA ILE C 267 -5.68 28.01 25.18
C ILE C 267 -7.00 27.59 24.53
N MET D 1 -10.76 3.15 -49.13
CA MET D 1 -11.38 1.82 -48.85
C MET D 1 -10.69 1.19 -47.62
N PHE D 2 -9.74 0.29 -47.84
CA PHE D 2 -9.11 -0.65 -46.84
C PHE D 2 -9.99 -1.89 -46.69
N GLU D 3 -11.32 -1.74 -46.80
CA GLU D 3 -12.33 -2.82 -46.96
C GLU D 3 -11.90 -3.80 -48.06
N GLU D 4 -11.30 -3.32 -49.15
CA GLU D 4 -11.05 -4.13 -50.37
C GLU D 4 -9.83 -5.04 -50.17
N ILE D 5 -8.86 -4.58 -49.41
CA ILE D 5 -7.60 -5.34 -49.13
C ILE D 5 -7.99 -6.61 -48.36
N ASN D 6 -7.47 -7.77 -48.80
CA ASN D 6 -7.67 -9.09 -48.12
C ASN D 6 -6.31 -9.78 -47.97
N ASP D 7 -5.20 -9.03 -47.95
CA ASP D 7 -3.87 -9.58 -47.58
C ASP D 7 -3.29 -8.74 -46.42
N PHE D 8 -2.83 -9.41 -45.35
CA PHE D 8 -2.26 -8.74 -44.15
C PHE D 8 -1.03 -7.91 -44.54
N GLU D 9 -0.09 -8.51 -45.28
CA GLU D 9 1.22 -7.88 -45.59
C GLU D 9 0.97 -6.51 -46.25
N THR D 10 -0.03 -6.41 -47.14
CA THR D 10 -0.42 -5.14 -47.84
C THR D 10 -0.98 -4.12 -46.86
N ALA D 11 -1.96 -4.53 -46.05
CA ALA D 11 -2.65 -3.67 -45.05
C ALA D 11 -1.63 -3.11 -44.06
N PHE D 12 -0.64 -3.93 -43.69
CA PHE D 12 0.42 -3.60 -42.71
C PHE D 12 1.28 -2.46 -43.27
N LYS D 13 1.79 -2.63 -44.49
CA LYS D 13 2.62 -1.62 -45.19
C LYS D 13 1.80 -0.32 -45.34
N ARG D 14 0.53 -0.45 -45.70
CA ARG D 14 -0.40 0.69 -45.90
C ARG D 14 -0.65 1.40 -44.56
N LEU D 15 -0.83 0.67 -43.47
CA LEU D 15 -1.10 1.23 -42.13
C LEU D 15 0.12 2.04 -41.64
N LEU D 16 1.32 1.48 -41.76
CA LEU D 16 2.60 2.10 -41.33
C LEU D 16 2.88 3.37 -42.14
N ASN D 17 2.87 3.23 -43.47
CA ASN D 17 3.37 4.25 -44.44
C ASN D 17 2.36 5.40 -44.58
N GLU D 18 1.07 5.10 -44.79
CA GLU D 18 0.05 6.10 -45.22
C GLU D 18 -0.77 6.57 -44.02
N VAL D 19 -1.22 5.65 -43.17
CA VAL D 19 -2.16 5.98 -42.04
C VAL D 19 -1.38 6.61 -40.90
N LEU D 20 -0.31 5.95 -40.45
CA LEU D 20 0.48 6.35 -39.25
C LEU D 20 1.62 7.29 -39.64
N GLU D 21 2.04 7.25 -40.90
CA GLU D 21 3.15 8.11 -41.45
C GLU D 21 4.39 7.86 -40.59
N PHE D 22 4.70 6.58 -40.38
CA PHE D 22 5.84 6.12 -39.54
C PHE D 22 7.10 6.07 -40.41
N ASP D 23 8.19 6.64 -39.90
CA ASP D 23 9.47 6.81 -40.64
C ASP D 23 10.64 6.37 -39.73
N LEU D 24 11.21 5.19 -39.99
CA LEU D 24 12.39 4.66 -39.28
C LEU D 24 13.68 5.28 -39.84
N GLN D 25 13.68 5.79 -41.07
CA GLN D 25 14.92 6.28 -41.75
C GLN D 25 15.41 7.55 -41.05
N ASN D 26 14.54 8.55 -40.84
CA ASN D 26 14.90 9.72 -39.98
C ASN D 26 13.73 10.00 -39.02
N PRO D 27 13.66 9.28 -37.88
CA PRO D 27 12.57 9.42 -36.92
C PRO D 27 12.69 10.61 -35.97
N LEU D 28 13.81 11.32 -35.99
CA LEU D 28 14.06 12.49 -35.10
C LEU D 28 13.86 13.79 -35.89
N LYS D 29 13.16 13.73 -37.03
CA LYS D 29 12.97 14.85 -37.97
C LYS D 29 12.80 16.16 -37.21
N ASP D 30 11.68 16.33 -36.52
CA ASP D 30 11.23 17.66 -36.02
C ASP D 30 11.35 17.70 -34.49
N VAL D 31 12.29 16.97 -33.90
CA VAL D 31 12.50 16.94 -32.42
C VAL D 31 13.64 17.89 -32.08
N LYS D 32 13.36 18.93 -31.29
CA LYS D 32 14.32 19.99 -30.88
C LYS D 32 14.61 19.84 -29.39
N LYS D 33 13.65 19.33 -28.60
CA LYS D 33 13.81 19.06 -27.14
C LYS D 33 13.41 17.61 -26.82
N VAL D 34 14.28 16.86 -26.12
CA VAL D 34 14.02 15.46 -25.69
C VAL D 34 14.30 15.30 -24.19
N LEU D 35 13.49 14.48 -23.50
CA LEU D 35 13.77 13.99 -22.12
C LEU D 35 14.42 12.61 -22.21
N CYS D 36 15.51 12.41 -21.47
CA CYS D 36 16.12 11.08 -21.22
C CYS D 36 15.82 10.70 -19.77
N ILE D 37 15.05 9.64 -19.59
CA ILE D 37 14.59 9.16 -18.25
C ILE D 37 15.53 8.02 -17.84
N GLU D 38 16.26 8.21 -16.74
CA GLU D 38 17.22 7.22 -16.21
C GLU D 38 16.74 6.78 -14.84
N PRO D 39 16.73 5.47 -14.57
CA PRO D 39 16.42 4.96 -13.23
C PRO D 39 17.44 5.42 -12.18
N HIS D 40 18.73 5.37 -12.52
CA HIS D 40 19.85 5.69 -11.60
C HIS D 40 20.77 6.71 -12.24
N PRO D 41 21.51 7.51 -11.45
CA PRO D 41 22.59 8.34 -11.99
C PRO D 41 23.62 7.45 -12.70
N ASP D 42 23.78 7.64 -14.01
CA ASP D 42 24.74 6.95 -14.91
C ASP D 42 23.99 6.18 -15.99
N ASP D 43 22.69 5.95 -15.86
CA ASP D 43 21.96 5.02 -16.76
C ASP D 43 21.85 5.65 -18.15
N CYS D 44 21.63 6.96 -18.22
CA CYS D 44 21.51 7.70 -19.50
C CYS D 44 22.81 7.56 -20.30
N VAL D 45 23.93 7.84 -19.65
CA VAL D 45 25.26 7.89 -20.33
C VAL D 45 25.66 6.47 -20.74
N ILE D 46 25.40 5.45 -19.91
CA ILE D 46 25.79 4.03 -20.21
C ILE D 46 24.90 3.52 -21.36
N GLY D 47 23.63 3.92 -21.35
CA GLY D 47 22.63 3.39 -22.28
C GLY D 47 22.74 4.05 -23.65
N MET D 48 22.87 5.39 -23.65
CA MET D 48 22.78 6.18 -24.90
C MET D 48 23.59 7.46 -24.79
N GLY D 49 24.71 7.46 -24.06
CA GLY D 49 25.62 8.62 -23.93
C GLY D 49 26.14 9.13 -25.26
N GLY D 50 26.57 8.22 -26.14
CA GLY D 50 27.07 8.55 -27.50
C GLY D 50 26.03 9.31 -28.29
N THR D 51 24.80 8.81 -28.32
CA THR D 51 23.65 9.43 -29.03
C THR D 51 23.36 10.81 -28.43
N ILE D 52 23.46 10.97 -27.11
CA ILE D 52 23.18 12.26 -26.42
C ILE D 52 24.18 13.32 -26.91
N LYS D 53 25.47 12.96 -27.00
CA LYS D 53 26.55 13.87 -27.47
C LYS D 53 26.23 14.27 -28.92
N ARG D 54 25.88 13.31 -29.77
CA ARG D 54 25.57 13.56 -31.20
C ARG D 54 24.35 14.50 -31.29
N LEU D 55 23.38 14.35 -30.39
CA LEU D 55 22.15 15.18 -30.38
C LEU D 55 22.48 16.61 -29.96
N THR D 56 23.24 16.82 -28.87
CA THR D 56 23.53 18.17 -28.32
C THR D 56 24.46 18.95 -29.26
N ASP D 57 25.36 18.24 -29.95
CA ASP D 57 26.22 18.79 -31.04
C ASP D 57 25.34 19.39 -32.14
N ARG D 58 24.29 18.68 -32.58
CA ARG D 58 23.35 19.18 -33.64
C ARG D 58 22.37 20.21 -33.05
N GLY D 59 22.52 20.62 -31.80
CA GLY D 59 21.76 21.72 -31.17
C GLY D 59 20.41 21.30 -30.60
N ILE D 60 20.16 20.00 -30.44
CA ILE D 60 18.95 19.46 -29.75
C ILE D 60 19.16 19.59 -28.23
N GLU D 61 18.18 20.15 -27.52
CA GLU D 61 18.20 20.29 -26.02
C GLU D 61 17.85 18.93 -25.42
N VAL D 62 18.77 18.37 -24.63
CA VAL D 62 18.60 17.04 -23.96
C VAL D 62 18.55 17.29 -22.46
N ILE D 63 17.43 16.92 -21.83
CA ILE D 63 17.16 17.13 -20.39
C ILE D 63 17.05 15.75 -19.74
N TYR D 64 17.78 15.52 -18.64
CA TYR D 64 17.70 14.27 -17.85
C TYR D 64 16.56 14.38 -16.84
N ILE D 65 15.86 13.27 -16.65
CA ILE D 65 15.08 12.98 -15.43
C ILE D 65 15.72 11.77 -14.77
N CYS D 66 16.15 11.91 -13.52
CA CYS D 66 16.72 10.83 -12.72
C CYS D 66 15.67 10.43 -11.67
N MET D 67 15.23 9.17 -11.70
CA MET D 67 14.13 8.67 -10.84
C MET D 67 14.65 8.53 -9.40
N THR D 68 15.87 8.04 -9.20
CA THR D 68 16.41 7.69 -7.86
C THR D 68 17.68 8.48 -7.54
N ASP D 69 18.11 8.39 -6.27
CA ASP D 69 19.26 9.12 -5.69
C ASP D 69 20.54 8.26 -5.82
N GLY D 70 20.43 6.98 -6.16
CA GLY D 70 21.59 6.05 -6.25
C GLY D 70 22.21 5.72 -4.89
N TYR D 71 21.43 5.81 -3.80
CA TYR D 71 21.78 5.66 -2.36
C TYR D 71 22.46 4.32 -2.05
N MET D 72 22.14 3.25 -2.79
CA MET D 72 22.54 1.85 -2.43
C MET D 72 23.83 1.41 -3.15
N GLY D 73 24.24 2.09 -4.24
CA GLY D 73 25.27 1.61 -5.19
C GLY D 73 26.71 1.81 -4.71
N THR D 74 27.08 1.25 -3.55
CA THR D 74 28.48 1.09 -3.07
C THR D 74 28.57 -0.14 -2.17
N THR D 75 29.74 -0.79 -2.14
CA THR D 75 30.08 -1.93 -1.24
C THR D 75 30.99 -1.45 -0.10
N ASP D 76 31.28 -0.15 -0.02
CA ASP D 76 32.12 0.46 1.05
C ASP D 76 31.26 0.63 2.31
N GLU D 77 31.62 -0.02 3.43
CA GLU D 77 30.88 0.06 4.72
C GLU D 77 30.99 1.47 5.35
N ASN D 78 31.88 2.34 4.83
CA ASN D 78 32.18 3.68 5.41
C ASN D 78 31.37 4.79 4.73
N ILE D 79 30.75 4.52 3.57
CA ILE D 79 29.94 5.54 2.82
C ILE D 79 28.46 5.27 3.10
N THR D 80 27.81 6.10 3.94
CA THR D 80 26.34 6.10 4.13
C THR D 80 25.67 6.41 2.77
N GLY D 81 24.41 6.02 2.63
CA GLY D 81 23.63 6.30 1.40
C GLY D 81 23.50 7.80 1.13
N HIS D 82 23.31 8.60 2.17
CA HIS D 82 23.19 10.08 2.06
C HIS D 82 24.51 10.63 1.50
N GLU D 83 25.65 10.17 2.00
CA GLU D 83 26.99 10.57 1.49
C GLU D 83 27.03 10.24 0.00
N LEU D 84 26.66 9.01 -0.38
CA LEU D 84 26.83 8.52 -1.77
C LEU D 84 25.91 9.29 -2.71
N ALA D 85 24.71 9.66 -2.26
CA ALA D 85 23.73 10.43 -3.07
C ALA D 85 24.38 11.75 -3.50
N GLN D 86 24.88 12.57 -2.56
CA GLN D 86 25.65 13.82 -2.82
C GLN D 86 26.76 13.56 -3.84
N ILE D 87 27.52 12.49 -3.65
CA ILE D 87 28.69 12.14 -4.50
C ILE D 87 28.21 11.89 -5.93
N ARG D 88 27.11 11.16 -6.12
CA ARG D 88 26.65 10.72 -7.46
C ARG D 88 25.88 11.87 -8.14
N ARG D 89 25.36 12.83 -7.39
CA ARG D 89 24.81 14.07 -7.98
C ARG D 89 25.97 14.84 -8.65
N LYS D 90 27.08 15.06 -7.94
CA LYS D 90 28.27 15.76 -8.51
C LYS D 90 28.73 14.98 -9.73
N GLU D 91 28.80 13.66 -9.62
CA GLU D 91 29.30 12.78 -10.72
C GLU D 91 28.40 12.97 -11.95
N GLU D 92 27.07 12.92 -11.82
CA GLU D 92 26.14 12.99 -12.98
C GLU D 92 26.17 14.41 -13.55
N GLU D 93 26.33 15.44 -12.71
CA GLU D 93 26.52 16.84 -13.20
C GLU D 93 27.78 16.90 -14.08
N GLU D 94 28.89 16.31 -13.62
CA GLU D 94 30.18 16.26 -14.33
C GLU D 94 30.00 15.53 -15.66
N SER D 95 29.47 14.30 -15.61
CA SER D 95 29.19 13.44 -16.78
C SER D 95 28.26 14.16 -17.77
N ALA D 96 27.32 14.95 -17.27
CA ALA D 96 26.30 15.64 -18.08
C ALA D 96 26.97 16.77 -18.88
N LYS D 97 27.84 17.57 -18.26
CA LYS D 97 28.63 18.65 -18.91
C LYS D 97 29.41 18.07 -20.11
N MET D 98 30.04 16.89 -19.97
CA MET D 98 30.91 16.31 -21.04
C MET D 98 30.11 16.01 -22.30
N LEU D 99 28.87 15.50 -22.14
CA LEU D 99 27.82 15.46 -23.19
C LEU D 99 27.15 16.82 -23.11
N GLY D 100 26.18 17.18 -23.95
CA GLY D 100 25.80 18.61 -23.95
C GLY D 100 24.72 18.96 -22.93
N VAL D 101 24.62 18.27 -21.80
CA VAL D 101 23.38 18.26 -20.95
C VAL D 101 23.51 19.26 -19.81
N LYS D 102 22.53 20.17 -19.70
CA LYS D 102 22.56 21.34 -18.78
C LYS D 102 21.53 21.18 -17.65
N LYS D 103 20.35 20.62 -17.94
CA LYS D 103 19.23 20.53 -16.98
C LYS D 103 19.02 19.06 -16.57
N ILE D 104 19.00 18.80 -15.27
CA ILE D 104 18.62 17.49 -14.66
C ILE D 104 17.48 17.73 -13.65
N TYR D 105 16.40 16.96 -13.75
CA TYR D 105 15.34 16.88 -12.73
C TYR D 105 15.63 15.65 -11.86
N TRP D 106 15.73 15.85 -10.54
CA TRP D 106 15.88 14.76 -9.56
C TRP D 106 14.53 14.52 -8.87
N LEU D 107 13.94 13.35 -9.07
CA LEU D 107 12.71 12.94 -8.36
C LEU D 107 13.05 12.55 -6.91
N ASN D 108 14.26 12.02 -6.65
CA ASN D 108 14.78 11.73 -5.29
C ASN D 108 14.06 10.54 -4.63
N TYR D 109 13.48 9.61 -5.39
CA TYR D 109 13.07 8.30 -4.86
C TYR D 109 14.34 7.51 -4.47
N ARG D 110 14.30 6.74 -3.39
CA ARG D 110 15.48 5.97 -2.94
C ARG D 110 15.73 4.79 -3.89
N ASP D 111 17.00 4.62 -4.29
CA ASP D 111 17.53 3.46 -5.03
C ASP D 111 16.92 2.20 -4.40
N THR D 112 16.37 1.31 -5.23
CA THR D 112 15.80 -0.04 -4.91
C THR D 112 14.36 0.08 -4.39
N GLU D 113 13.81 1.30 -4.26
CA GLU D 113 12.48 1.55 -3.64
C GLU D 113 11.66 2.51 -4.52
N LEU D 114 11.87 2.46 -5.84
CA LEU D 114 11.07 3.24 -6.81
C LEU D 114 9.71 2.58 -6.91
N PRO D 115 8.64 3.21 -6.36
CA PRO D 115 7.30 2.62 -6.45
C PRO D 115 6.83 2.61 -7.91
N TYR D 116 6.06 1.58 -8.29
CA TYR D 116 5.18 1.62 -9.48
C TYR D 116 3.80 2.10 -9.03
N SER D 117 3.62 3.42 -8.92
CA SER D 117 2.41 4.05 -8.31
C SER D 117 1.94 5.21 -9.16
N ARG D 118 0.67 5.59 -9.00
CA ARG D 118 0.05 6.80 -9.59
C ARG D 118 0.90 8.02 -9.22
N GLU D 119 1.50 8.03 -8.03
CA GLU D 119 2.26 9.19 -7.51
C GLU D 119 3.44 9.53 -8.44
N VAL D 120 4.20 8.51 -8.84
CA VAL D 120 5.42 8.72 -9.68
C VAL D 120 4.98 9.07 -11.11
N ARG D 121 3.85 8.55 -11.57
CA ARG D 121 3.27 8.92 -12.88
C ARG D 121 3.01 10.42 -12.90
N LYS D 122 2.35 10.96 -11.87
CA LYS D 122 2.04 12.41 -11.72
C LYS D 122 3.32 13.26 -11.75
N ASP D 123 4.35 12.87 -11.00
CA ASP D 123 5.67 13.55 -10.99
C ASP D 123 6.20 13.67 -12.42
N LEU D 124 6.18 12.59 -13.21
CA LEU D 124 6.71 12.57 -14.60
C LEU D 124 5.82 13.39 -15.53
N VAL D 125 4.50 13.21 -15.45
CA VAL D 125 3.52 14.02 -16.23
C VAL D 125 3.75 15.51 -15.98
N LYS D 126 3.94 15.93 -14.73
CA LYS D 126 4.17 17.34 -14.35
C LYS D 126 5.36 17.90 -15.14
N ILE D 127 6.45 17.15 -15.24
CA ILE D 127 7.67 17.56 -15.98
C ILE D 127 7.37 17.56 -17.49
N ILE D 128 6.69 16.55 -18.01
CA ILE D 128 6.40 16.48 -19.48
C ILE D 128 5.54 17.69 -19.86
N ARG D 129 4.54 18.04 -19.06
CA ARG D 129 3.61 19.16 -19.35
C ARG D 129 4.34 20.50 -19.26
N LYS D 130 5.30 20.63 -18.33
CA LYS D 130 6.07 21.89 -18.17
C LYS D 130 7.05 22.07 -19.35
N GLU D 131 7.85 21.04 -19.63
CA GLU D 131 8.97 21.11 -20.61
C GLU D 131 8.47 20.92 -22.04
N LYS D 132 7.27 20.36 -22.24
CA LYS D 132 6.67 20.18 -23.58
C LYS D 132 7.69 19.57 -24.54
N PRO D 133 8.38 18.46 -24.18
CA PRO D 133 9.39 17.88 -25.05
C PRO D 133 8.77 17.18 -26.26
N ASP D 134 9.52 17.10 -27.35
CA ASP D 134 9.07 16.53 -28.65
C ASP D 134 9.25 15.03 -28.62
N GLY D 135 10.26 14.54 -27.88
CA GLY D 135 10.56 13.11 -27.75
C GLY D 135 10.92 12.72 -26.32
N VAL D 136 10.78 11.43 -25.99
CA VAL D 136 11.19 10.87 -24.67
C VAL D 136 11.96 9.58 -24.94
N PHE D 137 13.14 9.46 -24.33
CA PHE D 137 13.93 8.21 -24.28
C PHE D 137 13.78 7.60 -22.88
N LEU D 138 13.58 6.28 -22.81
CA LEU D 138 13.35 5.53 -21.55
C LEU D 138 13.81 4.09 -21.74
N PRO D 139 14.23 3.41 -20.66
CA PRO D 139 14.70 2.02 -20.76
C PRO D 139 13.52 1.09 -21.10
N ASP D 140 13.77 0.16 -22.02
CA ASP D 140 12.81 -0.88 -22.49
C ASP D 140 12.45 -1.75 -21.29
N PRO D 141 11.22 -1.68 -20.75
CA PRO D 141 10.86 -2.50 -19.60
C PRO D 141 10.76 -3.99 -19.91
N TRP D 142 10.74 -4.37 -21.21
CA TRP D 142 10.66 -5.79 -21.67
C TRP D 142 12.03 -6.36 -21.99
N LEU D 143 13.11 -5.73 -21.50
CA LEU D 143 14.48 -6.25 -21.66
C LEU D 143 14.51 -7.61 -20.98
N PRO D 144 14.79 -8.71 -21.72
CA PRO D 144 14.88 -10.03 -21.11
C PRO D 144 15.97 -10.05 -20.03
N TYR D 145 15.61 -10.65 -18.90
CA TYR D 145 16.50 -10.97 -17.75
C TYR D 145 16.86 -9.72 -16.96
N GLU D 146 16.13 -8.63 -17.14
CA GLU D 146 16.32 -7.41 -16.31
C GLU D 146 15.76 -7.67 -14.91
N ALA D 147 16.64 -7.82 -13.92
CA ALA D 147 16.31 -8.18 -12.53
C ALA D 147 16.15 -6.93 -11.66
N HIS D 148 16.60 -5.75 -12.11
CA HIS D 148 16.56 -4.53 -11.26
C HIS D 148 15.15 -3.94 -11.29
N PRO D 149 14.46 -3.89 -10.12
CA PRO D 149 13.10 -3.37 -10.06
C PRO D 149 13.00 -1.92 -10.54
N ASP D 150 14.00 -1.08 -10.24
CA ASP D 150 14.00 0.35 -10.65
C ASP D 150 13.97 0.45 -12.19
N HIS D 151 14.66 -0.45 -12.90
CA HIS D 151 14.70 -0.46 -14.38
C HIS D 151 13.32 -0.82 -14.93
N ARG D 152 12.73 -1.91 -14.42
CA ARG D 152 11.39 -2.34 -14.88
C ARG D 152 10.39 -1.22 -14.60
N ALA D 153 10.34 -0.68 -13.38
CA ALA D 153 9.36 0.36 -12.98
C ALA D 153 9.53 1.64 -13.83
N THR D 154 10.77 2.07 -14.07
CA THR D 154 11.05 3.31 -14.82
C THR D 154 10.46 3.24 -16.23
N GLY D 155 10.70 2.13 -16.93
CA GLY D 155 10.22 1.95 -18.31
C GLY D 155 8.71 2.01 -18.39
N PHE D 156 8.01 1.25 -17.56
CA PHE D 156 6.53 1.19 -17.50
C PHE D 156 5.97 2.57 -17.11
N LEU D 157 6.50 3.18 -16.04
CA LEU D 157 6.07 4.52 -15.55
C LEU D 157 6.20 5.56 -16.67
N ALA D 158 7.32 5.55 -17.39
CA ALA D 158 7.63 6.54 -18.45
C ALA D 158 6.62 6.41 -19.59
N LEU D 159 6.30 5.19 -20.00
CA LEU D 159 5.30 4.93 -21.08
C LEU D 159 3.92 5.40 -20.61
N ASP D 160 3.59 5.18 -19.34
CA ASP D 160 2.30 5.64 -18.75
C ASP D 160 2.27 7.18 -18.79
N ALA D 161 3.34 7.82 -18.33
CA ALA D 161 3.42 9.29 -18.24
C ALA D 161 3.18 9.88 -19.63
N VAL D 162 3.85 9.36 -20.65
CA VAL D 162 3.70 9.82 -22.07
C VAL D 162 2.23 9.68 -22.48
N ALA D 163 1.62 8.51 -22.22
CA ALA D 163 0.24 8.19 -22.66
C ALA D 163 -0.78 9.06 -21.91
N PHE D 164 -0.52 9.46 -20.67
CA PHE D 164 -1.52 10.15 -19.78
C PHE D 164 -1.33 11.68 -19.75
N SER D 165 -0.17 12.17 -20.19
CA SER D 165 0.15 13.62 -20.21
C SER D 165 -0.91 14.39 -21.01
N PRO D 166 -1.37 13.89 -22.18
CA PRO D 166 -2.40 14.59 -22.98
C PRO D 166 -3.84 14.53 -22.46
N LEU D 167 -4.12 13.79 -21.38
CA LEU D 167 -5.50 13.57 -20.87
C LEU D 167 -5.80 14.61 -19.79
N PRO D 168 -6.73 15.57 -20.02
CA PRO D 168 -6.96 16.65 -19.08
C PRO D 168 -7.47 16.23 -17.70
N ASN D 169 -8.08 15.07 -17.61
CA ASN D 169 -8.65 14.51 -16.35
C ASN D 169 -7.57 13.79 -15.56
N PHE D 170 -6.42 13.45 -16.18
CA PHE D 170 -5.24 12.87 -15.47
C PHE D 170 -4.46 13.99 -14.77
N SER D 171 -4.38 13.91 -13.45
CA SER D 171 -3.64 14.86 -12.58
C SER D 171 -4.16 16.25 -12.87
N ASN D 172 -5.45 16.46 -12.65
CA ASN D 172 -6.19 17.65 -13.14
C ASN D 172 -5.69 18.92 -12.42
N ILE D 173 -5.12 18.81 -11.23
CA ILE D 173 -4.61 20.01 -10.49
C ILE D 173 -3.47 20.64 -11.30
N ASP D 174 -2.74 19.88 -12.10
CA ASP D 174 -1.68 20.37 -13.03
C ASP D 174 -2.26 21.45 -13.95
N LEU D 175 -3.43 21.22 -14.53
CA LEU D 175 -4.10 22.18 -15.45
C LEU D 175 -4.68 23.36 -14.66
N ASP D 176 -5.23 23.11 -13.46
CA ASP D 176 -5.85 24.13 -12.58
C ASP D 176 -4.80 25.19 -12.19
N ILE D 177 -3.53 24.81 -12.05
CA ILE D 177 -2.44 25.77 -11.69
C ILE D 177 -1.72 26.26 -12.95
N GLY D 178 -2.15 25.83 -14.15
CA GLY D 178 -1.81 26.52 -15.41
C GLY D 178 -0.82 25.77 -16.30
N LEU D 179 -0.55 24.50 -16.04
CA LEU D 179 0.11 23.61 -17.03
C LEU D 179 -0.93 23.17 -18.06
N LYS D 180 -0.47 22.71 -19.23
CA LYS D 180 -1.37 22.30 -20.35
C LYS D 180 -1.11 20.84 -20.64
N PRO D 181 -2.11 20.08 -21.12
CA PRO D 181 -1.87 18.73 -21.62
C PRO D 181 -0.81 18.84 -22.71
N HIS D 182 0.05 17.85 -22.86
CA HIS D 182 1.07 17.82 -23.93
C HIS D 182 1.14 16.42 -24.52
N SER D 183 1.20 16.33 -25.84
CA SER D 183 1.44 15.09 -26.61
C SER D 183 2.90 15.06 -27.02
N VAL D 184 3.58 13.97 -26.70
CA VAL D 184 4.98 13.71 -27.12
C VAL D 184 4.89 13.07 -28.50
N SER D 185 5.69 13.54 -29.47
CA SER D 185 5.70 13.04 -30.88
C SER D 185 6.43 11.71 -30.96
N PHE D 186 7.51 11.56 -30.18
CA PHE D 186 8.53 10.50 -30.34
C PHE D 186 8.77 9.76 -29.02
N ILE D 187 8.85 8.43 -29.09
CA ILE D 187 9.22 7.54 -27.97
C ILE D 187 10.35 6.63 -28.46
N GLY D 188 11.46 6.58 -27.73
CA GLY D 188 12.59 5.69 -28.02
C GLY D 188 12.96 4.89 -26.79
N LEU D 189 13.06 3.57 -26.94
CA LEU D 189 13.49 2.64 -25.87
C LEU D 189 14.98 2.40 -26.04
N TYR D 190 15.81 2.72 -25.04
CA TYR D 190 17.24 2.30 -24.99
C TYR D 190 17.39 1.09 -24.08
N TYR D 191 18.60 0.54 -23.97
CA TYR D 191 18.87 -0.71 -23.21
C TYR D 191 17.89 -1.78 -23.71
N THR D 192 17.81 -1.97 -25.01
CA THR D 192 16.80 -2.87 -25.63
C THR D 192 17.49 -4.02 -26.36
N SER D 193 16.81 -5.17 -26.45
CA SER D 193 17.30 -6.40 -27.12
C SER D 193 16.59 -6.59 -28.46
N ARG D 194 15.62 -5.74 -28.78
CA ARG D 194 14.89 -5.76 -30.07
C ARG D 194 14.92 -4.34 -30.62
N PRO D 195 16.14 -3.83 -30.95
CA PRO D 195 16.28 -2.50 -31.56
C PRO D 195 15.96 -2.56 -33.05
N ASN D 196 15.39 -1.48 -33.60
CA ASN D 196 15.03 -1.36 -35.03
C ASN D 196 15.59 -0.05 -35.59
N TYR D 197 16.47 0.64 -34.84
CA TYR D 197 17.11 1.91 -35.24
C TYR D 197 18.46 2.02 -34.54
N PHE D 198 19.47 2.53 -35.23
CA PHE D 198 20.88 2.50 -34.78
C PHE D 198 21.54 3.86 -35.04
N VAL D 199 22.36 4.30 -34.08
CA VAL D 199 23.20 5.52 -34.15
C VAL D 199 24.66 5.05 -34.11
N ASP D 200 25.47 5.42 -35.10
CA ASP D 200 26.93 5.17 -35.11
C ASP D 200 27.55 6.03 -33.99
N ILE D 201 28.26 5.42 -33.04
CA ILE D 201 28.95 6.16 -31.94
C ILE D 201 30.46 5.85 -31.96
N THR D 202 30.97 5.27 -33.06
CA THR D 202 32.40 4.91 -33.24
C THR D 202 33.29 6.13 -32.98
N ASP D 203 32.89 7.30 -33.50
CA ASP D 203 33.69 8.55 -33.44
C ASP D 203 33.68 9.14 -32.02
N VAL D 204 32.62 8.89 -31.24
CA VAL D 204 32.45 9.52 -29.89
C VAL D 204 32.59 8.46 -28.77
N MET D 205 32.96 7.22 -29.11
CA MET D 205 33.03 6.10 -28.14
C MET D 205 33.98 6.46 -26.98
N ASP D 206 35.14 7.04 -27.29
CA ASP D 206 36.17 7.36 -26.26
C ASP D 206 35.61 8.42 -25.31
N LEU D 207 34.83 9.42 -25.80
CA LEU D 207 34.19 10.45 -24.93
C LEU D 207 33.10 9.79 -24.06
N LYS D 208 32.26 8.91 -24.64
CA LYS D 208 31.24 8.15 -23.89
C LYS D 208 31.89 7.46 -22.67
N LEU D 209 32.94 6.67 -22.91
CA LEU D 209 33.67 5.93 -21.85
C LEU D 209 34.24 6.91 -20.82
N LYS D 210 34.72 8.08 -21.22
CA LYS D 210 35.25 9.10 -20.26
C LYS D 210 34.10 9.58 -19.37
N ALA D 211 32.92 9.81 -19.97
CA ALA D 211 31.72 10.35 -19.30
C ALA D 211 31.10 9.30 -18.36
N ILE D 212 31.26 8.01 -18.68
CA ILE D 212 30.84 6.89 -17.78
C ILE D 212 31.79 6.85 -16.58
N ARG D 213 33.08 7.04 -16.86
CA ARG D 213 34.20 6.94 -15.89
C ARG D 213 34.11 8.10 -14.89
N ALA D 214 33.46 9.19 -15.27
CA ALA D 214 33.19 10.38 -14.41
C ALA D 214 32.42 9.94 -13.15
N HIS D 215 31.64 8.86 -13.24
CA HIS D 215 30.97 8.19 -12.09
C HIS D 215 31.99 7.33 -11.32
N LYS D 216 32.95 7.98 -10.64
CA LYS D 216 34.12 7.32 -10.01
C LYS D 216 33.64 6.30 -8.98
N SER D 217 32.69 6.69 -8.13
CA SER D 217 32.07 5.82 -7.10
C SER D 217 31.66 4.49 -7.71
N GLN D 218 31.18 4.48 -8.96
CA GLN D 218 30.60 3.28 -9.61
C GLN D 218 31.68 2.51 -10.41
N PHE D 219 32.75 3.17 -10.84
CA PHE D 219 33.75 2.55 -11.74
C PHE D 219 35.17 2.77 -11.23
N PRO D 220 35.55 2.19 -10.08
CA PRO D 220 36.97 2.11 -9.71
C PRO D 220 37.69 1.23 -10.73
N ASP D 221 39.02 1.23 -10.68
CA ASP D 221 39.92 0.55 -11.66
C ASP D 221 39.56 -0.94 -11.74
N ASP D 222 39.31 -1.60 -10.61
CA ASP D 222 39.07 -3.07 -10.55
C ASP D 222 37.73 -3.42 -11.24
N ILE D 223 36.68 -2.64 -11.00
CA ILE D 223 35.34 -2.83 -11.64
C ILE D 223 35.48 -2.58 -13.14
N TRP D 224 36.19 -1.51 -13.50
CA TRP D 224 36.42 -1.07 -14.91
C TRP D 224 37.07 -2.18 -15.76
N GLU D 225 37.87 -3.07 -15.15
CA GLU D 225 38.53 -4.21 -15.83
C GLU D 225 37.47 -5.07 -16.55
N THR D 226 36.29 -5.20 -15.94
CA THR D 226 35.14 -5.99 -16.46
C THR D 226 34.28 -5.13 -17.38
N TRP D 227 34.05 -3.85 -17.04
CA TRP D 227 32.97 -3.03 -17.65
C TRP D 227 33.40 -2.43 -19.00
N GLU D 228 34.68 -2.04 -19.17
CA GLU D 228 35.15 -1.53 -20.49
C GLU D 228 34.87 -2.60 -21.55
N PRO D 229 35.31 -3.86 -21.36
CA PRO D 229 34.99 -4.94 -22.29
C PRO D 229 33.50 -5.20 -22.48
N PHE D 230 32.73 -5.17 -21.39
CA PHE D 230 31.26 -5.34 -21.42
C PHE D 230 30.65 -4.27 -22.34
N LEU D 231 30.94 -2.99 -22.06
CA LEU D 231 30.33 -1.82 -22.76
C LEU D 231 30.75 -1.83 -24.24
N ARG D 232 31.96 -2.28 -24.54
CA ARG D 232 32.47 -2.41 -25.93
C ARG D 232 31.71 -3.54 -26.62
N THR D 233 31.47 -4.65 -25.91
CA THR D 233 30.79 -5.84 -26.46
C THR D 233 29.34 -5.48 -26.81
N VAL D 234 28.68 -4.70 -25.95
CA VAL D 234 27.30 -4.18 -26.17
C VAL D 234 27.31 -3.32 -27.44
N ALA D 235 28.26 -2.40 -27.53
CA ALA D 235 28.40 -1.44 -28.65
C ALA D 235 28.67 -2.20 -29.96
N LEU D 236 29.38 -3.34 -29.89
CA LEU D 236 29.66 -4.22 -31.07
C LEU D 236 28.38 -4.93 -31.48
N TYR D 237 27.57 -5.37 -30.51
CA TYR D 237 26.31 -6.12 -30.72
C TYR D 237 25.35 -5.27 -31.55
N TYR D 238 25.14 -4.00 -31.17
CA TYR D 238 24.35 -3.00 -31.92
C TYR D 238 25.07 -2.70 -33.24
N GLY D 239 26.41 -2.62 -33.19
CA GLY D 239 27.30 -2.42 -34.36
C GLY D 239 27.03 -3.40 -35.49
N GLN D 240 27.06 -4.71 -35.21
CA GLN D 240 26.87 -5.75 -36.25
C GLN D 240 25.59 -5.45 -37.04
N LYS D 241 24.50 -5.17 -36.33
CA LYS D 241 23.15 -4.97 -36.93
C LYS D 241 23.10 -3.65 -37.72
N ALA D 242 23.95 -2.67 -37.39
CA ALA D 242 23.93 -1.33 -38.02
C ALA D 242 24.95 -1.24 -39.17
N GLY D 243 25.87 -2.23 -39.28
CA GLY D 243 26.96 -2.23 -40.28
C GLY D 243 28.05 -1.20 -39.97
N VAL D 244 28.35 -0.99 -38.69
CA VAL D 244 29.48 -0.13 -38.20
C VAL D 244 30.21 -0.91 -37.09
N LYS D 245 31.25 -0.34 -36.50
CA LYS D 245 32.03 -0.96 -35.41
C LYS D 245 31.20 -0.89 -34.10
N TYR D 246 30.91 0.33 -33.64
CA TYR D 246 30.27 0.66 -32.34
C TYR D 246 28.99 1.46 -32.59
N ALA D 247 27.86 1.02 -32.02
CA ALA D 247 26.53 1.66 -32.17
C ALA D 247 25.73 1.63 -30.85
N GLU D 248 24.68 2.45 -30.79
CA GLU D 248 23.62 2.40 -29.75
C GLU D 248 22.30 2.05 -30.44
N GLY D 249 21.62 1.04 -29.93
CA GLY D 249 20.35 0.52 -30.48
C GLY D 249 19.16 1.11 -29.77
N PHE D 250 18.14 1.49 -30.53
CA PHE D 250 16.87 2.03 -30.02
C PHE D 250 15.73 1.22 -30.62
N ARG D 251 14.65 1.04 -29.86
CA ARG D 251 13.37 0.56 -30.43
C ARG D 251 12.42 1.75 -30.53
N ILE D 252 12.00 2.05 -31.76
CA ILE D 252 10.99 3.10 -32.08
C ILE D 252 9.79 2.41 -32.72
N MET D 253 8.60 2.71 -32.21
CA MET D 253 7.30 2.24 -32.73
C MET D 253 6.33 3.42 -32.74
N PRO D 254 5.28 3.40 -33.58
CA PRO D 254 4.17 4.34 -33.46
C PRO D 254 3.49 4.18 -32.09
N GLY D 255 3.05 5.28 -31.47
CA GLY D 255 2.35 5.30 -30.17
C GLY D 255 1.28 4.23 -30.10
N LEU D 256 0.56 4.02 -31.21
CA LEU D 256 -0.60 3.09 -31.32
C LEU D 256 -0.18 1.65 -30.98
N PHE D 257 1.06 1.25 -31.28
CA PHE D 257 1.56 -0.15 -31.18
C PHE D 257 1.85 -0.54 -29.73
N TYR D 258 1.80 0.41 -28.79
CA TYR D 258 2.02 0.18 -27.34
C TYR D 258 0.70 -0.20 -26.67
N HIS D 259 -0.34 -0.48 -27.44
CA HIS D 259 -1.71 -0.82 -26.96
C HIS D 259 -2.34 -1.81 -27.97
N ILE D 260 -2.71 -3.00 -27.48
CA ILE D 260 -3.57 -4.05 -28.11
C ILE D 260 -3.17 -4.33 -29.56
N THR D 261 -1.88 -4.31 -29.86
CA THR D 261 -1.35 -4.54 -31.23
C THR D 261 -0.61 -5.88 -31.24
N PRO D 262 -1.25 -6.94 -31.76
CA PRO D 262 -0.65 -8.28 -31.76
C PRO D 262 0.53 -8.49 -32.73
N PHE D 263 0.75 -7.55 -33.66
CA PHE D 263 1.87 -7.61 -34.64
C PHE D 263 2.92 -6.54 -34.31
N ALA D 264 2.86 -5.96 -33.11
CA ALA D 264 3.78 -4.91 -32.62
C ALA D 264 5.24 -5.34 -32.82
N GLU D 265 5.53 -6.61 -32.59
CA GLU D 265 6.91 -7.20 -32.63
C GLU D 265 7.36 -7.40 -34.09
N LEU D 266 6.53 -7.05 -35.06
CA LEU D 266 6.77 -7.38 -36.49
C LEU D 266 7.38 -6.16 -37.20
N ILE D 267 7.72 -5.09 -36.48
CA ILE D 267 8.62 -3.99 -36.93
C ILE D 267 9.91 -4.02 -36.08
N MET E 1 1.04 -47.18 -18.38
CA MET E 1 2.14 -47.46 -19.34
C MET E 1 3.04 -46.23 -19.52
N PHE E 2 2.72 -45.08 -18.89
CA PHE E 2 3.34 -43.73 -19.08
C PHE E 2 4.80 -43.74 -18.61
N GLU E 3 5.07 -44.56 -17.59
CA GLU E 3 6.43 -44.82 -17.04
C GLU E 3 7.40 -45.20 -18.15
N GLU E 4 6.95 -45.95 -19.18
CA GLU E 4 7.86 -46.57 -20.18
C GLU E 4 7.68 -45.89 -21.53
N ILE E 5 7.35 -44.60 -21.53
CA ILE E 5 7.46 -43.68 -22.72
C ILE E 5 8.83 -43.01 -22.65
N ASN E 6 9.56 -42.95 -23.77
CA ASN E 6 10.95 -42.40 -23.85
C ASN E 6 11.05 -41.27 -24.87
N ASP E 7 9.92 -40.77 -25.41
CA ASP E 7 9.93 -39.64 -26.38
C ASP E 7 8.96 -38.55 -25.89
N PHE E 8 9.41 -37.29 -25.85
CA PHE E 8 8.56 -36.15 -25.40
C PHE E 8 7.33 -36.01 -26.28
N GLU E 9 7.51 -35.99 -27.60
CA GLU E 9 6.44 -35.68 -28.60
C GLU E 9 5.27 -36.66 -28.34
N THR E 10 5.56 -37.92 -28.04
CA THR E 10 4.56 -39.00 -27.77
C THR E 10 3.81 -38.71 -26.45
N ALA E 11 4.54 -38.46 -25.37
CA ALA E 11 4.00 -38.21 -24.02
C ALA E 11 3.10 -36.98 -24.05
N PHE E 12 3.51 -35.96 -24.84
CA PHE E 12 2.79 -34.67 -24.98
C PHE E 12 1.42 -34.92 -25.62
N LYS E 13 1.39 -35.61 -26.76
CA LYS E 13 0.14 -35.99 -27.48
C LYS E 13 -0.76 -36.81 -26.52
N ARG E 14 -0.16 -37.75 -25.79
CA ARG E 14 -0.88 -38.65 -24.85
C ARG E 14 -1.45 -37.83 -23.68
N LEU E 15 -0.69 -36.87 -23.15
CA LEU E 15 -1.10 -36.02 -22.01
C LEU E 15 -2.29 -35.15 -22.40
N LEU E 16 -2.22 -34.51 -23.56
CA LEU E 16 -3.27 -33.57 -24.07
C LEU E 16 -4.55 -34.35 -24.38
N ASN E 17 -4.44 -35.42 -25.17
CA ASN E 17 -5.56 -36.15 -25.78
C ASN E 17 -6.27 -37.05 -24.75
N GLU E 18 -5.52 -37.85 -23.99
CA GLU E 18 -6.09 -38.95 -23.14
C GLU E 18 -6.20 -38.50 -21.69
N VAL E 19 -5.16 -37.87 -21.13
CA VAL E 19 -5.12 -37.50 -19.67
C VAL E 19 -5.97 -36.26 -19.42
N LEU E 20 -5.75 -35.19 -20.19
CA LEU E 20 -6.40 -33.86 -19.97
C LEU E 20 -7.72 -33.78 -20.77
N GLU E 21 -7.85 -34.56 -21.85
CA GLU E 21 -9.00 -34.53 -22.78
C GLU E 21 -9.21 -33.09 -23.28
N PHE E 22 -8.12 -32.49 -23.73
CA PHE E 22 -8.07 -31.11 -24.29
C PHE E 22 -8.45 -31.17 -25.77
N ASP E 23 -9.36 -30.28 -26.20
CA ASP E 23 -9.92 -30.25 -27.58
C ASP E 23 -9.83 -28.83 -28.17
N LEU E 24 -8.91 -28.57 -29.10
CA LEU E 24 -8.81 -27.28 -29.83
C LEU E 24 -9.85 -27.21 -30.96
N GLN E 25 -10.35 -28.33 -31.47
CA GLN E 25 -11.28 -28.37 -32.64
C GLN E 25 -12.61 -27.73 -32.26
N ASN E 26 -13.24 -28.16 -31.16
CA ASN E 26 -14.42 -27.48 -30.57
C ASN E 26 -14.19 -27.34 -29.07
N PRO E 27 -13.51 -26.25 -28.64
CA PRO E 27 -13.21 -26.04 -27.21
C PRO E 27 -14.36 -25.44 -26.42
N LEU E 28 -15.44 -25.04 -27.09
CA LEU E 28 -16.62 -24.41 -26.48
C LEU E 28 -17.75 -25.44 -26.39
N LYS E 29 -17.45 -26.73 -26.52
CA LYS E 29 -18.46 -27.83 -26.60
C LYS E 29 -19.60 -27.58 -25.61
N ASP E 30 -19.31 -27.67 -24.31
CA ASP E 30 -20.35 -27.74 -23.25
C ASP E 30 -20.33 -26.45 -22.43
N VAL E 31 -20.03 -25.32 -23.06
CA VAL E 31 -20.15 -23.97 -22.43
C VAL E 31 -21.50 -23.37 -22.83
N LYS E 32 -22.34 -23.07 -21.85
CA LYS E 32 -23.64 -22.37 -22.04
C LYS E 32 -23.52 -20.91 -21.56
N LYS E 33 -22.68 -20.65 -20.54
CA LYS E 33 -22.51 -19.29 -19.95
C LYS E 33 -21.02 -18.91 -19.88
N VAL E 34 -20.65 -17.74 -20.40
CA VAL E 34 -19.25 -17.22 -20.39
C VAL E 34 -19.21 -15.77 -19.86
N LEU E 35 -18.15 -15.45 -19.12
CA LEU E 35 -17.79 -14.06 -18.72
C LEU E 35 -16.76 -13.51 -19.69
N CYS E 36 -16.96 -12.29 -20.18
CA CYS E 36 -15.93 -11.50 -20.89
C CYS E 36 -15.47 -10.38 -19.97
N ILE E 37 -14.20 -10.42 -19.56
CA ILE E 37 -13.59 -9.44 -18.62
C ILE E 37 -12.85 -8.40 -19.47
N GLU E 38 -13.28 -7.15 -19.38
CA GLU E 38 -12.69 -6.02 -20.14
C GLU E 38 -12.12 -5.02 -19.15
N PRO E 39 -10.87 -4.56 -19.38
CA PRO E 39 -10.29 -3.50 -18.56
C PRO E 39 -11.06 -2.18 -18.65
N HIS E 40 -11.47 -1.80 -19.86
CA HIS E 40 -12.20 -0.53 -20.12
C HIS E 40 -13.48 -0.81 -20.90
N PRO E 41 -14.50 0.07 -20.82
CA PRO E 41 -15.65 0.01 -21.72
C PRO E 41 -15.20 0.12 -23.17
N ASP E 42 -15.43 -0.92 -23.97
CA ASP E 42 -15.11 -1.04 -25.41
C ASP E 42 -14.12 -2.18 -25.65
N ASP E 43 -13.44 -2.68 -24.62
CA ASP E 43 -12.30 -3.61 -24.82
C ASP E 43 -12.86 -4.94 -25.33
N CYS E 44 -14.01 -5.38 -24.80
CA CYS E 44 -14.65 -6.66 -25.20
C CYS E 44 -14.99 -6.62 -26.70
N VAL E 45 -15.65 -5.56 -27.14
CA VAL E 45 -16.15 -5.45 -28.54
C VAL E 45 -14.97 -5.31 -29.50
N ILE E 46 -13.92 -4.55 -29.15
CA ILE E 46 -12.73 -4.33 -30.03
C ILE E 46 -11.93 -5.64 -30.11
N GLY E 47 -11.85 -6.36 -29.00
CA GLY E 47 -11.01 -7.54 -28.89
C GLY E 47 -11.67 -8.76 -29.52
N MET E 48 -12.96 -8.97 -29.23
CA MET E 48 -13.67 -10.20 -29.62
C MET E 48 -15.18 -9.94 -29.81
N GLY E 49 -15.58 -8.75 -30.27
CA GLY E 49 -16.99 -8.41 -30.56
C GLY E 49 -17.65 -9.36 -31.56
N GLY E 50 -16.96 -9.70 -32.66
CA GLY E 50 -17.44 -10.63 -33.68
C GLY E 50 -17.77 -11.98 -33.07
N THR E 51 -16.85 -12.54 -32.28
CA THR E 51 -17.01 -13.84 -31.59
C THR E 51 -18.19 -13.76 -30.60
N ILE E 52 -18.38 -12.64 -29.91
CA ILE E 52 -19.50 -12.47 -28.93
C ILE E 52 -20.85 -12.59 -29.67
N LYS E 53 -20.98 -11.94 -30.83
CA LYS E 53 -22.21 -12.00 -31.66
C LYS E 53 -22.44 -13.46 -32.09
N ARG E 54 -21.40 -14.14 -32.58
CA ARG E 54 -21.48 -15.56 -33.03
C ARG E 54 -21.89 -16.44 -31.85
N LEU E 55 -21.43 -16.13 -30.64
CA LEU E 55 -21.76 -16.92 -29.42
C LEU E 55 -23.24 -16.72 -29.05
N THR E 56 -23.72 -15.49 -28.99
CA THR E 56 -25.12 -15.17 -28.54
C THR E 56 -26.14 -15.66 -29.58
N ASP E 57 -25.77 -15.64 -30.86
CA ASP E 57 -26.55 -16.24 -31.98
C ASP E 57 -26.76 -17.74 -31.72
N ARG E 58 -25.73 -18.48 -31.31
CA ARG E 58 -25.79 -19.94 -31.00
C ARG E 58 -26.44 -20.17 -29.63
N GLY E 59 -26.94 -19.12 -28.96
CA GLY E 59 -27.71 -19.21 -27.70
C GLY E 59 -26.85 -19.32 -26.44
N ILE E 60 -25.55 -19.03 -26.52
CA ILE E 60 -24.62 -18.95 -25.36
C ILE E 60 -24.85 -17.60 -24.65
N GLU E 61 -25.05 -17.62 -23.32
CA GLU E 61 -25.24 -16.41 -22.48
C GLU E 61 -23.86 -15.80 -22.24
N VAL E 62 -23.68 -14.54 -22.67
CA VAL E 62 -22.39 -13.80 -22.55
C VAL E 62 -22.64 -12.63 -21.61
N ILE E 63 -21.89 -12.57 -20.51
CA ILE E 63 -21.99 -11.53 -19.45
C ILE E 63 -20.66 -10.76 -19.42
N TYR E 64 -20.71 -9.43 -19.44
CA TYR E 64 -19.50 -8.58 -19.31
C TYR E 64 -19.19 -8.32 -17.84
N ILE E 65 -17.89 -8.31 -17.52
CA ILE E 65 -17.35 -7.60 -16.32
C ILE E 65 -16.43 -6.49 -16.83
N CYS E 66 -16.75 -5.26 -16.45
CA CYS E 66 -15.91 -4.08 -16.78
C CYS E 66 -15.16 -3.64 -15.51
N MET E 67 -13.82 -3.66 -15.56
CA MET E 67 -12.96 -3.42 -14.38
C MET E 67 -13.02 -1.92 -14.03
N THR E 68 -12.97 -1.03 -15.01
CA THR E 68 -12.85 0.44 -14.79
C THR E 68 -14.03 1.19 -15.38
N ASP E 69 -14.12 2.47 -15.06
CA ASP E 69 -15.21 3.41 -15.44
C ASP E 69 -14.86 4.12 -16.75
N GLY E 70 -13.62 4.03 -17.23
CA GLY E 70 -13.17 4.73 -18.46
C GLY E 70 -13.07 6.25 -18.30
N TYR E 71 -12.90 6.74 -17.07
CA TYR E 71 -12.88 8.16 -16.60
C TYR E 71 -11.85 9.03 -17.36
N MET E 72 -10.74 8.47 -17.82
CA MET E 72 -9.59 9.25 -18.34
C MET E 72 -9.63 9.39 -19.88
N GLY E 73 -10.38 8.54 -20.59
CA GLY E 73 -10.28 8.36 -22.06
C GLY E 73 -10.97 9.45 -22.89
N THR E 74 -10.59 10.72 -22.72
CA THR E 74 -10.96 11.87 -23.58
C THR E 74 -9.86 12.92 -23.54
N THR E 75 -9.67 13.66 -24.63
CA THR E 75 -8.73 14.82 -24.75
C THR E 75 -9.52 16.13 -24.69
N ASP E 76 -10.83 16.08 -24.53
CA ASP E 76 -11.72 17.27 -24.45
C ASP E 76 -11.62 17.86 -23.03
N GLU E 77 -11.18 19.11 -22.90
CA GLU E 77 -11.02 19.79 -21.59
C GLU E 77 -12.36 20.14 -20.96
N ASN E 78 -13.48 19.93 -21.65
CA ASN E 78 -14.85 20.30 -21.19
C ASN E 78 -15.56 19.11 -20.53
N ILE E 79 -15.05 17.89 -20.74
CA ILE E 79 -15.69 16.64 -20.21
C ILE E 79 -14.89 16.20 -18.96
N THR E 80 -15.42 16.42 -17.76
CA THR E 80 -14.93 15.81 -16.50
C THR E 80 -14.98 14.28 -16.63
N GLY E 81 -14.18 13.57 -15.84
CA GLY E 81 -14.16 12.10 -15.81
C GLY E 81 -15.50 11.52 -15.41
N HIS E 82 -16.19 12.14 -14.45
CA HIS E 82 -17.54 11.71 -13.99
C HIS E 82 -18.52 11.80 -15.16
N GLU E 83 -18.50 12.90 -15.93
CA GLU E 83 -19.34 13.05 -17.14
C GLU E 83 -19.04 11.89 -18.08
N LEU E 84 -17.77 11.62 -18.35
CA LEU E 84 -17.34 10.64 -19.38
C LEU E 84 -17.74 9.24 -18.94
N ALA E 85 -17.65 8.93 -17.65
CA ALA E 85 -18.03 7.61 -17.08
C ALA E 85 -19.49 7.30 -17.42
N GLN E 86 -20.42 8.19 -17.06
CA GLN E 86 -21.87 8.10 -17.43
C GLN E 86 -22.02 7.85 -18.93
N ILE E 87 -21.30 8.62 -19.74
CA ILE E 87 -21.41 8.59 -21.23
C ILE E 87 -20.99 7.19 -21.70
N ARG E 88 -19.91 6.63 -21.17
CA ARG E 88 -19.32 5.36 -21.67
C ARG E 88 -20.11 4.17 -21.13
N ARG E 89 -20.83 4.34 -20.02
CA ARG E 89 -21.79 3.31 -19.53
C ARG E 89 -22.91 3.17 -20.57
N LYS E 90 -23.54 4.28 -20.98
CA LYS E 90 -24.63 4.28 -22.00
C LYS E 90 -24.07 3.67 -23.29
N GLU E 91 -22.86 4.06 -23.67
CA GLU E 91 -22.22 3.58 -24.92
C GLU E 91 -22.06 2.05 -24.86
N GLU E 92 -21.53 1.50 -23.76
CA GLU E 92 -21.25 0.04 -23.65
C GLU E 92 -22.58 -0.72 -23.57
N GLU E 93 -23.61 -0.14 -22.93
CA GLU E 93 -24.98 -0.74 -22.91
C GLU E 93 -25.48 -0.84 -24.35
N GLU E 94 -25.35 0.23 -25.14
CA GLU E 94 -25.78 0.30 -26.56
C GLU E 94 -25.01 -0.75 -27.36
N SER E 95 -23.68 -0.74 -27.29
CA SER E 95 -22.77 -1.68 -27.98
C SER E 95 -23.09 -3.13 -27.59
N ALA E 96 -23.48 -3.36 -26.34
CA ALA E 96 -23.75 -4.70 -25.78
C ALA E 96 -25.04 -5.25 -26.40
N LYS E 97 -26.12 -4.44 -26.49
CA LYS E 97 -27.41 -4.81 -27.14
C LYS E 97 -27.16 -5.30 -28.56
N MET E 98 -26.30 -4.63 -29.34
CA MET E 98 -26.09 -4.96 -30.79
C MET E 98 -25.50 -6.37 -30.93
N LEU E 99 -24.57 -6.75 -30.05
CA LEU E 99 -24.14 -8.16 -29.84
C LEU E 99 -25.16 -8.71 -28.83
N GLY E 100 -25.17 -9.97 -28.46
CA GLY E 100 -26.35 -10.45 -27.73
C GLY E 100 -26.29 -10.25 -26.22
N VAL E 101 -25.61 -9.20 -25.72
CA VAL E 101 -25.20 -9.14 -24.28
C VAL E 101 -26.20 -8.31 -23.48
N LYS E 102 -26.72 -8.86 -22.39
CA LYS E 102 -27.81 -8.27 -21.57
C LYS E 102 -27.29 -7.80 -20.21
N LYS E 103 -26.35 -8.53 -19.59
CA LYS E 103 -25.90 -8.25 -18.21
C LYS E 103 -24.44 -7.75 -18.21
N ILE E 104 -24.18 -6.61 -17.57
CA ILE E 104 -22.83 -6.05 -17.34
C ILE E 104 -22.64 -5.80 -15.82
N TYR E 105 -21.55 -6.31 -15.25
CA TYR E 105 -21.10 -5.94 -13.89
C TYR E 105 -20.05 -4.84 -14.00
N TRP E 106 -20.26 -3.72 -13.31
CA TRP E 106 -19.28 -2.62 -13.24
C TRP E 106 -18.56 -2.67 -11.89
N LEU E 107 -17.26 -2.90 -11.89
CA LEU E 107 -16.44 -2.87 -10.64
C LEU E 107 -16.21 -1.41 -10.22
N ASN E 108 -16.14 -0.47 -11.17
CA ASN E 108 -16.05 0.99 -10.90
C ASN E 108 -14.68 1.39 -10.32
N TYR E 109 -13.62 0.63 -10.55
CA TYR E 109 -12.24 1.13 -10.33
C TYR E 109 -11.97 2.24 -11.36
N ARG E 110 -11.23 3.28 -10.97
CA ARG E 110 -10.93 4.41 -11.87
C ARG E 110 -9.91 3.97 -12.94
N ASP E 111 -10.20 4.32 -14.20
CA ASP E 111 -9.30 4.20 -15.36
C ASP E 111 -7.91 4.69 -14.92
N THR E 112 -6.88 3.89 -15.21
CA THR E 112 -5.42 4.14 -14.97
C THR E 112 -5.02 3.80 -13.53
N GLU E 113 -5.95 3.39 -12.67
CA GLU E 113 -5.72 3.18 -11.21
C GLU E 113 -6.32 1.83 -10.76
N LEU E 114 -6.36 0.85 -11.67
CA LEU E 114 -6.76 -0.54 -11.34
C LEU E 114 -5.64 -1.19 -10.52
N PRO E 115 -5.84 -1.40 -9.21
CA PRO E 115 -4.81 -2.01 -8.38
C PRO E 115 -4.57 -3.47 -8.79
N TYR E 116 -3.34 -3.96 -8.69
CA TYR E 116 -3.03 -5.42 -8.73
C TYR E 116 -3.00 -5.94 -7.28
N SER E 117 -4.17 -6.22 -6.71
CA SER E 117 -4.35 -6.47 -5.26
C SER E 117 -5.28 -7.66 -5.03
N ARG E 118 -5.19 -8.24 -3.83
CA ARG E 118 -6.10 -9.27 -3.28
C ARG E 118 -7.54 -8.76 -3.40
N GLU E 119 -7.75 -7.46 -3.22
CA GLU E 119 -9.10 -6.86 -3.14
C GLU E 119 -9.86 -7.07 -4.45
N VAL E 120 -9.18 -6.81 -5.58
CA VAL E 120 -9.80 -6.91 -6.93
C VAL E 120 -9.99 -8.40 -7.28
N ARG E 121 -9.11 -9.28 -6.80
CA ARG E 121 -9.25 -10.74 -6.97
C ARG E 121 -10.58 -11.17 -6.34
N LYS E 122 -10.83 -10.76 -5.09
CA LYS E 122 -12.07 -11.08 -4.32
C LYS E 122 -13.32 -10.60 -5.06
N ASP E 123 -13.32 -9.36 -5.56
CA ASP E 123 -14.44 -8.79 -6.35
C ASP E 123 -14.78 -9.72 -7.54
N LEU E 124 -13.76 -10.16 -8.29
CA LEU E 124 -13.93 -11.05 -9.48
C LEU E 124 -14.39 -12.44 -9.04
N VAL E 125 -13.76 -13.03 -8.03
CA VAL E 125 -14.15 -14.36 -7.46
C VAL E 125 -15.62 -14.34 -7.04
N LYS E 126 -16.07 -13.28 -6.38
CA LYS E 126 -17.47 -13.11 -5.93
C LYS E 126 -18.43 -13.29 -7.14
N ILE E 127 -18.10 -12.66 -8.26
CA ILE E 127 -18.92 -12.73 -9.50
C ILE E 127 -18.82 -14.14 -10.09
N ILE E 128 -17.63 -14.73 -10.14
CA ILE E 128 -17.44 -16.09 -10.73
C ILE E 128 -18.27 -17.09 -9.92
N ARG E 129 -18.24 -17.00 -8.60
CA ARG E 129 -18.97 -17.93 -7.69
C ARG E 129 -20.49 -17.75 -7.83
N LYS E 130 -20.96 -16.54 -8.04
CA LYS E 130 -22.42 -16.24 -8.17
C LYS E 130 -22.93 -16.76 -9.53
N GLU E 131 -22.24 -16.40 -10.62
CA GLU E 131 -22.69 -16.66 -12.00
C GLU E 131 -22.33 -18.08 -12.45
N LYS E 132 -21.37 -18.72 -11.78
CA LYS E 132 -20.99 -20.13 -12.07
C LYS E 132 -20.78 -20.31 -13.57
N PRO E 133 -19.99 -19.46 -14.24
CA PRO E 133 -19.81 -19.56 -15.69
C PRO E 133 -18.96 -20.77 -16.07
N ASP E 134 -19.15 -21.26 -17.29
CA ASP E 134 -18.45 -22.45 -17.82
C ASP E 134 -17.10 -22.02 -18.39
N GLY E 135 -17.03 -20.79 -18.90
CA GLY E 135 -15.80 -20.23 -19.49
C GLY E 135 -15.60 -18.77 -19.15
N VAL E 136 -14.35 -18.30 -19.25
CA VAL E 136 -13.99 -16.88 -19.01
C VAL E 136 -13.04 -16.45 -20.14
N PHE E 137 -13.35 -15.32 -20.78
CA PHE E 137 -12.47 -14.62 -21.73
C PHE E 137 -11.85 -13.40 -21.02
N LEU E 138 -10.54 -13.21 -21.21
CA LEU E 138 -9.74 -12.12 -20.56
C LEU E 138 -8.56 -11.76 -21.45
N PRO E 139 -8.07 -10.51 -21.38
CA PRO E 139 -6.93 -10.10 -22.20
C PRO E 139 -5.64 -10.80 -21.75
N ASP E 140 -4.86 -11.26 -22.72
CA ASP E 140 -3.54 -11.93 -22.55
C ASP E 140 -2.60 -10.93 -21.88
N PRO E 141 -2.22 -11.14 -20.60
CA PRO E 141 -1.32 -10.20 -19.92
C PRO E 141 0.12 -10.21 -20.47
N TRP E 142 0.48 -11.20 -21.29
CA TRP E 142 1.83 -11.36 -21.91
C TRP E 142 1.86 -10.76 -23.31
N LEU E 143 0.87 -9.96 -23.70
CA LEU E 143 0.87 -9.26 -25.00
C LEU E 143 2.13 -8.40 -25.08
N PRO E 144 3.06 -8.66 -26.02
CA PRO E 144 4.28 -7.86 -26.13
C PRO E 144 3.92 -6.39 -26.38
N TYR E 145 4.62 -5.51 -25.63
CA TYR E 145 4.63 -4.03 -25.74
C TYR E 145 3.29 -3.43 -25.29
N GLU E 146 2.46 -4.17 -24.55
CA GLU E 146 1.27 -3.61 -23.88
C GLU E 146 1.71 -2.70 -22.74
N ALA E 147 1.51 -1.40 -22.90
CA ALA E 147 2.00 -0.35 -21.98
C ALA E 147 0.90 0.05 -21.00
N HIS E 148 -0.35 -0.33 -21.23
CA HIS E 148 -1.48 0.13 -20.36
C HIS E 148 -1.51 -0.74 -19.11
N PRO E 149 -1.31 -0.13 -17.93
CA PRO E 149 -1.31 -0.87 -16.67
C PRO E 149 -2.63 -1.62 -16.42
N ASP E 150 -3.78 -1.03 -16.80
CA ASP E 150 -5.10 -1.66 -16.59
C ASP E 150 -5.19 -2.96 -17.40
N HIS E 151 -4.60 -3.03 -18.60
CA HIS E 151 -4.60 -4.26 -19.44
C HIS E 151 -3.75 -5.33 -18.78
N ARG E 152 -2.52 -5.00 -18.37
CA ARG E 152 -1.63 -5.97 -17.70
C ARG E 152 -2.33 -6.48 -16.43
N ALA E 153 -2.83 -5.58 -15.57
CA ALA E 153 -3.44 -5.96 -14.28
C ALA E 153 -4.68 -6.84 -14.51
N THR E 154 -5.54 -6.49 -15.47
CA THR E 154 -6.81 -7.22 -15.73
C THR E 154 -6.52 -8.68 -16.08
N GLY E 155 -5.56 -8.92 -16.98
CA GLY E 155 -5.23 -10.29 -17.43
C GLY E 155 -4.75 -11.15 -16.28
N PHE E 156 -3.77 -10.65 -15.51
CA PHE E 156 -3.19 -11.36 -14.34
C PHE E 156 -4.27 -11.59 -13.28
N LEU E 157 -5.04 -10.55 -12.91
CA LEU E 157 -6.12 -10.63 -11.90
C LEU E 157 -7.16 -11.69 -12.31
N ALA E 158 -7.54 -11.71 -13.58
CA ALA E 158 -8.59 -12.63 -14.11
C ALA E 158 -8.10 -14.07 -14.00
N LEU E 159 -6.84 -14.34 -14.34
CA LEU E 159 -6.25 -15.71 -14.24
C LEU E 159 -6.19 -16.12 -12.77
N ASP E 160 -5.85 -15.19 -11.87
CA ASP E 160 -5.82 -15.45 -10.41
C ASP E 160 -7.25 -15.80 -9.97
N ALA E 161 -8.24 -15.00 -10.34
CA ALA E 161 -9.64 -15.16 -9.91
C ALA E 161 -10.12 -16.55 -10.29
N VAL E 162 -9.88 -16.96 -11.54
CA VAL E 162 -10.26 -18.30 -12.06
C VAL E 162 -9.59 -19.38 -11.19
N ALA E 163 -8.29 -19.26 -10.93
CA ALA E 163 -7.49 -20.28 -10.20
C ALA E 163 -7.92 -20.36 -8.73
N PHE E 164 -8.39 -19.26 -8.12
CA PHE E 164 -8.67 -19.16 -6.65
C PHE E 164 -10.16 -19.34 -6.32
N SER E 165 -11.04 -19.20 -7.30
CA SER E 165 -12.50 -19.35 -7.11
C SER E 165 -12.84 -20.72 -6.50
N PRO E 166 -12.22 -21.83 -6.95
CA PRO E 166 -12.51 -23.15 -6.38
C PRO E 166 -11.89 -23.48 -5.01
N LEU E 167 -11.10 -22.58 -4.42
CA LEU E 167 -10.41 -22.80 -3.12
C LEU E 167 -11.29 -22.27 -1.99
N PRO E 168 -11.83 -23.16 -1.11
CA PRO E 168 -12.78 -22.71 -0.08
C PRO E 168 -12.19 -21.77 0.98
N ASN E 169 -10.86 -21.77 1.13
CA ASN E 169 -10.13 -20.90 2.07
C ASN E 169 -9.92 -19.49 1.47
N PHE E 170 -10.04 -19.34 0.15
CA PHE E 170 -9.90 -18.04 -0.55
C PHE E 170 -11.22 -17.26 -0.45
N SER E 171 -11.17 -16.11 0.21
CA SER E 171 -12.32 -15.19 0.39
C SER E 171 -13.46 -15.98 1.03
N ASN E 172 -13.20 -16.53 2.21
CA ASN E 172 -14.04 -17.56 2.85
C ASN E 172 -15.40 -16.96 3.23
N ILE E 173 -15.53 -15.64 3.43
CA ILE E 173 -16.84 -15.03 3.80
C ILE E 173 -17.85 -15.23 2.66
N ASP E 174 -17.39 -15.34 1.41
CA ASP E 174 -18.24 -15.65 0.22
C ASP E 174 -19.04 -16.94 0.46
N LEU E 175 -18.39 -18.00 0.98
CA LEU E 175 -19.03 -19.31 1.27
C LEU E 175 -19.92 -19.21 2.51
N ASP E 176 -19.48 -18.46 3.52
CA ASP E 176 -20.20 -18.29 4.81
C ASP E 176 -21.57 -17.64 4.56
N ILE E 177 -21.70 -16.78 3.54
CA ILE E 177 -23.00 -16.13 3.21
C ILE E 177 -23.72 -16.91 2.09
N GLY E 178 -23.16 -18.03 1.62
CA GLY E 178 -23.92 -19.04 0.87
C GLY E 178 -23.58 -19.12 -0.61
N LEU E 179 -22.52 -18.46 -1.07
CA LEU E 179 -21.92 -18.78 -2.39
C LEU E 179 -21.09 -20.07 -2.28
N LYS E 180 -20.80 -20.69 -3.40
CA LYS E 180 -20.15 -22.02 -3.51
C LYS E 180 -18.88 -21.85 -4.32
N PRO E 181 -17.82 -22.62 -4.03
CA PRO E 181 -16.56 -22.50 -4.77
C PRO E 181 -16.54 -23.18 -6.14
N HIS E 182 -16.41 -22.43 -7.23
CA HIS E 182 -16.74 -22.85 -8.60
C HIS E 182 -15.47 -23.02 -9.42
N SER E 183 -15.42 -24.08 -10.21
CA SER E 183 -14.35 -24.35 -11.19
C SER E 183 -14.85 -23.94 -12.57
N VAL E 184 -14.09 -23.10 -13.26
CA VAL E 184 -14.40 -22.72 -14.66
C VAL E 184 -13.72 -23.78 -15.54
N SER E 185 -14.44 -24.28 -16.56
CA SER E 185 -13.97 -25.34 -17.49
C SER E 185 -13.00 -24.74 -18.51
N PHE E 186 -13.26 -23.52 -18.96
CA PHE E 186 -12.66 -22.91 -20.17
C PHE E 186 -12.07 -21.54 -19.85
N ILE E 187 -10.87 -21.30 -20.36
CA ILE E 187 -10.15 -19.99 -20.30
C ILE E 187 -9.74 -19.65 -21.74
N GLY E 188 -10.10 -18.45 -22.20
CA GLY E 188 -9.68 -17.91 -23.50
C GLY E 188 -9.03 -16.56 -23.33
N LEU E 189 -7.84 -16.38 -23.88
CA LEU E 189 -7.11 -15.10 -23.92
C LEU E 189 -7.42 -14.41 -25.26
N TYR E 190 -8.02 -13.21 -25.24
CA TYR E 190 -8.12 -12.36 -26.43
C TYR E 190 -7.04 -11.27 -26.37
N TYR E 191 -6.97 -10.44 -27.40
CA TYR E 191 -5.89 -9.43 -27.55
C TYR E 191 -4.55 -10.14 -27.40
N THR E 192 -4.36 -11.24 -28.13
CA THR E 192 -3.17 -12.10 -27.96
C THR E 192 -2.35 -12.10 -29.25
N SER E 193 -1.04 -12.28 -29.12
CA SER E 193 -0.08 -12.34 -30.25
C SER E 193 0.31 -13.79 -30.53
N ARG E 194 -0.13 -14.73 -29.69
CA ARG E 194 0.16 -16.17 -29.86
C ARG E 194 -1.18 -16.91 -29.76
N PRO E 195 -2.11 -16.67 -30.71
CA PRO E 195 -3.38 -17.38 -30.78
C PRO E 195 -3.21 -18.79 -31.36
N ASN E 196 -4.02 -19.75 -30.91
CA ASN E 196 -4.02 -21.15 -31.41
C ASN E 196 -5.44 -21.57 -31.78
N TYR E 197 -6.38 -20.63 -31.85
CA TYR E 197 -7.80 -20.89 -32.19
C TYR E 197 -8.38 -19.63 -32.82
N PHE E 198 -9.20 -19.80 -33.87
CA PHE E 198 -9.67 -18.68 -34.71
C PHE E 198 -11.18 -18.83 -34.96
N VAL E 199 -11.86 -17.70 -34.92
CA VAL E 199 -13.30 -17.53 -35.27
C VAL E 199 -13.34 -16.63 -36.51
N ASP E 200 -13.94 -17.12 -37.59
CA ASP E 200 -14.22 -16.32 -38.82
C ASP E 200 -15.27 -15.27 -38.43
N ILE E 201 -14.96 -13.98 -38.62
CA ILE E 201 -15.91 -12.85 -38.34
C ILE E 201 -16.14 -12.03 -39.61
N THR E 202 -15.78 -12.57 -40.79
CA THR E 202 -15.97 -11.91 -42.11
C THR E 202 -17.43 -11.49 -42.32
N ASP E 203 -18.36 -12.35 -41.95
CA ASP E 203 -19.82 -12.16 -42.18
C ASP E 203 -20.38 -11.12 -41.20
N VAL E 204 -19.77 -10.95 -40.01
CA VAL E 204 -20.30 -10.05 -38.94
C VAL E 204 -19.36 -8.84 -38.75
N MET E 205 -18.34 -8.69 -39.59
CA MET E 205 -17.31 -7.62 -39.44
C MET E 205 -17.98 -6.25 -39.43
N ASP E 206 -18.95 -6.01 -40.34
CA ASP E 206 -19.69 -4.73 -40.47
C ASP E 206 -20.41 -4.42 -39.15
N LEU E 207 -21.05 -5.42 -38.53
CA LEU E 207 -21.77 -5.25 -37.24
C LEU E 207 -20.77 -4.94 -36.12
N LYS E 208 -19.64 -5.67 -36.07
CA LYS E 208 -18.56 -5.42 -35.09
C LYS E 208 -18.16 -3.93 -35.13
N LEU E 209 -17.79 -3.43 -36.32
CA LEU E 209 -17.37 -2.02 -36.52
C LEU E 209 -18.48 -1.07 -36.07
N LYS E 210 -19.76 -1.39 -36.31
CA LYS E 210 -20.89 -0.52 -35.90
C LYS E 210 -20.93 -0.47 -34.37
N ALA E 211 -20.74 -1.63 -33.72
CA ALA E 211 -20.81 -1.80 -32.26
C ALA E 211 -19.60 -1.13 -31.57
N ILE E 212 -18.45 -1.05 -32.26
CA ILE E 212 -17.26 -0.29 -31.78
C ILE E 212 -17.57 1.20 -31.85
N ARG E 213 -18.21 1.61 -32.95
CA ARG E 213 -18.51 3.01 -33.30
C ARG E 213 -19.57 3.56 -32.34
N ALA E 214 -20.35 2.67 -31.71
CA ALA E 214 -21.35 3.00 -30.67
C ALA E 214 -20.68 3.76 -29.52
N HIS E 215 -19.38 3.51 -29.29
CA HIS E 215 -18.52 4.27 -28.34
C HIS E 215 -18.11 5.61 -28.97
N LYS E 216 -19.06 6.53 -29.14
CA LYS E 216 -18.87 7.81 -29.90
C LYS E 216 -17.74 8.61 -29.24
N SER E 217 -17.77 8.74 -27.92
CA SER E 217 -16.74 9.46 -27.11
C SER E 217 -15.34 8.99 -27.52
N GLN E 218 -15.17 7.71 -27.85
CA GLN E 218 -13.84 7.10 -28.11
C GLN E 218 -13.50 7.15 -29.60
N PHE E 219 -14.49 7.22 -30.47
CA PHE E 219 -14.25 7.14 -31.94
C PHE E 219 -14.97 8.25 -32.67
N PRO E 220 -14.58 9.54 -32.49
CA PRO E 220 -15.03 10.60 -33.37
C PRO E 220 -14.46 10.34 -34.77
N ASP E 221 -14.95 11.07 -35.79
CA ASP E 221 -14.65 10.83 -37.22
C ASP E 221 -13.12 10.87 -37.45
N ASP E 222 -12.42 11.82 -36.83
CA ASP E 222 -10.96 12.05 -37.00
C ASP E 222 -10.16 10.85 -36.46
N ILE E 223 -10.52 10.34 -35.27
CA ILE E 223 -9.85 9.15 -34.63
C ILE E 223 -10.13 7.92 -35.50
N TRP E 224 -11.38 7.77 -35.94
CA TRP E 224 -11.87 6.64 -36.78
C TRP E 224 -11.06 6.51 -38.08
N GLU E 225 -10.53 7.61 -38.62
CA GLU E 225 -9.68 7.62 -39.84
C GLU E 225 -8.48 6.67 -39.66
N THR E 226 -7.96 6.59 -38.44
CA THR E 226 -6.81 5.71 -38.07
C THR E 226 -7.30 4.31 -37.66
N TRP E 227 -8.41 4.21 -36.92
CA TRP E 227 -8.80 2.96 -36.21
C TRP E 227 -9.51 1.97 -37.13
N GLU E 228 -10.33 2.43 -38.09
CA GLU E 228 -10.99 1.48 -39.04
C GLU E 228 -9.89 0.65 -39.74
N PRO E 229 -8.87 1.29 -40.35
CA PRO E 229 -7.76 0.56 -40.96
C PRO E 229 -6.98 -0.33 -39.99
N PHE E 230 -6.73 0.17 -38.78
CA PHE E 230 -6.04 -0.59 -37.70
C PHE E 230 -6.84 -1.87 -37.42
N LEU E 231 -8.12 -1.75 -37.09
CA LEU E 231 -9.00 -2.88 -36.69
C LEU E 231 -9.14 -3.89 -37.82
N ARG E 232 -9.16 -3.41 -39.07
CA ARG E 232 -9.23 -4.28 -40.27
C ARG E 232 -7.90 -5.02 -40.40
N THR E 233 -6.78 -4.33 -40.16
CA THR E 233 -5.43 -4.91 -40.30
C THR E 233 -5.24 -6.01 -39.26
N VAL E 234 -5.71 -5.79 -38.02
CA VAL E 234 -5.71 -6.81 -36.92
C VAL E 234 -6.50 -8.03 -37.38
N ALA E 235 -7.71 -7.80 -37.90
CA ALA E 235 -8.65 -8.86 -38.35
C ALA E 235 -8.02 -9.64 -39.50
N LEU E 236 -7.22 -8.99 -40.35
CA LEU E 236 -6.50 -9.65 -41.48
C LEU E 236 -5.36 -10.51 -40.92
N TYR E 237 -4.67 -10.03 -39.88
CA TYR E 237 -3.51 -10.70 -39.23
C TYR E 237 -3.96 -12.07 -38.69
N TYR E 238 -5.07 -12.09 -37.94
CA TYR E 238 -5.72 -13.33 -37.45
C TYR E 238 -6.24 -14.13 -38.66
N GLY E 239 -6.81 -13.43 -39.64
CA GLY E 239 -7.29 -13.96 -40.92
C GLY E 239 -6.26 -14.84 -41.62
N GLN E 240 -5.04 -14.34 -41.87
CA GLN E 240 -3.95 -15.10 -42.57
C GLN E 240 -3.84 -16.49 -41.95
N LYS E 241 -3.74 -16.54 -40.62
CA LYS E 241 -3.46 -17.78 -39.84
C LYS E 241 -4.68 -18.71 -39.89
N ALA E 242 -5.88 -18.18 -40.07
CA ALA E 242 -7.14 -18.96 -40.03
C ALA E 242 -7.59 -19.37 -41.43
N GLY E 243 -6.98 -18.82 -42.50
CA GLY E 243 -7.33 -19.09 -43.91
C GLY E 243 -8.66 -18.47 -44.31
N VAL E 244 -8.97 -17.28 -43.80
CA VAL E 244 -10.18 -16.46 -44.12
C VAL E 244 -9.70 -15.00 -44.28
N LYS E 245 -10.62 -14.09 -44.59
CA LYS E 245 -10.30 -12.65 -44.75
C LYS E 245 -10.10 -12.03 -43.37
N TYR E 246 -11.15 -12.05 -42.52
CA TYR E 246 -11.26 -11.37 -41.22
C TYR E 246 -11.55 -12.40 -40.11
N ALA E 247 -10.74 -12.42 -39.04
CA ALA E 247 -10.85 -13.37 -37.91
C ALA E 247 -10.54 -12.68 -36.56
N GLU E 248 -10.92 -13.32 -35.46
CA GLU E 248 -10.47 -13.01 -34.08
C GLU E 248 -9.68 -14.21 -33.56
N GLY E 249 -8.49 -13.94 -33.03
CA GLY E 249 -7.57 -14.95 -32.48
C GLY E 249 -7.75 -15.10 -30.98
N PHE E 250 -7.75 -16.34 -30.50
CA PHE E 250 -7.79 -16.67 -29.07
C PHE E 250 -6.65 -17.62 -28.75
N ARG E 251 -6.09 -17.52 -27.55
CA ARG E 251 -5.20 -18.57 -27.01
C ARG E 251 -5.98 -19.36 -25.97
N ILE E 252 -6.14 -20.65 -26.24
CA ILE E 252 -6.82 -21.63 -25.35
C ILE E 252 -5.79 -22.68 -24.95
N MET E 253 -5.67 -22.89 -23.63
CA MET E 253 -4.76 -23.90 -23.03
C MET E 253 -5.49 -24.60 -21.89
N PRO E 254 -5.09 -25.84 -21.53
CA PRO E 254 -5.57 -26.48 -20.30
C PRO E 254 -5.16 -25.65 -19.09
N GLY E 255 -6.03 -25.57 -18.06
CA GLY E 255 -5.75 -24.89 -16.78
C GLY E 255 -4.35 -25.16 -16.27
N LEU E 256 -3.91 -26.41 -16.39
CA LEU E 256 -2.62 -26.94 -15.87
C LEU E 256 -1.43 -26.17 -16.45
N PHE E 257 -1.52 -25.71 -17.70
CA PHE E 257 -0.39 -25.15 -18.48
C PHE E 257 -0.09 -23.69 -18.05
N TYR E 258 -0.94 -23.10 -17.21
CA TYR E 258 -0.77 -21.73 -16.66
C TYR E 258 0.11 -21.75 -15.40
N HIS E 259 0.69 -22.90 -15.07
CA HIS E 259 1.46 -23.14 -13.82
C HIS E 259 2.59 -24.12 -14.13
N ILE E 260 3.82 -23.67 -13.89
CA ILE E 260 5.12 -24.44 -13.88
C ILE E 260 5.26 -25.36 -15.10
N THR E 261 4.74 -24.96 -16.27
CA THR E 261 4.76 -25.78 -17.51
C THR E 261 5.70 -25.14 -18.50
N PRO E 262 6.94 -25.68 -18.63
CA PRO E 262 7.95 -25.08 -19.51
C PRO E 262 7.70 -25.28 -21.02
N PHE E 263 6.74 -26.14 -21.39
CA PHE E 263 6.35 -26.37 -22.81
C PHE E 263 4.97 -25.75 -23.11
N ALA E 264 4.46 -24.89 -22.23
CA ALA E 264 3.15 -24.20 -22.36
C ALA E 264 3.07 -23.51 -23.72
N GLU E 265 4.18 -22.91 -24.19
CA GLU E 265 4.23 -22.14 -25.46
C GLU E 265 4.32 -23.08 -26.68
N LEU E 266 4.25 -24.37 -26.46
CA LEU E 266 4.44 -25.39 -27.53
C LEU E 266 3.08 -25.90 -28.02
N ILE E 267 1.97 -25.27 -27.59
CA ILE E 267 0.63 -25.34 -28.26
C ILE E 267 0.29 -23.97 -28.84
N PHE F 2 41.19 -5.50 -26.41
CA PHE F 2 39.68 -5.50 -26.52
C PHE F 2 39.22 -4.30 -27.35
N GLU F 3 39.94 -3.18 -27.19
CA GLU F 3 39.82 -1.93 -28.01
C GLU F 3 39.88 -2.26 -29.50
N GLU F 4 40.64 -3.29 -29.90
CA GLU F 4 41.06 -3.62 -31.27
C GLU F 4 40.17 -4.72 -31.89
N ILE F 5 39.06 -5.08 -31.27
CA ILE F 5 38.08 -6.08 -31.80
C ILE F 5 36.99 -5.31 -32.54
N ASN F 6 36.58 -5.77 -33.73
CA ASN F 6 35.48 -5.12 -34.52
C ASN F 6 34.36 -6.11 -34.85
N ASP F 7 34.39 -7.33 -34.30
CA ASP F 7 33.30 -8.32 -34.53
C ASP F 7 32.77 -8.81 -33.17
N PHE F 8 31.43 -8.74 -33.03
CA PHE F 8 30.70 -9.08 -31.79
C PHE F 8 31.01 -10.51 -31.36
N GLU F 9 30.90 -11.49 -32.28
CA GLU F 9 31.01 -12.93 -31.97
C GLU F 9 32.31 -13.18 -31.22
N THR F 10 33.42 -12.54 -31.63
CA THR F 10 34.76 -12.70 -31.01
C THR F 10 34.78 -12.08 -29.61
N ALA F 11 34.32 -10.83 -29.48
CA ALA F 11 34.29 -10.09 -28.20
C ALA F 11 33.44 -10.85 -27.18
N PHE F 12 32.33 -11.46 -27.64
CA PHE F 12 31.36 -12.21 -26.80
C PHE F 12 32.07 -13.43 -26.20
N LYS F 13 32.71 -14.25 -27.04
CA LYS F 13 33.49 -15.46 -26.61
C LYS F 13 34.58 -15.02 -25.65
N ARG F 14 35.27 -13.91 -25.95
CA ARG F 14 36.38 -13.36 -25.13
C ARG F 14 35.83 -12.87 -23.77
N LEU F 15 34.66 -12.22 -23.75
CA LEU F 15 34.04 -11.68 -22.52
C LEU F 15 33.66 -12.82 -21.58
N LEU F 16 33.01 -13.86 -22.11
CA LEU F 16 32.53 -15.04 -21.35
C LEU F 16 33.71 -15.84 -20.78
N ASN F 17 34.66 -16.20 -21.66
CA ASN F 17 35.75 -17.18 -21.39
C ASN F 17 36.84 -16.53 -20.53
N GLU F 18 37.32 -15.33 -20.88
CA GLU F 18 38.57 -14.75 -20.32
C GLU F 18 38.22 -13.70 -19.25
N VAL F 19 37.26 -12.81 -19.52
CA VAL F 19 36.94 -11.68 -18.59
C VAL F 19 36.10 -12.19 -17.42
N LEU F 20 35.01 -12.90 -17.69
CA LEU F 20 34.02 -13.35 -16.67
C LEU F 20 34.43 -14.72 -16.12
N GLU F 21 35.20 -15.51 -16.90
CA GLU F 21 35.61 -16.90 -16.54
C GLU F 21 34.35 -17.71 -16.23
N PHE F 22 33.36 -17.62 -17.12
CA PHE F 22 32.04 -18.28 -17.00
C PHE F 22 32.16 -19.72 -17.52
N ASP F 23 31.68 -20.69 -16.74
CA ASP F 23 31.87 -22.14 -16.97
C ASP F 23 30.53 -22.88 -16.84
N LEU F 24 29.95 -23.26 -17.99
CA LEU F 24 28.69 -24.05 -18.05
C LEU F 24 29.01 -25.54 -17.86
N GLN F 25 30.27 -25.98 -18.11
CA GLN F 25 30.64 -27.44 -18.08
C GLN F 25 30.54 -27.95 -16.63
N ASN F 26 31.18 -27.27 -15.67
CA ASN F 26 31.03 -27.57 -14.22
C ASN F 26 30.80 -26.25 -13.47
N PRO F 27 29.54 -25.76 -13.42
CA PRO F 27 29.23 -24.48 -12.78
C PRO F 27 29.10 -24.53 -11.27
N LEU F 28 29.11 -25.73 -10.67
CA LEU F 28 28.97 -25.90 -9.20
C LEU F 28 30.33 -26.22 -8.58
N LYS F 29 31.43 -25.87 -9.27
CA LYS F 29 32.83 -26.23 -8.91
C LYS F 29 33.01 -26.26 -7.38
N ASP F 30 33.05 -25.09 -6.76
CA ASP F 30 33.53 -24.88 -5.37
C ASP F 30 32.35 -24.46 -4.50
N VAL F 31 31.14 -24.95 -4.80
CA VAL F 31 29.93 -24.62 -3.98
C VAL F 31 29.71 -25.75 -2.97
N LYS F 32 29.71 -25.42 -1.68
CA LYS F 32 29.51 -26.38 -0.55
C LYS F 32 28.12 -26.19 0.05
N LYS F 33 27.57 -24.96 0.02
CA LYS F 33 26.24 -24.64 0.60
C LYS F 33 25.39 -23.87 -0.43
N VAL F 34 24.15 -24.31 -0.65
CA VAL F 34 23.17 -23.65 -1.57
C VAL F 34 21.83 -23.45 -0.86
N LEU F 35 21.15 -22.34 -1.17
CA LEU F 35 19.73 -22.10 -0.81
C LEU F 35 18.84 -22.49 -1.98
N CYS F 36 17.77 -23.23 -1.72
CA CYS F 36 16.64 -23.45 -2.66
C CYS F 36 15.45 -22.66 -2.16
N ILE F 37 15.03 -21.67 -2.93
CA ILE F 37 13.92 -20.75 -2.56
C ILE F 37 12.67 -21.24 -3.28
N GLU F 38 11.65 -21.63 -2.50
CA GLU F 38 10.38 -22.20 -3.02
C GLU F 38 9.26 -21.26 -2.61
N PRO F 39 8.37 -20.89 -3.55
CA PRO F 39 7.17 -20.12 -3.21
C PRO F 39 6.22 -20.85 -2.26
N HIS F 40 6.01 -22.15 -2.50
CA HIS F 40 5.09 -23.01 -1.71
C HIS F 40 5.81 -24.25 -1.23
N PRO F 41 5.37 -24.87 -0.11
CA PRO F 41 5.80 -26.23 0.25
C PRO F 41 5.50 -27.21 -0.89
N ASP F 42 6.55 -27.79 -1.47
CA ASP F 42 6.54 -28.81 -2.55
C ASP F 42 7.24 -28.27 -3.81
N ASP F 43 7.47 -26.95 -3.91
CA ASP F 43 7.92 -26.34 -5.18
C ASP F 43 9.37 -26.79 -5.44
N CYS F 44 10.19 -26.88 -4.39
CA CYS F 44 11.61 -27.31 -4.52
C CYS F 44 11.68 -28.73 -5.08
N VAL F 45 10.92 -29.65 -4.49
CA VAL F 45 10.99 -31.09 -4.84
C VAL F 45 10.41 -31.29 -6.25
N ILE F 46 9.32 -30.60 -6.62
CA ILE F 46 8.67 -30.76 -7.95
C ILE F 46 9.58 -30.15 -9.02
N GLY F 47 10.24 -29.04 -8.69
CA GLY F 47 11.05 -28.28 -9.65
C GLY F 47 12.39 -28.92 -9.86
N MET F 48 13.06 -29.32 -8.78
CA MET F 48 14.48 -29.77 -8.83
C MET F 48 14.78 -30.76 -7.70
N GLY F 49 13.82 -31.58 -7.30
CA GLY F 49 14.00 -32.63 -6.27
C GLY F 49 15.10 -33.63 -6.62
N GLY F 50 15.14 -34.10 -7.88
CA GLY F 50 16.18 -35.03 -8.37
C GLY F 50 17.57 -34.44 -8.19
N THR F 51 17.75 -33.21 -8.63
CA THR F 51 19.03 -32.47 -8.51
C THR F 51 19.41 -32.28 -7.03
N ILE F 52 18.44 -32.02 -6.15
CA ILE F 52 18.71 -31.81 -4.69
C ILE F 52 19.28 -33.10 -4.10
N LYS F 53 18.71 -34.26 -4.44
CA LYS F 53 19.21 -35.59 -3.97
C LYS F 53 20.65 -35.76 -4.45
N ARG F 54 20.90 -35.50 -5.73
CA ARG F 54 22.25 -35.65 -6.35
C ARG F 54 23.24 -34.71 -5.65
N LEU F 55 22.79 -33.52 -5.25
CA LEU F 55 23.66 -32.52 -4.55
C LEU F 55 24.00 -33.01 -3.14
N THR F 56 23.02 -33.45 -2.35
CA THR F 56 23.23 -33.84 -0.93
C THR F 56 24.05 -35.13 -0.84
N ASP F 57 23.88 -36.04 -1.81
CA ASP F 57 24.70 -37.27 -1.97
C ASP F 57 26.18 -36.88 -2.12
N ARG F 58 26.51 -35.87 -2.94
CA ARG F 58 27.91 -35.39 -3.17
C ARG F 58 28.38 -34.53 -2.00
N GLY F 59 27.58 -34.40 -0.92
CA GLY F 59 27.99 -33.76 0.35
C GLY F 59 27.75 -32.25 0.37
N ILE F 60 27.01 -31.70 -0.60
CA ILE F 60 26.62 -30.26 -0.63
C ILE F 60 25.44 -30.05 0.35
N GLU F 61 25.54 -29.05 1.23
CA GLU F 61 24.45 -28.67 2.18
C GLU F 61 23.40 -27.87 1.41
N VAL F 62 22.17 -28.36 1.39
CA VAL F 62 21.01 -27.73 0.69
C VAL F 62 20.01 -27.30 1.77
N ILE F 63 19.74 -26.00 1.83
CA ILE F 63 18.83 -25.36 2.81
C ILE F 63 17.65 -24.79 2.03
N TYR F 64 16.42 -25.11 2.46
CA TYR F 64 15.17 -24.56 1.87
C TYR F 64 14.85 -23.23 2.54
N ILE F 65 14.38 -22.27 1.72
CA ILE F 65 13.56 -21.13 2.19
C ILE F 65 12.18 -21.28 1.56
N CYS F 66 11.16 -21.36 2.38
CA CYS F 66 9.76 -21.44 1.92
C CYS F 66 9.10 -20.08 2.18
N MET F 67 8.62 -19.43 1.12
CA MET F 67 8.09 -18.06 1.20
C MET F 67 6.72 -18.09 1.89
N THR F 68 5.88 -19.07 1.59
CA THR F 68 4.47 -19.10 2.06
C THR F 68 4.19 -20.35 2.91
N ASP F 69 3.02 -20.35 3.55
CA ASP F 69 2.53 -21.42 4.45
C ASP F 69 1.73 -22.48 3.66
N GLY F 70 1.36 -22.21 2.41
CA GLY F 70 0.53 -23.13 1.58
C GLY F 70 -0.92 -23.24 2.06
N TYR F 71 -1.44 -22.22 2.75
CA TYR F 71 -2.75 -22.10 3.44
C TYR F 71 -3.93 -22.35 2.49
N MET F 72 -3.81 -22.04 1.19
CA MET F 72 -4.97 -22.03 0.25
C MET F 72 -5.10 -23.35 -0.53
N GLY F 73 -4.05 -24.18 -0.60
CA GLY F 73 -3.93 -25.31 -1.55
C GLY F 73 -4.70 -26.57 -1.15
N THR F 74 -6.02 -26.47 -0.98
CA THR F 74 -6.97 -27.61 -0.83
C THR F 74 -8.35 -27.18 -1.38
N THR F 75 -9.12 -28.14 -1.91
CA THR F 75 -10.52 -27.94 -2.38
C THR F 75 -11.49 -28.53 -1.34
N ASP F 76 -10.98 -29.06 -0.23
CA ASP F 76 -11.80 -29.66 0.86
C ASP F 76 -12.37 -28.52 1.72
N GLU F 77 -13.69 -28.38 1.82
CA GLU F 77 -14.38 -27.33 2.63
C GLU F 77 -14.18 -27.57 4.14
N ASN F 78 -13.63 -28.72 4.56
CA ASN F 78 -13.50 -29.13 5.98
C ASN F 78 -12.12 -28.84 6.52
N ILE F 79 -11.14 -28.53 5.66
CA ILE F 79 -9.75 -28.17 6.08
C ILE F 79 -9.60 -26.65 6.07
N THR F 80 -9.60 -25.98 7.22
CA THR F 80 -9.21 -24.56 7.37
C THR F 80 -7.75 -24.41 6.89
N GLY F 81 -7.36 -23.19 6.50
CA GLY F 81 -6.00 -22.87 6.04
C GLY F 81 -4.96 -23.13 7.12
N HIS F 82 -5.28 -22.82 8.38
CA HIS F 82 -4.41 -23.04 9.55
C HIS F 82 -4.15 -24.55 9.69
N GLU F 83 -5.19 -25.38 9.59
CA GLU F 83 -5.05 -26.85 9.61
C GLU F 83 -4.06 -27.24 8.50
N LEU F 84 -4.28 -26.76 7.28
CA LEU F 84 -3.52 -27.20 6.09
C LEU F 84 -2.05 -26.78 6.22
N ALA F 85 -1.77 -25.61 6.78
CA ALA F 85 -0.40 -25.09 6.98
C ALA F 85 0.40 -26.09 7.83
N GLN F 86 -0.11 -26.45 9.02
CA GLN F 86 0.47 -27.49 9.92
C GLN F 86 0.75 -28.77 9.14
N ILE F 87 -0.24 -29.20 8.35
CA ILE F 87 -0.17 -30.48 7.58
C ILE F 87 0.97 -30.41 6.58
N ARG F 88 1.12 -29.29 5.86
CA ARG F 88 2.08 -29.16 4.75
C ARG F 88 3.48 -28.89 5.30
N ARG F 89 3.60 -28.39 6.54
CA ARG F 89 4.91 -28.31 7.23
C ARG F 89 5.42 -29.73 7.47
N LYS F 90 4.59 -30.62 8.06
CA LYS F 90 4.97 -32.03 8.31
C LYS F 90 5.34 -32.66 6.97
N GLU F 91 4.53 -32.42 5.94
CA GLU F 91 4.75 -33.02 4.60
C GLU F 91 6.11 -32.59 4.06
N GLU F 92 6.45 -31.30 4.09
CA GLU F 92 7.72 -30.78 3.50
C GLU F 92 8.89 -31.27 4.34
N GLU F 93 8.73 -31.39 5.68
CA GLU F 93 9.77 -31.97 6.58
C GLU F 93 10.04 -33.41 6.12
N GLU F 94 8.99 -34.20 5.89
CA GLU F 94 9.06 -35.61 5.44
C GLU F 94 9.78 -35.66 4.08
N SER F 95 9.29 -34.90 3.10
CA SER F 95 9.85 -34.81 1.72
C SER F 95 11.32 -34.37 1.77
N ALA F 96 11.67 -33.50 2.71
CA ALA F 96 13.02 -32.92 2.85
C ALA F 96 14.00 -34.00 3.33
N LYS F 97 13.62 -34.78 4.34
CA LYS F 97 14.42 -35.93 4.86
C LYS F 97 14.77 -36.90 3.73
N MET F 98 13.84 -37.22 2.82
CA MET F 98 14.05 -38.22 1.74
C MET F 98 15.15 -37.77 0.78
N LEU F 99 15.19 -36.48 0.46
CA LEU F 99 16.34 -35.80 -0.19
C LEU F 99 17.24 -35.42 0.98
N GLY F 100 18.42 -34.85 0.80
CA GLY F 100 19.33 -34.77 1.96
C GLY F 100 19.12 -33.52 2.82
N VAL F 101 17.91 -32.96 2.91
CA VAL F 101 17.70 -31.57 3.38
C VAL F 101 17.31 -31.58 4.85
N LYS F 102 18.03 -30.80 5.67
CA LYS F 102 17.92 -30.79 7.15
C LYS F 102 17.29 -29.47 7.62
N LYS F 103 17.62 -28.34 6.99
CA LYS F 103 17.23 -26.99 7.49
C LYS F 103 16.22 -26.34 6.54
N ILE F 104 15.07 -25.92 7.06
CA ILE F 104 14.04 -25.13 6.33
C ILE F 104 13.76 -23.83 7.10
N TYR F 105 13.85 -22.68 6.42
CA TYR F 105 13.36 -21.39 6.94
C TYR F 105 11.94 -21.16 6.42
N TRP F 106 10.98 -20.92 7.30
CA TRP F 106 9.59 -20.57 6.93
C TRP F 106 9.39 -19.06 7.13
N LEU F 107 9.17 -18.31 6.06
CA LEU F 107 8.87 -16.86 6.14
C LEU F 107 7.43 -16.64 6.63
N ASN F 108 6.51 -17.54 6.34
CA ASN F 108 5.12 -17.55 6.87
C ASN F 108 4.28 -16.44 6.24
N TYR F 109 4.59 -15.98 5.02
CA TYR F 109 3.64 -15.18 4.22
C TYR F 109 2.50 -16.13 3.81
N ARG F 110 1.27 -15.62 3.78
CA ARG F 110 0.09 -16.43 3.41
C ARG F 110 0.13 -16.71 1.91
N ASP F 111 -0.11 -17.98 1.54
CA ASP F 111 -0.33 -18.44 0.16
C ASP F 111 -1.27 -17.44 -0.52
N THR F 112 -0.90 -16.99 -1.72
CA THR F 112 -1.64 -16.09 -2.65
C THR F 112 -1.49 -14.63 -2.26
N GLU F 113 -0.76 -14.31 -1.18
CA GLU F 113 -0.63 -12.93 -0.63
C GLU F 113 0.84 -12.62 -0.32
N LEU F 114 1.77 -13.21 -1.08
CA LEU F 114 3.22 -12.91 -0.96
C LEU F 114 3.44 -11.53 -1.58
N PRO F 115 3.73 -10.49 -0.76
CA PRO F 115 3.97 -9.15 -1.28
C PRO F 115 5.27 -9.11 -2.12
N TYR F 116 5.30 -8.31 -3.17
CA TYR F 116 6.53 -7.88 -3.87
C TYR F 116 6.97 -6.55 -3.25
N SER F 117 7.65 -6.60 -2.09
CA SER F 117 7.93 -5.43 -1.23
C SER F 117 9.36 -5.48 -0.73
N ARG F 118 9.87 -4.32 -0.30
CA ARG F 118 11.18 -4.12 0.39
C ARG F 118 11.24 -5.07 1.59
N GLU F 119 10.10 -5.30 2.24
CA GLU F 119 10.06 -6.07 3.50
C GLU F 119 10.50 -7.52 3.26
N VAL F 120 10.01 -8.13 2.19
CA VAL F 120 10.31 -9.57 1.89
C VAL F 120 11.75 -9.66 1.37
N ARG F 121 12.25 -8.63 0.69
CA ARG F 121 13.66 -8.56 0.27
C ARG F 121 14.56 -8.64 1.51
N LYS F 122 14.26 -7.84 2.53
CA LYS F 122 15.02 -7.78 3.82
C LYS F 122 15.03 -9.15 4.50
N ASP F 123 13.88 -9.82 4.59
CA ASP F 123 13.75 -11.18 5.17
C ASP F 123 14.73 -12.13 4.47
N LEU F 124 14.78 -12.13 3.14
CA LEU F 124 15.64 -13.03 2.33
C LEU F 124 17.12 -12.64 2.50
N VAL F 125 17.43 -11.36 2.40
CA VAL F 125 18.82 -10.83 2.62
C VAL F 125 19.33 -11.26 3.99
N LYS F 126 18.51 -11.16 5.03
CA LYS F 126 18.86 -11.56 6.42
C LYS F 126 19.36 -13.02 6.44
N ILE F 127 18.66 -13.90 5.73
CA ILE F 127 19.02 -15.35 5.65
C ILE F 127 20.29 -15.49 4.82
N ILE F 128 20.41 -14.78 3.70
CA ILE F 128 21.61 -14.91 2.81
C ILE F 128 22.86 -14.47 3.59
N ARG F 129 22.76 -13.38 4.35
CA ARG F 129 23.89 -12.82 5.13
C ARG F 129 24.27 -13.75 6.27
N LYS F 130 23.29 -14.43 6.89
CA LYS F 130 23.54 -15.35 8.02
C LYS F 130 24.19 -16.64 7.51
N GLU F 131 23.60 -17.27 6.49
CA GLU F 131 23.98 -18.61 5.99
C GLU F 131 25.15 -18.52 5.01
N LYS F 132 25.44 -17.34 4.46
CA LYS F 132 26.61 -17.11 3.55
C LYS F 132 26.69 -18.22 2.50
N PRO F 133 25.59 -18.53 1.78
CA PRO F 133 25.60 -19.63 0.81
C PRO F 133 26.41 -19.27 -0.44
N ASP F 134 26.93 -20.28 -1.12
CA ASP F 134 27.81 -20.12 -2.30
C ASP F 134 26.93 -19.97 -3.55
N GLY F 135 25.74 -20.58 -3.52
CA GLY F 135 24.78 -20.54 -4.64
C GLY F 135 23.35 -20.41 -4.17
N VAL F 136 22.45 -19.95 -5.05
CA VAL F 136 20.99 -19.84 -4.77
C VAL F 136 20.24 -20.36 -5.99
N PHE F 137 19.28 -21.24 -5.75
CA PHE F 137 18.31 -21.73 -6.76
C PHE F 137 16.96 -21.04 -6.47
N LEU F 138 16.29 -20.58 -7.53
CA LEU F 138 15.01 -19.83 -7.45
C LEU F 138 14.24 -20.02 -8.73
N PRO F 139 12.89 -19.94 -8.69
CA PRO F 139 12.07 -20.11 -9.89
C PRO F 139 12.27 -18.93 -10.84
N ASP F 140 12.40 -19.23 -12.14
CA ASP F 140 12.56 -18.27 -13.25
C ASP F 140 11.31 -17.41 -13.30
N PRO F 141 11.36 -16.11 -12.94
CA PRO F 141 10.17 -15.25 -12.97
C PRO F 141 9.66 -14.97 -14.39
N TRP F 142 10.46 -15.27 -15.42
CA TRP F 142 10.12 -15.03 -16.85
C TRP F 142 9.56 -16.31 -17.51
N LEU F 143 9.14 -17.29 -16.71
CA LEU F 143 8.49 -18.52 -17.24
C LEU F 143 7.24 -18.08 -17.97
N PRO F 144 7.13 -18.35 -19.29
CA PRO F 144 5.94 -18.00 -20.04
C PRO F 144 4.69 -18.67 -19.44
N TYR F 145 3.64 -17.85 -19.30
CA TYR F 145 2.25 -18.20 -18.91
C TYR F 145 2.19 -18.61 -17.44
N GLU F 146 3.18 -18.25 -16.62
CA GLU F 146 3.11 -18.45 -15.15
C GLU F 146 2.10 -17.46 -14.56
N ALA F 147 0.95 -17.98 -14.12
CA ALA F 147 -0.20 -17.19 -13.66
C ALA F 147 -0.17 -17.04 -12.14
N HIS F 148 0.65 -17.81 -11.43
CA HIS F 148 0.67 -17.75 -9.94
C HIS F 148 1.47 -16.54 -9.48
N PRO F 149 0.84 -15.56 -8.81
CA PRO F 149 1.55 -14.39 -8.32
C PRO F 149 2.71 -14.72 -7.37
N ASP F 150 2.56 -15.75 -6.52
CA ASP F 150 3.62 -16.16 -5.57
C ASP F 150 4.87 -16.62 -6.35
N HIS F 151 4.71 -17.27 -7.50
CA HIS F 151 5.84 -17.74 -8.34
C HIS F 151 6.56 -16.54 -8.95
N ARG F 152 5.82 -15.62 -9.56
CA ARG F 152 6.40 -14.40 -10.16
C ARG F 152 7.14 -13.63 -9.07
N ALA F 153 6.49 -13.35 -7.94
CA ALA F 153 7.08 -12.53 -6.86
C ALA F 153 8.35 -13.20 -6.30
N THR F 154 8.33 -14.50 -6.06
CA THR F 154 9.46 -15.25 -5.45
C THR F 154 10.71 -15.10 -6.33
N GLY F 155 10.58 -15.30 -7.65
CA GLY F 155 11.71 -15.21 -8.59
C GLY F 155 12.37 -13.84 -8.56
N PHE F 156 11.57 -12.79 -8.72
CA PHE F 156 12.03 -11.37 -8.71
C PHE F 156 12.64 -11.02 -7.36
N LEU F 157 11.96 -11.33 -6.26
CA LEU F 157 12.43 -11.06 -4.87
C LEU F 157 13.80 -11.73 -4.64
N ALA F 158 13.96 -12.98 -5.07
CA ALA F 158 15.17 -13.78 -4.84
C ALA F 158 16.35 -13.14 -5.58
N LEU F 159 16.14 -12.71 -6.81
CA LEU F 159 17.19 -12.04 -7.62
C LEU F 159 17.57 -10.71 -6.96
N ASP F 160 16.58 -9.98 -6.43
CA ASP F 160 16.83 -8.71 -5.72
C ASP F 160 17.67 -9.01 -4.47
N ALA F 161 17.28 -10.00 -3.69
CA ALA F 161 17.95 -10.36 -2.43
C ALA F 161 19.43 -10.65 -2.70
N VAL F 162 19.72 -11.46 -3.71
CA VAL F 162 21.10 -11.82 -4.14
C VAL F 162 21.86 -10.53 -4.49
N ALA F 163 21.27 -9.65 -5.29
CA ALA F 163 21.91 -8.42 -5.79
C ALA F 163 22.14 -7.41 -4.66
N PHE F 164 21.29 -7.38 -3.62
CA PHE F 164 21.30 -6.34 -2.55
C PHE F 164 22.00 -6.82 -1.27
N SER F 165 22.21 -8.13 -1.11
CA SER F 165 22.86 -8.71 0.08
C SER F 165 24.24 -8.12 0.28
N PRO F 166 25.06 -7.92 -0.79
CA PRO F 166 26.40 -7.33 -0.65
C PRO F 166 26.48 -5.82 -0.41
N LEU F 167 25.36 -5.10 -0.41
CA LEU F 167 25.34 -3.62 -0.28
C LEU F 167 25.17 -3.23 1.19
N PRO F 168 26.19 -2.64 1.85
CA PRO F 168 26.08 -2.31 3.28
C PRO F 168 24.98 -1.31 3.64
N ASN F 169 24.52 -0.50 2.68
CA ASN F 169 23.42 0.48 2.89
C ASN F 169 22.06 -0.19 2.80
N PHE F 170 21.98 -1.39 2.21
CA PHE F 170 20.71 -2.18 2.12
C PHE F 170 20.46 -2.91 3.44
N SER F 171 19.36 -2.56 4.11
CA SER F 171 18.91 -3.16 5.38
C SER F 171 20.07 -3.05 6.38
N ASN F 172 20.49 -1.81 6.66
CA ASN F 172 21.76 -1.54 7.39
C ASN F 172 21.66 -2.04 8.83
N ILE F 173 20.47 -2.19 9.40
CA ILE F 173 20.32 -2.69 10.80
C ILE F 173 20.87 -4.12 10.90
N ASP F 174 20.84 -4.90 9.81
CA ASP F 174 21.43 -6.28 9.72
C ASP F 174 22.91 -6.23 10.12
N LEU F 175 23.66 -5.25 9.61
CA LEU F 175 25.12 -5.09 9.90
C LEU F 175 25.32 -4.56 11.32
N ASP F 176 24.45 -3.65 11.78
CA ASP F 176 24.53 -3.01 13.12
C ASP F 176 24.38 -4.08 14.21
N ILE F 177 23.63 -5.16 13.98
CA ILE F 177 23.45 -6.27 14.96
C ILE F 177 24.44 -7.40 14.67
N GLY F 178 25.31 -7.26 13.66
CA GLY F 178 26.53 -8.07 13.53
C GLY F 178 26.51 -9.09 12.40
N LEU F 179 25.54 -9.04 11.49
CA LEU F 179 25.63 -9.76 10.19
C LEU F 179 26.54 -8.98 9.25
N LYS F 180 27.05 -9.64 8.20
CA LYS F 180 28.00 -9.03 7.23
C LYS F 180 27.37 -9.08 5.85
N PRO F 181 27.69 -8.14 4.95
CA PRO F 181 27.29 -8.26 3.55
C PRO F 181 27.83 -9.60 3.03
N HIS F 182 27.14 -10.26 2.11
CA HIS F 182 27.62 -11.50 1.46
C HIS F 182 27.33 -11.44 -0.04
N SER F 183 28.31 -11.84 -0.85
CA SER F 183 28.17 -12.03 -2.32
C SER F 183 27.99 -13.52 -2.61
N VAL F 184 26.95 -13.85 -3.34
CA VAL F 184 26.65 -15.23 -3.81
C VAL F 184 27.46 -15.45 -5.10
N SER F 185 28.14 -16.58 -5.24
CA SER F 185 28.92 -16.96 -6.46
C SER F 185 27.99 -17.39 -7.61
N PHE F 186 26.93 -18.10 -7.29
CA PHE F 186 26.13 -18.92 -8.25
C PHE F 186 24.64 -18.61 -8.14
N ILE F 187 23.98 -18.45 -9.29
CA ILE F 187 22.50 -18.31 -9.40
C ILE F 187 22.02 -19.35 -10.42
N GLY F 188 21.03 -20.16 -10.03
CA GLY F 188 20.36 -21.12 -10.92
C GLY F 188 18.88 -20.90 -10.89
N LEU F 189 18.27 -20.78 -12.08
CA LEU F 189 16.80 -20.69 -12.25
C LEU F 189 16.27 -22.09 -12.53
N TYR F 190 15.37 -22.63 -11.69
CA TYR F 190 14.57 -23.84 -12.02
C TYR F 190 13.18 -23.40 -12.48
N TYR F 191 12.35 -24.36 -12.87
CA TYR F 191 11.01 -24.10 -13.48
C TYR F 191 11.20 -23.14 -14.64
N THR F 192 12.14 -23.43 -15.54
CA THR F 192 12.53 -22.51 -16.64
C THR F 192 12.23 -23.15 -18.00
N SER F 193 11.95 -22.31 -19.00
CA SER F 193 11.64 -22.73 -20.39
C SER F 193 12.83 -22.44 -21.30
N ARG F 194 13.87 -21.81 -20.77
CA ARG F 194 15.12 -21.53 -21.54
C ARG F 194 16.28 -22.01 -20.67
N PRO F 195 16.36 -23.33 -20.40
CA PRO F 195 17.48 -23.91 -19.66
C PRO F 195 18.72 -24.06 -20.56
N ASN F 196 19.91 -23.93 -19.98
CA ASN F 196 21.20 -24.05 -20.71
C ASN F 196 22.13 -25.02 -19.95
N TYR F 197 21.59 -25.76 -18.98
CA TYR F 197 22.35 -26.74 -18.16
C TYR F 197 21.37 -27.81 -17.66
N PHE F 198 21.81 -29.08 -17.67
CA PHE F 198 20.91 -30.23 -17.41
C PHE F 198 21.54 -31.22 -16.43
N VAL F 199 20.71 -31.75 -15.55
CA VAL F 199 21.05 -32.84 -14.60
C VAL F 199 20.22 -34.07 -14.99
N ASP F 200 20.86 -35.19 -15.28
CA ASP F 200 20.19 -36.50 -15.52
C ASP F 200 19.57 -36.92 -14.17
N ILE F 201 18.25 -37.16 -14.15
CA ILE F 201 17.53 -37.63 -12.93
C ILE F 201 16.84 -38.97 -13.20
N THR F 202 17.19 -39.66 -14.30
CA THR F 202 16.60 -40.97 -14.70
C THR F 202 16.75 -41.97 -13.55
N ASP F 203 17.92 -42.01 -12.91
CA ASP F 203 18.26 -42.98 -11.84
C ASP F 203 17.51 -42.67 -10.53
N VAL F 204 17.15 -41.40 -10.29
CA VAL F 204 16.53 -40.96 -9.00
C VAL F 204 15.08 -40.53 -9.23
N MET F 205 14.53 -40.72 -10.42
CA MET F 205 13.16 -40.26 -10.78
C MET F 205 12.13 -40.89 -9.83
N ASP F 206 12.26 -42.18 -9.54
CA ASP F 206 11.30 -42.94 -8.70
C ASP F 206 11.34 -42.35 -7.27
N LEU F 207 12.53 -41.98 -6.75
CA LEU F 207 12.65 -41.34 -5.40
C LEU F 207 12.00 -39.95 -5.43
N LYS F 208 12.27 -39.15 -6.47
CA LYS F 208 11.66 -37.80 -6.66
C LYS F 208 10.13 -37.93 -6.54
N LEU F 209 9.50 -38.81 -7.32
CA LEU F 209 8.03 -39.04 -7.31
C LEU F 209 7.56 -39.46 -5.91
N LYS F 210 8.33 -40.25 -5.18
CA LYS F 210 7.94 -40.66 -3.81
C LYS F 210 7.94 -39.41 -2.90
N ALA F 211 8.96 -38.56 -3.05
CA ALA F 211 9.17 -37.34 -2.25
C ALA F 211 8.12 -36.27 -2.59
N ILE F 212 7.61 -36.25 -3.82
CA ILE F 212 6.48 -35.39 -4.24
C ILE F 212 5.20 -35.89 -3.57
N ARG F 213 5.04 -37.21 -3.57
CA ARG F 213 3.82 -37.94 -3.09
C ARG F 213 3.71 -37.78 -1.57
N ALA F 214 4.83 -37.50 -0.89
CA ALA F 214 4.91 -37.20 0.56
C ALA F 214 3.95 -36.04 0.90
N HIS F 215 3.72 -35.13 -0.05
CA HIS F 215 2.73 -34.03 0.04
C HIS F 215 1.33 -34.59 -0.22
N LYS F 216 0.80 -35.40 0.70
CA LYS F 216 -0.48 -36.16 0.54
C LYS F 216 -1.63 -35.18 0.25
N SER F 217 -1.71 -34.11 1.04
CA SER F 217 -2.74 -33.04 0.91
C SER F 217 -2.82 -32.56 -0.55
N GLN F 218 -1.69 -32.50 -1.26
CA GLN F 218 -1.61 -31.92 -2.62
C GLN F 218 -1.80 -33.01 -3.68
N PHE F 219 -1.52 -34.28 -3.38
CA PHE F 219 -1.54 -35.35 -4.41
C PHE F 219 -2.34 -36.55 -3.92
N PRO F 220 -3.68 -36.43 -3.74
CA PRO F 220 -4.52 -37.60 -3.56
C PRO F 220 -4.48 -38.44 -4.86
N ASP F 221 -5.00 -39.67 -4.80
CA ASP F 221 -4.94 -40.66 -5.91
C ASP F 221 -5.53 -40.07 -7.19
N ASP F 222 -6.66 -39.36 -7.11
CA ASP F 222 -7.39 -38.84 -8.31
C ASP F 222 -6.55 -37.72 -8.98
N ILE F 223 -5.96 -36.81 -8.21
CA ILE F 223 -5.08 -35.72 -8.73
C ILE F 223 -3.83 -36.37 -9.37
N TRP F 224 -3.25 -37.34 -8.68
CA TRP F 224 -2.01 -38.07 -9.10
C TRP F 224 -2.19 -38.72 -10.47
N GLU F 225 -3.42 -39.10 -10.85
CA GLU F 225 -3.73 -39.68 -12.19
C GLU F 225 -3.27 -38.72 -13.30
N THR F 226 -3.37 -37.41 -13.05
CA THR F 226 -2.97 -36.32 -13.99
C THR F 226 -1.49 -35.97 -13.81
N TRP F 227 -1.00 -35.92 -12.56
CA TRP F 227 0.30 -35.27 -12.23
C TRP F 227 1.48 -36.20 -12.48
N GLU F 228 1.37 -37.51 -12.27
CA GLU F 228 2.50 -38.44 -12.58
C GLU F 228 2.85 -38.29 -14.06
N PRO F 229 1.87 -38.40 -14.99
CA PRO F 229 2.13 -38.17 -16.41
C PRO F 229 2.67 -36.76 -16.74
N PHE F 230 2.12 -35.73 -16.10
CA PHE F 230 2.56 -34.31 -16.25
C PHE F 230 4.05 -34.24 -15.90
N LEU F 231 4.43 -34.67 -14.69
CA LEU F 231 5.82 -34.56 -14.14
C LEU F 231 6.79 -35.38 -15.00
N ARG F 232 6.33 -36.52 -15.54
CA ARG F 232 7.13 -37.37 -16.45
C ARG F 232 7.33 -36.63 -17.77
N THR F 233 6.28 -35.98 -18.26
CA THR F 233 6.29 -35.23 -19.55
C THR F 233 7.27 -34.05 -19.46
N VAL F 234 7.27 -33.34 -18.33
CA VAL F 234 8.22 -32.23 -18.05
C VAL F 234 9.64 -32.80 -18.08
N ALA F 235 9.87 -33.91 -17.38
CA ALA F 235 11.19 -34.55 -17.23
C ALA F 235 11.67 -35.04 -18.61
N LEU F 236 10.76 -35.44 -19.50
CA LEU F 236 11.09 -35.87 -20.89
C LEU F 236 11.48 -34.63 -21.72
N TYR F 237 10.79 -33.50 -21.51
CA TYR F 237 11.02 -32.22 -22.24
C TYR F 237 12.45 -31.74 -22.00
N TYR F 238 12.89 -31.71 -20.74
CA TYR F 238 14.30 -31.40 -20.35
C TYR F 238 15.21 -32.52 -20.87
N GLY F 239 14.73 -33.77 -20.79
CA GLY F 239 15.40 -34.97 -21.31
C GLY F 239 15.86 -34.82 -22.75
N GLN F 240 14.95 -34.48 -23.67
CA GLN F 240 15.26 -34.37 -25.12
C GLN F 240 16.49 -33.47 -25.29
N LYS F 241 16.49 -32.31 -24.62
CA LYS F 241 17.54 -31.26 -24.77
C LYS F 241 18.86 -31.74 -24.15
N ALA F 242 18.82 -32.66 -23.18
CA ALA F 242 20.03 -33.13 -22.46
C ALA F 242 20.59 -34.41 -23.08
N GLY F 243 19.83 -35.09 -23.94
CA GLY F 243 20.19 -36.41 -24.52
C GLY F 243 20.13 -37.53 -23.51
N VAL F 244 19.15 -37.51 -22.59
CA VAL F 244 18.79 -38.62 -21.65
C VAL F 244 17.27 -38.80 -21.67
N LYS F 245 16.74 -39.74 -20.89
CA LYS F 245 15.28 -39.99 -20.78
C LYS F 245 14.63 -38.86 -19.96
N TYR F 246 15.04 -38.72 -18.69
CA TYR F 246 14.45 -37.82 -17.66
C TYR F 246 15.54 -36.87 -17.14
N ALA F 247 15.28 -35.55 -17.16
CA ALA F 247 16.23 -34.51 -16.71
C ALA F 247 15.51 -33.37 -15.96
N GLU F 248 16.28 -32.54 -15.26
CA GLU F 248 15.86 -31.23 -14.72
C GLU F 248 16.68 -30.15 -15.40
N GLY F 249 16.00 -29.12 -15.93
CA GLY F 249 16.64 -28.00 -16.65
C GLY F 249 16.91 -26.82 -15.73
N PHE F 250 18.08 -26.21 -15.85
CA PHE F 250 18.45 -24.98 -15.11
C PHE F 250 18.92 -23.93 -16.09
N ARG F 251 18.63 -22.66 -15.82
CA ARG F 251 19.30 -21.53 -16.52
C ARG F 251 20.35 -20.94 -15.58
N ILE F 252 21.61 -20.99 -16.02
CA ILE F 252 22.77 -20.38 -15.32
C ILE F 252 23.35 -19.30 -16.23
N MET F 253 23.55 -18.11 -15.67
CA MET F 253 24.15 -16.92 -16.35
C MET F 253 25.09 -16.25 -15.35
N PRO F 254 26.10 -15.49 -15.83
CA PRO F 254 26.87 -14.62 -14.94
C PRO F 254 25.94 -13.54 -14.33
N GLY F 255 26.18 -13.18 -13.07
CA GLY F 255 25.42 -12.14 -12.33
C GLY F 255 25.20 -10.90 -13.18
N LEU F 256 26.20 -10.50 -13.95
CA LEU F 256 26.23 -9.27 -14.79
C LEU F 256 25.07 -9.28 -15.80
N PHE F 257 24.67 -10.46 -16.31
CA PHE F 257 23.72 -10.61 -17.44
C PHE F 257 22.26 -10.41 -16.99
N TYR F 258 22.04 -10.26 -15.68
CA TYR F 258 20.70 -10.00 -15.08
C TYR F 258 20.42 -8.50 -15.05
N HIS F 259 21.28 -7.69 -15.69
CA HIS F 259 21.20 -6.20 -15.70
C HIS F 259 21.73 -5.69 -17.05
N ILE F 260 20.89 -4.93 -17.77
CA ILE F 260 21.19 -4.10 -18.98
C ILE F 260 22.02 -4.86 -20.02
N THR F 261 21.78 -6.17 -20.18
CA THR F 261 22.52 -7.04 -21.11
C THR F 261 21.58 -7.44 -22.24
N PRO F 262 21.72 -6.80 -23.42
CA PRO F 262 20.82 -7.07 -24.55
C PRO F 262 21.02 -8.42 -25.26
N PHE F 263 22.11 -9.12 -24.97
CA PHE F 263 22.46 -10.44 -25.56
C PHE F 263 22.37 -11.53 -24.47
N ALA F 264 21.73 -11.22 -23.33
CA ALA F 264 21.57 -12.15 -22.18
C ALA F 264 20.98 -13.49 -22.65
N GLU F 265 20.04 -13.45 -23.59
CA GLU F 265 19.31 -14.63 -24.11
C GLU F 265 20.17 -15.42 -25.10
N LEU F 266 21.40 -15.01 -25.32
CA LEU F 266 22.29 -15.62 -26.34
C LEU F 266 23.24 -16.65 -25.68
N ILE F 267 23.01 -17.05 -24.42
CA ILE F 267 23.77 -18.17 -23.77
C ILE F 267 22.80 -19.28 -23.31
#